data_4M6V
#
_entry.id   4M6V
#
_cell.length_a   84.641
_cell.length_b   157.828
_cell.length_c   244.953
_cell.angle_alpha   90.00
_cell.angle_beta   90.00
_cell.angle_gamma   90.00
#
_symmetry.space_group_name_H-M   'P 21 21 21'
#
loop_
_entity.id
_entity.type
_entity.pdbx_description
1 polymer 'PYRUVATE CARBOXYLASE'
2 non-polymer 'ZINC ION'
3 non-polymer 'MAGNESIUM ION'
4 non-polymer 'CHLORIDE ION'
5 non-polymer 'PYRUVIC ACID'
6 non-polymer Biocytin
7 non-polymer GLYCEROL
8 water water
#
_entity_poly.entity_id   1
_entity_poly.type   'polypeptide(L)'
_entity_poly.pdbx_seq_one_letter_code
;MGSSHHHHHHHHDYDIPTSENLYFQGLLHQQVKRQDRATKLLTYLADVTVNGHPEAKDRPKPLENAARPVVPYANGNGVK
DGTKQLLDTLGPKKFGEWMRNEKRVLLTDTTMRDGHQSLLATRMRTYDIARIAGTYSHALPNLLSLECWGGATFDVSMRF
LTEDPWERLALIREGAPNLLLQMLLRGANGVGYTNYPDNVVKYFVRQAAKGGIDLFRVFDCLNWVENMRVSMDAIAEENK
LCEAAICYTGDILNSARPKYDLKYYTNLAVELEKAGAHIIAV(KCX)DMAGLLKPAAAKVLFKALREATGLPIHFHTHDT
SGIAAATVLAAVEAGVDAVDAAMDALSGNTSQPCLGSIVEALSGSERDPGLDPAWIRRISFYWEAVRNQYAAFESDLKGP
ASEVYLHEMPGGQFTNLKEQARSLGLETRWHQVAQAYADANQMFGDIVKVTPSSKVVGDMALMMVSQDLTVADVVSPDRE
VSFPESVVSMLKGDLGQPPSGWPEALQKKALKGEKPYTVRPGSLLKEADLDAERKVIEKKLEREVSDFEFASYLMYPKVF
TDFALASDTYGPVSVLPTPAYFYGLADGEELFADIEKGKTLVIVNQAVSATDSQGMVTVFFELNGQPRRIKVPDRA
;
_entity_poly.pdbx_strand_id   A,B,C,D
#
loop_
_chem_comp.id
_chem_comp.type
_chem_comp.name
_chem_comp.formula
BYT non-polymer Biocytin 'C16 H28 N4 O4 S'
CL non-polymer 'CHLORIDE ION' 'Cl -1'
GOL non-polymer GLYCEROL 'C3 H8 O3'
MG non-polymer 'MAGNESIUM ION' 'Mg 2'
PYR non-polymer 'PYRUVIC ACID' 'C3 H4 O3'
ZN non-polymer 'ZINC ION' 'Zn 2'
#
# COMPACT_ATOMS: atom_id res chain seq x y z
N ASP A 36 -20.58 10.05 -35.61
CA ASP A 36 -20.79 11.23 -34.69
C ASP A 36 -21.70 11.04 -33.45
N ARG A 37 -22.80 10.32 -33.57
CA ARG A 37 -23.49 9.89 -32.37
C ARG A 37 -22.57 8.81 -31.73
N ALA A 38 -21.89 8.06 -32.58
CA ALA A 38 -20.90 7.09 -32.15
C ALA A 38 -19.73 7.78 -31.44
N THR A 39 -19.28 8.89 -31.98
CA THR A 39 -18.18 9.61 -31.37
C THR A 39 -18.54 10.12 -30.01
N LYS A 40 -19.77 10.59 -29.88
CA LYS A 40 -20.19 11.18 -28.63
C LYS A 40 -20.38 10.08 -27.59
N LEU A 41 -20.87 8.92 -27.99
CA LEU A 41 -21.03 7.80 -27.08
C LEU A 41 -19.68 7.28 -26.61
N LEU A 42 -18.72 7.25 -27.51
CA LEU A 42 -17.36 6.89 -27.14
C LEU A 42 -16.81 7.90 -26.15
N THR A 43 -17.18 9.16 -26.32
CA THR A 43 -16.72 10.21 -25.42
C THR A 43 -17.29 9.96 -24.03
N TYR A 44 -18.55 9.53 -23.95
CA TYR A 44 -19.13 9.21 -22.65
C TYR A 44 -18.39 8.00 -22.05
N LEU A 45 -18.12 6.98 -22.88
CA LEU A 45 -17.61 5.72 -22.36
C LEU A 45 -16.20 5.93 -21.84
N ALA A 46 -15.43 6.76 -22.54
CA ALA A 46 -14.09 7.11 -22.12
C ALA A 46 -14.12 7.83 -20.80
N ASP A 47 -15.13 8.68 -20.63
CA ASP A 47 -15.19 9.61 -19.53
C ASP A 47 -15.57 8.84 -18.28
N VAL A 48 -16.56 7.97 -18.40
CA VAL A 48 -16.91 7.13 -17.25
C VAL A 48 -15.83 6.07 -16.98
N THR A 49 -15.22 5.53 -18.01
CA THR A 49 -14.12 4.60 -17.82
C THR A 49 -12.97 5.20 -17.01
N VAL A 50 -12.57 6.43 -17.34
CA VAL A 50 -11.45 7.08 -16.69
C VAL A 50 -11.83 7.65 -15.33
N ASN A 51 -13.04 8.24 -15.21
CA ASN A 51 -13.41 9.02 -14.00
C ASN A 51 -14.46 8.42 -13.11
N GLY A 52 -15.08 7.31 -13.51
CA GLY A 52 -16.26 6.80 -12.79
C GLY A 52 -17.47 7.71 -12.98
N HIS A 53 -18.58 7.29 -12.39
CA HIS A 53 -19.80 8.05 -12.45
C HIS A 53 -19.98 8.69 -11.09
N PRO A 54 -20.35 9.98 -11.05
CA PRO A 54 -20.45 10.64 -9.73
C PRO A 54 -21.40 9.94 -8.76
N GLU A 55 -22.48 9.39 -9.27
CA GLU A 55 -23.43 8.68 -8.43
C GLU A 55 -23.03 7.29 -7.97
N ALA A 56 -22.01 6.70 -8.55
CA ALA A 56 -21.77 5.31 -8.21
C ALA A 56 -20.36 5.05 -7.66
N LYS A 57 -19.43 5.96 -7.89
CA LYS A 57 -18.02 5.57 -7.80
C LYS A 57 -17.53 5.37 -6.35
N ASP A 58 -18.22 5.95 -5.38
CA ASP A 58 -17.82 5.80 -3.99
C ASP A 58 -18.82 4.94 -3.22
N ARG A 59 -19.64 4.18 -3.95
CA ARG A 59 -20.68 3.36 -3.36
C ARG A 59 -20.38 1.88 -3.59
N PRO A 60 -21.07 1.01 -2.88
CA PRO A 60 -20.86 -0.43 -3.10
C PRO A 60 -21.08 -0.81 -4.56
N LYS A 61 -20.37 -1.85 -5.01
CA LYS A 61 -20.29 -2.28 -6.39
C LYS A 61 -21.07 -3.57 -6.59
N PRO A 62 -21.60 -3.79 -7.79
CA PRO A 62 -22.22 -5.10 -8.00
C PRO A 62 -21.19 -6.22 -7.89
N LEU A 63 -21.65 -7.43 -7.56
CA LEU A 63 -20.79 -8.63 -7.59
C LEU A 63 -20.11 -8.79 -8.97
N GLU A 64 -18.86 -9.22 -8.97
CA GLU A 64 -18.16 -9.37 -10.21
C GLU A 64 -18.77 -10.44 -11.11
N ASN A 65 -19.21 -11.55 -10.52
CA ASN A 65 -19.66 -12.64 -11.34
C ASN A 65 -20.90 -12.30 -12.13
N ALA A 66 -21.92 -11.83 -11.43
CA ALA A 66 -23.02 -11.07 -11.98
C ALA A 66 -23.51 -11.56 -13.31
N ALA A 67 -24.58 -12.34 -13.33
CA ALA A 67 -25.22 -12.66 -14.58
C ALA A 67 -25.97 -11.45 -15.09
N ARG A 68 -25.86 -11.15 -16.37
CA ARG A 68 -26.63 -10.04 -16.94
C ARG A 68 -28.11 -10.39 -17.01
N PRO A 69 -28.99 -9.38 -16.96
CA PRO A 69 -30.40 -9.74 -17.06
C PRO A 69 -30.75 -10.24 -18.45
N VAL A 70 -31.49 -11.34 -18.51
CA VAL A 70 -31.93 -11.96 -19.74
C VAL A 70 -33.44 -11.76 -19.88
N VAL A 71 -33.85 -11.16 -20.99
CA VAL A 71 -35.26 -11.00 -21.33
C VAL A 71 -35.79 -12.41 -21.62
N PRO A 72 -36.85 -12.84 -20.93
CA PRO A 72 -37.44 -14.19 -21.14
C PRO A 72 -37.92 -14.43 -22.57
N TYR A 73 -37.71 -15.64 -23.07
CA TYR A 73 -38.18 -16.01 -24.42
C TYR A 73 -39.70 -16.18 -24.38
N ALA A 74 -40.39 -15.58 -25.35
CA ALA A 74 -41.85 -15.73 -25.47
C ALA A 74 -42.26 -17.13 -25.98
N ASN A 75 -43.39 -17.66 -25.51
CA ASN A 75 -44.00 -18.84 -26.18
C ASN A 75 -44.11 -18.60 -27.71
N GLY A 76 -44.88 -17.60 -28.14
CA GLY A 76 -44.86 -17.16 -29.54
C GLY A 76 -46.14 -16.62 -30.18
N ASN A 77 -47.27 -16.68 -29.49
CA ASN A 77 -48.51 -16.07 -30.00
C ASN A 77 -48.42 -14.54 -29.97
N GLY A 78 -49.25 -13.87 -30.77
CA GLY A 78 -49.37 -12.39 -30.71
C GLY A 78 -49.78 -11.83 -29.34
N VAL A 79 -50.13 -10.55 -29.31
CA VAL A 79 -50.54 -9.94 -28.05
C VAL A 79 -52.05 -9.82 -28.04
N LYS A 80 -52.68 -10.30 -26.96
CA LYS A 80 -54.13 -10.22 -26.80
C LYS A 80 -54.48 -8.76 -26.45
N ASP A 81 -55.57 -8.26 -27.03
CA ASP A 81 -56.10 -6.94 -26.74
C ASP A 81 -56.35 -6.89 -25.26
N GLY A 82 -56.13 -5.72 -24.66
CA GLY A 82 -56.34 -5.52 -23.23
C GLY A 82 -56.92 -4.14 -22.95
N THR A 83 -56.67 -3.64 -21.74
CA THR A 83 -57.27 -2.40 -21.24
C THR A 83 -57.04 -1.14 -22.10
N LYS A 84 -55.90 -1.05 -22.77
CA LYS A 84 -55.70 0.03 -23.75
C LYS A 84 -56.74 0.04 -24.89
N GLN A 85 -56.98 -1.10 -25.53
CA GLN A 85 -57.99 -1.13 -26.61
C GLN A 85 -59.39 -0.80 -26.06
N LEU A 86 -59.65 -1.28 -24.86
CA LEU A 86 -60.94 -1.13 -24.22
C LEU A 86 -61.18 0.33 -23.88
N LEU A 87 -60.17 1.02 -23.37
CA LEU A 87 -60.26 2.47 -23.15
C LEU A 87 -60.48 3.19 -24.47
N ASP A 88 -59.69 2.82 -25.47
CA ASP A 88 -59.83 3.47 -26.77
C ASP A 88 -61.24 3.37 -27.37
N THR A 89 -61.94 2.29 -27.06
CA THR A 89 -63.30 2.07 -27.55
C THR A 89 -64.35 2.78 -26.67
N LEU A 90 -64.20 2.67 -25.37
CA LEU A 90 -65.24 3.14 -24.44
C LEU A 90 -65.10 4.61 -24.04
N GLY A 91 -63.89 5.15 -24.06
CA GLY A 91 -63.65 6.44 -23.45
C GLY A 91 -63.57 6.26 -21.95
N PRO A 92 -63.05 7.28 -21.27
CA PRO A 92 -62.76 7.07 -19.85
C PRO A 92 -63.97 6.83 -18.91
N LYS A 93 -65.11 7.46 -19.20
CA LYS A 93 -66.25 7.38 -18.28
C LYS A 93 -66.74 5.94 -18.24
N LYS A 94 -67.00 5.39 -19.40
CA LYS A 94 -67.50 4.03 -19.52
C LYS A 94 -66.43 3.03 -19.16
N PHE A 95 -65.16 3.34 -19.41
CA PHE A 95 -64.10 2.41 -18.99
C PHE A 95 -64.09 2.25 -17.46
N GLY A 96 -64.30 3.33 -16.71
CA GLY A 96 -64.44 3.24 -15.26
C GLY A 96 -65.60 2.34 -14.88
N GLU A 97 -66.74 2.52 -15.57
CA GLU A 97 -67.91 1.68 -15.39
C GLU A 97 -67.55 0.21 -15.62
N TRP A 98 -66.85 -0.07 -16.70
CA TRP A 98 -66.34 -1.41 -16.95
C TRP A 98 -65.48 -1.95 -15.78
N MET A 99 -64.56 -1.14 -15.26
CA MET A 99 -63.78 -1.51 -14.06
C MET A 99 -64.64 -1.90 -12.88
N ARG A 100 -65.59 -1.03 -12.55
CA ARG A 100 -66.55 -1.23 -11.47
C ARG A 100 -67.28 -2.55 -11.56
N ASN A 101 -67.77 -2.85 -12.76
CA ASN A 101 -68.60 -4.03 -12.98
C ASN A 101 -67.79 -5.31 -13.06
N GLU A 102 -66.51 -5.19 -13.39
CA GLU A 102 -65.63 -6.34 -13.45
C GLU A 102 -65.58 -7.05 -12.07
N LYS A 103 -65.84 -8.35 -12.07
CA LYS A 103 -65.81 -9.16 -10.86
C LYS A 103 -64.36 -9.45 -10.40
N ARG A 104 -63.49 -9.82 -11.33
CA ARG A 104 -62.10 -10.05 -10.98
C ARG A 104 -61.47 -8.76 -10.42
N VAL A 105 -60.58 -8.88 -9.44
CA VAL A 105 -59.81 -7.72 -9.03
C VAL A 105 -58.79 -7.45 -10.11
N LEU A 106 -58.51 -6.16 -10.32
CA LEU A 106 -57.63 -5.68 -11.38
C LEU A 106 -56.33 -5.25 -10.77
N LEU A 107 -55.21 -5.56 -11.42
CA LEU A 107 -53.86 -5.28 -10.87
C LEU A 107 -53.11 -4.22 -11.62
N THR A 108 -52.46 -3.35 -10.86
CA THR A 108 -51.47 -2.46 -11.40
C THR A 108 -50.07 -2.84 -10.87
N ASP A 109 -49.12 -2.98 -11.80
CA ASP A 109 -47.72 -3.24 -11.48
C ASP A 109 -47.01 -1.90 -11.36
N THR A 110 -46.35 -1.71 -10.23
CA THR A 110 -45.67 -0.47 -9.95
C THR A 110 -44.14 -0.58 -10.05
N THR A 111 -43.65 -1.74 -10.45
CA THR A 111 -42.24 -2.02 -10.46
C THR A 111 -41.44 -0.95 -11.23
N MET A 112 -41.99 -0.44 -12.33
CA MET A 112 -41.30 0.50 -13.23
C MET A 112 -41.31 1.94 -12.71
N ARG A 113 -42.05 2.20 -11.62
CA ARG A 113 -42.00 3.53 -11.01
C ARG A 113 -41.80 3.46 -9.48
N ASP A 114 -42.85 3.19 -8.73
CA ASP A 114 -42.81 3.31 -7.25
C ASP A 114 -41.85 2.29 -6.67
N GLY A 115 -41.82 1.10 -7.25
CA GLY A 115 -40.91 0.08 -6.75
C GLY A 115 -39.46 0.52 -6.63
N HIS A 116 -38.90 1.07 -7.69
CA HIS A 116 -37.49 1.43 -7.63
C HIS A 116 -37.35 2.84 -7.02
N GLN A 117 -38.39 3.65 -7.07
CA GLN A 117 -38.38 4.91 -6.36
C GLN A 117 -38.27 4.63 -4.86
N SER A 118 -38.99 3.61 -4.38
CA SER A 118 -39.02 3.36 -2.97
C SER A 118 -37.78 2.60 -2.44
N LEU A 119 -37.06 1.86 -3.30
CA LEU A 119 -35.99 0.97 -2.86
C LEU A 119 -34.60 1.34 -3.41
N LEU A 120 -34.51 1.92 -4.62
CA LEU A 120 -33.24 2.25 -5.31
C LEU A 120 -33.07 3.72 -5.63
N ALA A 121 -33.67 4.60 -4.84
CA ALA A 121 -33.57 6.08 -5.09
C ALA A 121 -33.93 6.50 -6.50
N THR A 122 -34.84 5.76 -7.11
CA THR A 122 -35.35 6.08 -8.42
C THR A 122 -34.27 6.00 -9.50
N ARG A 123 -33.21 5.24 -9.26
CA ARG A 123 -32.10 5.23 -10.22
C ARG A 123 -32.25 4.21 -11.38
N MET A 124 -33.38 3.56 -11.48
CA MET A 124 -33.59 2.58 -12.51
C MET A 124 -33.60 3.23 -13.87
N ARG A 125 -32.84 2.63 -14.81
CA ARG A 125 -32.67 3.16 -16.15
C ARG A 125 -33.62 2.62 -17.20
N THR A 126 -33.88 3.46 -18.21
CA THR A 126 -34.71 3.15 -19.36
C THR A 126 -34.31 1.87 -20.02
N TYR A 127 -33.00 1.64 -20.17
CA TYR A 127 -32.51 0.41 -20.82
C TYR A 127 -33.17 -0.82 -20.19
N ASP A 128 -33.22 -0.85 -18.86
CA ASP A 128 -33.71 -2.01 -18.19
C ASP A 128 -35.25 -2.00 -18.16
N ILE A 129 -35.85 -0.82 -18.04
CA ILE A 129 -37.31 -0.73 -17.96
C ILE A 129 -37.95 -1.09 -19.29
N ALA A 130 -37.47 -0.46 -20.37
CA ALA A 130 -38.00 -0.66 -21.69
C ALA A 130 -37.81 -2.08 -22.22
N ARG A 131 -36.74 -2.75 -21.85
CA ARG A 131 -36.48 -4.11 -22.40
C ARG A 131 -37.50 -5.19 -22.03
N ILE A 132 -38.24 -4.96 -20.95
CA ILE A 132 -39.17 -5.94 -20.41
C ILE A 132 -40.63 -5.58 -20.75
N ALA A 133 -40.88 -4.42 -21.33
CA ALA A 133 -42.26 -4.08 -21.62
C ALA A 133 -43.01 -5.12 -22.45
N GLY A 134 -42.34 -5.62 -23.48
CA GLY A 134 -42.92 -6.54 -24.44
C GLY A 134 -43.31 -7.84 -23.76
N THR A 135 -42.46 -8.26 -22.82
CA THR A 135 -42.75 -9.40 -21.99
C THR A 135 -44.05 -9.22 -21.21
N TYR A 136 -44.19 -8.14 -20.48
CA TYR A 136 -45.45 -7.86 -19.79
C TYR A 136 -46.63 -7.94 -20.78
N SER A 137 -46.41 -7.37 -21.95
CA SER A 137 -47.41 -7.31 -22.98
C SER A 137 -47.88 -8.71 -23.44
N HIS A 138 -46.95 -9.61 -23.74
CA HIS A 138 -47.25 -10.96 -24.21
CA HIS A 138 -47.35 -10.93 -24.21
C HIS A 138 -47.75 -11.87 -23.06
N ALA A 139 -47.18 -11.73 -21.88
CA ALA A 139 -47.38 -12.71 -20.80
C ALA A 139 -48.46 -12.38 -19.78
N LEU A 140 -48.68 -11.08 -19.51
CA LEU A 140 -49.67 -10.66 -18.53
C LEU A 140 -50.66 -9.68 -19.16
N PRO A 141 -51.41 -10.12 -20.19
CA PRO A 141 -52.25 -9.19 -20.93
C PRO A 141 -53.49 -8.68 -20.20
N ASN A 142 -53.82 -9.32 -19.07
CA ASN A 142 -54.94 -8.93 -18.25
C ASN A 142 -54.64 -7.83 -17.18
N LEU A 143 -53.40 -7.32 -17.11
CA LEU A 143 -53.07 -6.25 -16.16
C LEU A 143 -53.86 -4.98 -16.43
N LEU A 144 -54.30 -4.28 -15.38
CA LEU A 144 -54.94 -2.97 -15.58
C LEU A 144 -53.95 -1.97 -16.19
N SER A 145 -52.77 -1.88 -15.59
CA SER A 145 -51.81 -0.86 -16.02
C SER A 145 -50.43 -1.13 -15.49
N LEU A 146 -49.45 -0.54 -16.16
CA LEU A 146 -48.10 -0.41 -15.66
C LEU A 146 -47.95 0.99 -15.11
N GLU A 147 -47.72 1.16 -13.80
CA GLU A 147 -47.33 2.47 -13.28
C GLU A 147 -45.87 2.61 -13.67
N CYS A 148 -45.56 3.57 -14.53
CA CYS A 148 -44.23 3.69 -15.12
C CYS A 148 -43.74 5.11 -15.32
N TRP A 149 -44.42 6.11 -14.77
CA TRP A 149 -44.03 7.49 -15.06
C TRP A 149 -44.49 8.44 -13.97
N GLY A 150 -43.97 9.65 -13.99
CA GLY A 150 -44.23 10.58 -12.92
C GLY A 150 -43.50 10.20 -11.66
N GLY A 151 -44.01 10.67 -10.54
CA GLY A 151 -43.26 10.69 -9.28
C GLY A 151 -41.88 11.26 -9.51
N ALA A 152 -40.88 10.65 -8.89
CA ALA A 152 -39.52 11.19 -8.98
C ALA A 152 -38.79 10.84 -10.26
N THR A 153 -39.36 9.97 -11.12
CA THR A 153 -38.67 9.53 -12.34
C THR A 153 -38.35 10.64 -13.32
N PHE A 154 -39.16 11.68 -13.34
CA PHE A 154 -39.10 12.67 -14.42
C PHE A 154 -37.80 13.51 -14.33
N ASP A 155 -37.61 14.05 -13.16
CA ASP A 155 -36.44 14.73 -12.61
C ASP A 155 -35.15 13.84 -12.58
N VAL A 156 -35.27 12.69 -11.93
CA VAL A 156 -34.12 11.84 -11.67
C VAL A 156 -33.54 11.29 -12.97
N SER A 157 -34.41 10.89 -13.90
CA SER A 157 -33.92 10.44 -15.20
C SER A 157 -32.99 11.47 -15.85
N MET A 158 -33.36 12.74 -15.88
CA MET A 158 -32.52 13.74 -16.54
C MET A 158 -31.31 14.08 -15.69
N ARG A 159 -31.52 14.26 -14.40
CA ARG A 159 -30.46 14.83 -13.56
C ARG A 159 -29.38 13.81 -13.17
N PHE A 160 -29.80 12.59 -12.87
CA PHE A 160 -28.91 11.59 -12.31
C PHE A 160 -28.59 10.49 -13.31
N LEU A 161 -29.42 10.33 -14.34
CA LEU A 161 -29.19 9.24 -15.28
C LEU A 161 -28.86 9.66 -16.73
N THR A 162 -28.76 10.95 -16.98
CA THR A 162 -28.45 11.43 -18.30
C THR A 162 -29.43 10.94 -19.38
N GLU A 163 -30.73 10.88 -19.08
CA GLU A 163 -31.71 10.40 -20.06
C GLU A 163 -33.06 11.04 -19.93
N ASP A 164 -33.83 10.94 -21.01
CA ASP A 164 -35.04 11.71 -21.24
C ASP A 164 -36.26 10.90 -20.83
N PRO A 165 -37.09 11.46 -19.95
CA PRO A 165 -38.22 10.70 -19.51
C PRO A 165 -39.28 10.47 -20.62
N TRP A 166 -39.30 11.32 -21.65
CA TRP A 166 -40.25 11.15 -22.78
C TRP A 166 -39.90 9.95 -23.68
N GLU A 167 -38.61 9.71 -23.86
CA GLU A 167 -38.12 8.56 -24.62
C GLU A 167 -38.47 7.28 -23.89
N ARG A 168 -38.29 7.29 -22.57
CA ARG A 168 -38.59 6.14 -21.76
C ARG A 168 -40.07 5.80 -21.95
N LEU A 169 -40.93 6.80 -21.83
CA LEU A 169 -42.35 6.58 -21.96
C LEU A 169 -42.68 6.05 -23.38
N ALA A 170 -42.15 6.70 -24.41
CA ALA A 170 -42.33 6.21 -25.78
C ALA A 170 -41.87 4.75 -25.99
N LEU A 171 -40.74 4.38 -25.40
CA LEU A 171 -40.24 3.01 -25.54
C LEU A 171 -41.17 2.04 -24.79
N ILE A 172 -41.71 2.43 -23.65
CA ILE A 172 -42.68 1.58 -22.96
C ILE A 172 -43.97 1.46 -23.78
N ARG A 173 -44.40 2.57 -24.37
CA ARG A 173 -45.62 2.61 -25.19
C ARG A 173 -45.51 1.71 -26.41
N GLU A 174 -44.34 1.70 -27.02
CA GLU A 174 -44.10 0.84 -28.18
C GLU A 174 -44.12 -0.64 -27.75
N GLY A 175 -43.51 -0.95 -26.62
CA GLY A 175 -43.46 -2.34 -26.15
C GLY A 175 -44.77 -2.94 -25.63
N ALA A 176 -45.65 -2.13 -25.03
CA ALA A 176 -46.89 -2.67 -24.45
C ALA A 176 -48.09 -1.95 -25.00
N PRO A 177 -48.42 -2.20 -26.28
CA PRO A 177 -49.54 -1.48 -26.89
C PRO A 177 -50.92 -1.92 -26.41
N ASN A 178 -51.00 -2.99 -25.62
CA ASN A 178 -52.29 -3.50 -25.11
C ASN A 178 -52.63 -3.14 -23.68
N LEU A 179 -51.72 -2.45 -23.00
CA LEU A 179 -51.86 -2.12 -21.57
C LEU A 179 -51.87 -0.63 -21.33
N LEU A 180 -52.64 -0.20 -20.30
CA LEU A 180 -52.68 1.20 -19.94
C LEU A 180 -51.35 1.59 -19.31
N LEU A 181 -50.81 2.73 -19.71
CA LEU A 181 -49.64 3.27 -19.05
C LEU A 181 -50.09 4.31 -18.03
N GLN A 182 -49.66 4.13 -16.79
CA GLN A 182 -50.14 4.95 -15.70
C GLN A 182 -49.04 5.84 -15.13
N MET A 183 -49.36 7.10 -14.83
CA MET A 183 -48.40 8.02 -14.19
C MET A 183 -48.94 8.51 -12.85
N LEU A 184 -48.04 8.95 -11.98
CA LEU A 184 -48.43 9.71 -10.78
C LEU A 184 -48.24 11.19 -11.07
N LEU A 185 -49.31 11.95 -10.95
CA LEU A 185 -49.30 13.37 -11.19
C LEU A 185 -49.66 14.11 -9.91
N ARG A 186 -48.90 15.14 -9.59
CA ARG A 186 -48.95 15.76 -8.30
C ARG A 186 -49.96 16.83 -8.08
N GLY A 187 -50.77 17.14 -9.07
CA GLY A 187 -51.92 17.98 -8.80
C GLY A 187 -51.70 19.39 -9.20
N ALA A 188 -51.09 20.15 -8.34
CA ALA A 188 -50.76 21.50 -8.64
C ALA A 188 -49.28 21.62 -8.88
N ASN A 189 -48.59 20.53 -8.72
CA ASN A 189 -47.16 20.51 -8.86
C ASN A 189 -46.68 19.76 -10.07
N GLY A 190 -47.55 19.52 -11.03
CA GLY A 190 -47.39 18.44 -11.98
C GLY A 190 -46.31 17.39 -11.75
N VAL A 191 -45.11 17.57 -12.27
CA VAL A 191 -44.04 16.65 -11.97
C VAL A 191 -42.95 17.34 -11.20
N GLY A 192 -43.18 18.60 -10.94
CA GLY A 192 -42.32 19.44 -10.08
C GLY A 192 -42.58 19.28 -8.59
N TYR A 193 -41.89 20.07 -7.77
CA TYR A 193 -42.11 20.12 -6.28
C TYR A 193 -42.68 21.52 -5.85
N THR A 194 -42.68 22.46 -6.82
CA THR A 194 -43.25 23.82 -6.66
C THR A 194 -44.54 24.10 -7.50
N ASN A 195 -45.33 25.09 -7.07
CA ASN A 195 -46.53 25.54 -7.84
C ASN A 195 -46.25 26.07 -9.22
N TYR A 196 -47.14 25.75 -10.16
CA TYR A 196 -47.03 26.37 -11.48
C TYR A 196 -48.33 27.03 -11.89
N PRO A 197 -48.24 28.05 -12.74
CA PRO A 197 -49.47 28.62 -13.27
C PRO A 197 -50.35 27.54 -13.92
N ASP A 198 -51.65 27.79 -13.98
CA ASP A 198 -52.60 26.82 -14.50
C ASP A 198 -52.26 26.39 -15.93
N ASN A 199 -51.80 27.32 -16.75
CA ASN A 199 -51.63 27.08 -18.16
C ASN A 199 -50.45 26.14 -18.41
N VAL A 200 -49.51 26.13 -17.45
CA VAL A 200 -48.36 25.24 -17.47
C VAL A 200 -48.80 23.85 -17.06
N VAL A 201 -49.58 23.79 -15.99
CA VAL A 201 -50.16 22.54 -15.61
C VAL A 201 -50.94 21.96 -16.80
N LYS A 202 -51.74 22.79 -17.45
CA LYS A 202 -52.56 22.37 -18.59
C LYS A 202 -51.64 21.90 -19.72
N TYR A 203 -50.58 22.64 -19.98
CA TYR A 203 -49.67 22.25 -21.01
C TYR A 203 -48.94 20.92 -20.75
N PHE A 204 -48.54 20.67 -19.52
CA PHE A 204 -47.82 19.46 -19.24
C PHE A 204 -48.75 18.25 -19.43
N VAL A 205 -49.95 18.34 -18.86
CA VAL A 205 -50.90 17.23 -18.97
C VAL A 205 -51.23 16.92 -20.42
N ARG A 206 -51.34 17.96 -21.25
CA ARG A 206 -51.52 17.76 -22.67
C ARG A 206 -50.35 16.97 -23.31
N GLN A 207 -49.11 17.34 -23.00
CA GLN A 207 -47.95 16.60 -23.54
C GLN A 207 -47.90 15.15 -23.06
N ALA A 208 -48.15 14.95 -21.77
CA ALA A 208 -48.24 13.61 -21.18
C ALA A 208 -49.25 12.65 -21.86
N ALA A 209 -50.44 13.15 -22.12
CA ALA A 209 -51.42 12.44 -22.94
C ALA A 209 -50.83 12.08 -24.31
N LYS A 210 -50.31 13.08 -25.02
CA LYS A 210 -49.66 12.85 -26.32
C LYS A 210 -48.53 11.81 -26.23
N GLY A 211 -47.73 11.89 -25.17
CA GLY A 211 -46.56 11.02 -25.04
C GLY A 211 -46.88 9.57 -24.76
N GLY A 212 -48.09 9.26 -24.32
CA GLY A 212 -48.52 7.87 -24.14
C GLY A 212 -49.17 7.51 -22.79
N ILE A 213 -49.36 8.49 -21.91
CA ILE A 213 -50.07 8.25 -20.67
C ILE A 213 -51.56 8.17 -20.93
N ASP A 214 -52.15 7.07 -20.43
CA ASP A 214 -53.59 6.79 -20.48
C ASP A 214 -54.27 7.03 -19.13
N LEU A 215 -53.58 6.75 -18.03
CA LEU A 215 -54.20 6.77 -16.72
C LEU A 215 -53.39 7.64 -15.77
N PHE A 216 -53.99 8.75 -15.36
CA PHE A 216 -53.38 9.70 -14.48
C PHE A 216 -53.92 9.57 -13.04
N ARG A 217 -53.08 9.12 -12.12
CA ARG A 217 -53.43 9.18 -10.70
C ARG A 217 -53.02 10.55 -10.19
N VAL A 218 -54.02 11.35 -9.86
CA VAL A 218 -53.79 12.72 -9.48
C VAL A 218 -54.17 12.95 -8.01
N PHE A 219 -53.26 13.58 -7.27
CA PHE A 219 -53.44 13.76 -5.85
C PHE A 219 -53.03 15.14 -5.41
N ASP A 220 -53.57 15.60 -4.29
CA ASP A 220 -53.15 16.85 -3.68
C ASP A 220 -52.62 16.52 -2.30
N CYS A 221 -51.51 17.14 -1.95
CA CYS A 221 -50.85 16.81 -0.68
C CYS A 221 -51.63 17.14 0.57
N LEU A 222 -52.66 18.00 0.48
CA LEU A 222 -53.54 18.25 1.62
C LEU A 222 -54.96 17.76 1.37
N ASN A 223 -55.15 16.88 0.38
CA ASN A 223 -56.48 16.44 0.01
C ASN A 223 -57.44 17.62 -0.24
N TRP A 224 -56.96 18.69 -0.83
CA TRP A 224 -57.81 19.85 -1.10
C TRP A 224 -58.33 19.80 -2.52
N VAL A 225 -59.64 19.63 -2.67
CA VAL A 225 -60.27 19.37 -3.93
C VAL A 225 -60.23 20.58 -4.84
N GLU A 226 -60.52 21.76 -4.30
CA GLU A 226 -60.31 23.01 -5.01
C GLU A 226 -58.94 23.05 -5.73
N ASN A 227 -57.90 22.54 -5.10
CA ASN A 227 -56.55 22.54 -5.70
C ASN A 227 -56.30 21.40 -6.73
N MET A 228 -57.28 20.52 -6.93
CA MET A 228 -57.16 19.40 -7.91
C MET A 228 -57.90 19.65 -9.21
N ARG A 229 -58.82 20.62 -9.20
CA ARG A 229 -59.80 20.78 -10.28
C ARG A 229 -59.14 21.06 -11.65
N VAL A 230 -58.14 21.93 -11.67
CA VAL A 230 -57.50 22.28 -12.94
C VAL A 230 -56.83 21.05 -13.58
N SER A 231 -56.14 20.26 -12.80
CA SER A 231 -55.53 19.05 -13.36
C SER A 231 -56.59 18.04 -13.75
N MET A 232 -57.62 17.87 -12.91
CA MET A 232 -58.70 16.92 -13.20
C MET A 232 -59.39 17.27 -14.52
N ASP A 233 -59.64 18.55 -14.75
CA ASP A 233 -60.26 19.01 -15.99
C ASP A 233 -59.33 18.84 -17.20
N ALA A 234 -58.03 19.06 -17.01
CA ALA A 234 -57.10 18.93 -18.13
C ALA A 234 -57.03 17.48 -18.60
N ILE A 235 -56.97 16.54 -17.66
CA ILE A 235 -57.02 15.11 -17.99
C ILE A 235 -58.31 14.72 -18.74
N ALA A 236 -59.45 15.25 -18.32
CA ALA A 236 -60.72 14.98 -19.00
C ALA A 236 -60.75 15.64 -20.38
N GLU A 237 -60.12 16.79 -20.50
CA GLU A 237 -60.04 17.47 -21.80
C GLU A 237 -59.22 16.64 -22.80
N GLU A 238 -58.24 15.87 -22.32
CA GLU A 238 -57.46 15.01 -23.21
C GLU A 238 -58.17 13.66 -23.42
N ASN A 239 -59.35 13.50 -22.82
CA ASN A 239 -60.14 12.27 -22.96
C ASN A 239 -59.35 11.09 -22.40
N LYS A 240 -58.65 11.35 -21.29
CA LYS A 240 -57.88 10.32 -20.62
C LYS A 240 -58.45 10.00 -19.26
N LEU A 241 -57.96 8.92 -18.64
CA LEU A 241 -58.43 8.52 -17.32
C LEU A 241 -57.91 9.41 -16.20
N CYS A 242 -58.86 9.88 -15.42
CA CYS A 242 -58.63 10.76 -14.31
C CYS A 242 -58.96 9.96 -13.07
N GLU A 243 -57.90 9.41 -12.47
CA GLU A 243 -58.02 8.67 -11.24
C GLU A 243 -57.63 9.61 -10.13
N ALA A 244 -58.63 10.19 -9.49
CA ALA A 244 -58.47 11.19 -8.43
C ALA A 244 -58.27 10.48 -7.12
N ALA A 245 -57.20 10.86 -6.41
CA ALA A 245 -56.80 10.12 -5.23
C ALA A 245 -57.21 10.85 -3.97
N ILE A 246 -57.53 10.06 -2.96
CA ILE A 246 -57.60 10.51 -1.61
C ILE A 246 -56.42 9.87 -0.86
N CYS A 247 -55.57 10.71 -0.29
CA CYS A 247 -54.44 10.26 0.53
C CYS A 247 -54.93 9.85 1.91
N TYR A 248 -54.52 8.66 2.35
CA TYR A 248 -54.94 8.11 3.65
C TYR A 248 -53.92 8.47 4.70
N THR A 249 -54.40 8.86 5.86
CA THR A 249 -53.54 9.12 6.99
C THR A 249 -54.30 8.85 8.29
N GLY A 250 -53.58 8.75 9.39
CA GLY A 250 -54.23 8.46 10.67
C GLY A 250 -54.79 7.05 10.68
N ASP A 251 -55.96 6.91 11.32
CA ASP A 251 -56.60 5.62 11.59
C ASP A 251 -58.12 5.82 11.75
N ILE A 252 -58.91 5.37 10.78
CA ILE A 252 -60.37 5.57 10.87
C ILE A 252 -61.02 4.84 12.04
N LEU A 253 -60.37 3.81 12.57
CA LEU A 253 -60.97 3.01 13.64
C LEU A 253 -60.55 3.46 15.00
N ASN A 254 -59.80 4.55 15.05
CA ASN A 254 -59.36 5.11 16.32
C ASN A 254 -60.07 6.41 16.65
N SER A 255 -61.06 6.29 17.54
CA SER A 255 -61.95 7.40 17.90
C SER A 255 -61.27 8.48 18.77
N ALA A 256 -60.06 8.22 19.23
CA ALA A 256 -59.25 9.26 19.85
C ALA A 256 -58.55 10.15 18.81
N ARG A 257 -58.71 9.82 17.52
CA ARG A 257 -58.17 10.65 16.42
C ARG A 257 -59.22 10.94 15.32
N PRO A 258 -60.30 11.65 15.70
CA PRO A 258 -61.48 11.75 14.82
C PRO A 258 -61.35 12.61 13.58
N LYS A 259 -60.28 13.36 13.44
CA LYS A 259 -60.13 14.27 12.28
C LYS A 259 -60.16 13.53 10.94
N TYR A 260 -59.54 12.36 10.90
CA TYR A 260 -59.53 11.53 9.71
C TYR A 260 -60.34 10.29 9.99
N ASP A 261 -61.65 10.48 10.07
CA ASP A 261 -62.60 9.39 10.31
C ASP A 261 -63.20 8.94 8.98
N LEU A 262 -64.13 7.98 9.05
CA LEU A 262 -64.69 7.34 7.90
C LEU A 262 -65.39 8.34 6.98
N LYS A 263 -66.11 9.30 7.55
CA LYS A 263 -66.85 10.25 6.71
C LYS A 263 -65.91 11.26 6.01
N TYR A 264 -64.72 11.49 6.53
CA TYR A 264 -63.75 12.36 5.87
C TYR A 264 -63.48 11.82 4.45
N TYR A 265 -63.34 10.50 4.35
CA TYR A 265 -63.00 9.83 3.11
C TYR A 265 -64.21 9.72 2.19
N THR A 266 -65.34 9.26 2.72
CA THR A 266 -66.53 9.10 1.89
C THR A 266 -67.02 10.42 1.30
N ASN A 267 -66.98 11.50 2.07
CA ASN A 267 -67.32 12.83 1.59
C ASN A 267 -66.38 13.32 0.50
N LEU A 268 -65.06 13.12 0.68
CA LEU A 268 -64.11 13.47 -0.38
C LEU A 268 -64.37 12.70 -1.67
N ALA A 269 -64.71 11.41 -1.55
CA ALA A 269 -65.03 10.59 -2.72
C ALA A 269 -66.21 11.20 -3.44
N VAL A 270 -67.23 11.62 -2.69
CA VAL A 270 -68.39 12.31 -3.30
C VAL A 270 -67.98 13.59 -4.01
N GLU A 271 -67.15 14.44 -3.39
CA GLU A 271 -66.68 15.66 -4.06
C GLU A 271 -65.82 15.39 -5.29
N LEU A 272 -64.99 14.36 -5.25
CA LEU A 272 -64.14 14.07 -6.41
C LEU A 272 -64.99 13.58 -7.61
N GLU A 273 -66.03 12.80 -7.31
CA GLU A 273 -67.02 12.42 -8.32
C GLU A 273 -67.71 13.65 -8.95
N LYS A 274 -68.18 14.58 -8.11
CA LYS A 274 -68.80 15.81 -8.60
C LYS A 274 -67.79 16.58 -9.45
N ALA A 275 -66.50 16.52 -9.07
CA ALA A 275 -65.46 17.23 -9.80
C ALA A 275 -64.96 16.54 -11.08
N GLY A 276 -65.52 15.38 -11.46
CA GLY A 276 -65.21 14.73 -12.76
C GLY A 276 -64.36 13.45 -12.71
N ALA A 277 -63.97 12.97 -11.54
CA ALA A 277 -63.18 11.74 -11.53
C ALA A 277 -63.82 10.60 -12.36
N HIS A 278 -63.01 9.85 -13.09
CA HIS A 278 -63.48 8.62 -13.74
C HIS A 278 -63.24 7.44 -12.78
N ILE A 279 -62.25 7.59 -11.91
CA ILE A 279 -61.88 6.55 -10.94
C ILE A 279 -61.47 7.25 -9.65
N ILE A 280 -61.80 6.65 -8.49
CA ILE A 280 -61.33 7.15 -7.21
C ILE A 280 -60.21 6.25 -6.71
N ALA A 281 -59.09 6.84 -6.28
CA ALA A 281 -58.04 6.06 -5.65
C ALA A 281 -57.90 6.35 -4.16
N VAL A 282 -57.51 5.36 -3.39
CA VAL A 282 -57.03 5.58 -2.02
C VAL A 282 -55.52 5.42 -2.10
N KCX A 283 -54.80 6.51 -1.89
CA KCX A 283 -53.35 6.53 -1.96
CB KCX A 283 -52.90 7.76 -2.75
CG KCX A 283 -51.40 8.03 -2.66
CD KCX A 283 -50.90 9.11 -3.63
CE KCX A 283 -49.36 9.15 -3.55
NZ KCX A 283 -48.65 8.21 -4.40
C KCX A 283 -52.88 6.49 -0.55
O KCX A 283 -52.93 7.50 0.16
CX KCX A 283 -47.83 7.22 -3.95
OQ1 KCX A 283 -47.61 6.93 -2.77
OQ2 KCX A 283 -47.24 6.47 -4.88
N ASP A 284 -52.44 5.30 -0.12
CA ASP A 284 -51.96 5.05 1.25
C ASP A 284 -50.44 5.11 1.14
N MET A 285 -49.94 6.33 0.98
CA MET A 285 -48.54 6.58 0.73
C MET A 285 -47.56 6.13 1.81
N ALA A 286 -48.04 5.97 3.04
CA ALA A 286 -47.17 5.54 4.13
C ALA A 286 -47.48 4.15 4.60
N GLY A 287 -48.39 3.48 3.90
CA GLY A 287 -48.74 2.12 4.28
C GLY A 287 -49.36 2.07 5.67
N LEU A 288 -50.25 3.00 5.95
CA LEU A 288 -50.91 3.13 7.26
C LEU A 288 -52.22 2.39 7.40
N LEU A 289 -52.86 2.02 6.30
CA LEU A 289 -54.18 1.43 6.38
C LEU A 289 -54.06 -0.01 6.85
N LYS A 290 -54.87 -0.33 7.86
CA LYS A 290 -54.86 -1.65 8.48
C LYS A 290 -55.97 -2.51 7.94
N PRO A 291 -55.82 -3.81 8.03
CA PRO A 291 -56.78 -4.70 7.38
C PRO A 291 -58.23 -4.48 7.79
N ALA A 292 -58.52 -4.41 9.09
CA ALA A 292 -59.88 -4.15 9.57
C ALA A 292 -60.40 -2.82 9.07
N ALA A 293 -59.53 -1.80 8.98
CA ALA A 293 -59.96 -0.52 8.47
C ALA A 293 -60.29 -0.66 6.99
N ALA A 294 -59.55 -1.49 6.27
CA ALA A 294 -59.83 -1.63 4.82
C ALA A 294 -61.21 -2.17 4.56
N LYS A 295 -61.58 -3.19 5.34
CA LYS A 295 -62.92 -3.78 5.30
C LYS A 295 -64.02 -2.74 5.38
N VAL A 296 -63.90 -1.85 6.37
CA VAL A 296 -64.89 -0.80 6.59
C VAL A 296 -64.78 0.25 5.45
N LEU A 297 -63.57 0.68 5.12
CA LEU A 297 -63.39 1.80 4.17
C LEU A 297 -63.84 1.49 2.76
N PHE A 298 -63.48 0.32 2.26
CA PHE A 298 -63.84 0.03 0.88
C PHE A 298 -65.31 -0.33 0.72
N LYS A 299 -65.91 -0.91 1.75
CA LYS A 299 -67.35 -1.13 1.71
C LYS A 299 -68.03 0.23 1.64
N ALA A 300 -67.69 1.13 2.56
CA ALA A 300 -68.31 2.46 2.60
C ALA A 300 -68.08 3.33 1.34
N LEU A 301 -66.88 3.28 0.78
CA LEU A 301 -66.57 3.99 -0.45
C LEU A 301 -67.42 3.51 -1.63
N ARG A 302 -67.59 2.20 -1.77
CA ARG A 302 -68.38 1.65 -2.88
C ARG A 302 -69.91 1.81 -2.71
N GLU A 303 -70.34 2.20 -1.52
CA GLU A 303 -71.69 2.70 -1.27
C GLU A 303 -71.77 4.23 -1.42
N ALA A 304 -70.69 4.96 -1.18
CA ALA A 304 -70.79 6.42 -1.27
C ALA A 304 -70.71 6.94 -2.72
N THR A 305 -70.02 6.21 -3.60
CA THR A 305 -69.89 6.56 -5.02
C THR A 305 -70.03 5.30 -5.86
N GLY A 306 -70.57 5.45 -7.09
CA GLY A 306 -70.66 4.35 -8.04
C GLY A 306 -69.40 4.14 -8.90
N LEU A 307 -68.44 5.04 -8.79
CA LEU A 307 -67.16 4.93 -9.47
C LEU A 307 -66.32 3.77 -8.93
N PRO A 308 -65.44 3.23 -9.77
CA PRO A 308 -64.46 2.26 -9.30
C PRO A 308 -63.44 2.87 -8.37
N ILE A 309 -62.92 2.01 -7.48
CA ILE A 309 -61.93 2.37 -6.46
C ILE A 309 -60.65 1.63 -6.73
N HIS A 310 -59.53 2.33 -6.64
CA HIS A 310 -58.21 1.79 -6.89
C HIS A 310 -57.36 2.00 -5.62
N PHE A 311 -56.78 0.94 -5.05
CA PHE A 311 -55.99 1.00 -3.79
C PHE A 311 -54.49 0.85 -3.98
N HIS A 312 -53.75 1.87 -3.56
CA HIS A 312 -52.30 1.91 -3.59
C HIS A 312 -51.79 1.97 -2.14
N THR A 313 -50.83 1.12 -1.79
CA THR A 313 -50.24 1.18 -0.46
C THR A 313 -48.78 0.74 -0.51
N HIS A 314 -48.14 0.84 0.65
CA HIS A 314 -46.73 0.50 0.82
C HIS A 314 -46.58 -0.52 1.96
N ASP A 315 -45.49 -1.29 1.98
CA ASP A 315 -45.35 -2.48 2.87
C ASP A 315 -44.39 -2.22 4.02
N THR A 316 -44.19 -0.95 4.32
CA THR A 316 -43.29 -0.59 5.37
C THR A 316 -43.60 -1.30 6.70
N SER A 317 -44.89 -1.47 7.02
CA SER A 317 -45.33 -2.22 8.21
C SER A 317 -45.03 -3.72 8.18
N GLY A 318 -44.92 -4.28 6.99
CA GLY A 318 -44.82 -5.74 6.81
C GLY A 318 -46.15 -6.44 6.78
N ILE A 319 -47.25 -5.68 6.75
CA ILE A 319 -48.57 -6.29 6.71
C ILE A 319 -49.50 -5.76 5.62
N ALA A 320 -48.99 -4.91 4.75
CA ALA A 320 -49.82 -4.34 3.68
C ALA A 320 -50.51 -5.39 2.77
N ALA A 321 -49.90 -6.57 2.63
CA ALA A 321 -50.52 -7.60 1.80
C ALA A 321 -51.80 -8.03 2.47
N ALA A 322 -51.81 -8.05 3.80
CA ALA A 322 -53.06 -8.28 4.54
C ALA A 322 -54.09 -7.20 4.25
N THR A 323 -53.65 -5.94 4.22
CA THR A 323 -54.59 -4.88 3.94
C THR A 323 -55.15 -4.98 2.51
N VAL A 324 -54.29 -5.35 1.55
CA VAL A 324 -54.69 -5.48 0.16
C VAL A 324 -55.69 -6.63 0.04
N LEU A 325 -55.46 -7.77 0.69
CA LEU A 325 -56.45 -8.88 0.59
C LEU A 325 -57.77 -8.49 1.23
N ALA A 326 -57.74 -7.75 2.33
CA ALA A 326 -58.98 -7.29 2.93
C ALA A 326 -59.70 -6.32 1.98
N ALA A 327 -58.93 -5.48 1.29
CA ALA A 327 -59.54 -4.60 0.27
C ALA A 327 -60.27 -5.41 -0.80
N VAL A 328 -59.63 -6.46 -1.27
CA VAL A 328 -60.17 -7.29 -2.34
C VAL A 328 -61.44 -7.95 -1.83
N GLU A 329 -61.38 -8.48 -0.62
CA GLU A 329 -62.51 -9.16 -0.08
C GLU A 329 -63.69 -8.18 0.07
N ALA A 330 -63.40 -6.91 0.34
CA ALA A 330 -64.46 -5.92 0.51
C ALA A 330 -64.95 -5.30 -0.81
N GLY A 331 -64.43 -5.77 -1.93
CA GLY A 331 -64.94 -5.36 -3.23
C GLY A 331 -64.13 -4.33 -4.02
N VAL A 332 -62.93 -3.97 -3.57
CA VAL A 332 -62.20 -2.92 -4.25
C VAL A 332 -61.94 -3.38 -5.70
N ASP A 333 -61.91 -2.46 -6.64
CA ASP A 333 -61.93 -2.83 -8.06
C ASP A 333 -60.53 -3.12 -8.60
N ALA A 334 -59.56 -2.38 -8.08
CA ALA A 334 -58.18 -2.55 -8.51
C ALA A 334 -57.25 -2.30 -7.33
N VAL A 335 -56.08 -2.95 -7.36
CA VAL A 335 -55.04 -2.75 -6.37
C VAL A 335 -53.68 -2.69 -7.04
N ASP A 336 -52.74 -1.98 -6.40
CA ASP A 336 -51.34 -1.89 -6.89
C ASP A 336 -50.42 -2.92 -6.18
N ALA A 337 -49.41 -3.43 -6.89
CA ALA A 337 -48.38 -4.27 -6.29
C ALA A 337 -47.12 -4.23 -7.14
N ALA A 338 -46.01 -4.63 -6.55
CA ALA A 338 -44.73 -4.67 -7.20
C ALA A 338 -44.22 -6.08 -7.36
N MET A 339 -43.51 -6.32 -8.45
CA MET A 339 -42.90 -7.62 -8.67
C MET A 339 -42.06 -8.03 -7.46
N ASP A 340 -42.13 -9.31 -7.12
CA ASP A 340 -41.54 -9.83 -5.88
C ASP A 340 -40.17 -9.26 -5.63
N ALA A 341 -39.34 -9.20 -6.66
CA ALA A 341 -37.93 -8.85 -6.51
C ALA A 341 -37.69 -7.36 -6.19
N LEU A 342 -38.73 -6.53 -6.30
CA LEU A 342 -38.65 -5.13 -5.90
C LEU A 342 -39.85 -4.77 -5.00
N SER A 343 -40.22 -5.70 -4.13
CA SER A 343 -41.36 -5.51 -3.25
C SER A 343 -40.93 -5.62 -1.80
N GLY A 344 -41.87 -5.37 -0.89
CA GLY A 344 -41.58 -5.39 0.51
C GLY A 344 -41.04 -4.08 1.03
N ASN A 345 -40.93 -3.98 2.33
CA ASN A 345 -40.48 -2.79 3.03
C ASN A 345 -41.12 -1.56 2.47
N THR A 346 -40.33 -0.59 2.04
CA THR A 346 -40.88 0.69 1.64
C THR A 346 -41.52 0.62 0.28
N SER A 347 -41.43 -0.52 -0.39
CA SER A 347 -42.08 -0.64 -1.71
C SER A 347 -43.54 -1.10 -1.54
N GLN A 348 -44.19 -1.48 -2.61
CA GLN A 348 -45.47 -2.14 -2.55
C GLN A 348 -45.28 -3.57 -2.07
N PRO A 349 -46.34 -4.16 -1.57
CA PRO A 349 -46.28 -5.59 -1.21
C PRO A 349 -46.20 -6.51 -2.44
N CYS A 350 -45.96 -7.78 -2.19
CA CYS A 350 -45.50 -8.73 -3.22
C CYS A 350 -46.61 -9.17 -4.15
N LEU A 351 -46.45 -8.89 -5.44
CA LEU A 351 -47.44 -9.20 -6.45
C LEU A 351 -47.68 -10.69 -6.60
N GLY A 352 -46.59 -11.43 -6.75
CA GLY A 352 -46.68 -12.86 -6.92
C GLY A 352 -47.39 -13.53 -5.75
N SER A 353 -47.12 -13.11 -4.52
CA SER A 353 -47.74 -13.80 -3.37
C SER A 353 -49.20 -13.38 -3.18
N ILE A 354 -49.53 -12.11 -3.45
CA ILE A 354 -50.93 -11.66 -3.51
C ILE A 354 -51.75 -12.41 -4.55
N VAL A 355 -51.27 -12.43 -5.77
CA VAL A 355 -51.92 -13.17 -6.84
C VAL A 355 -52.14 -14.63 -6.44
N GLU A 356 -51.11 -15.25 -5.89
CA GLU A 356 -51.17 -16.61 -5.45
C GLU A 356 -52.24 -16.82 -4.35
N ALA A 357 -52.38 -15.85 -3.44
CA ALA A 357 -53.43 -15.92 -2.42
C ALA A 357 -54.84 -15.75 -3.01
N LEU A 358 -54.96 -15.18 -4.20
CA LEU A 358 -56.29 -15.03 -4.81
C LEU A 358 -56.60 -16.16 -5.78
N SER A 359 -55.63 -17.03 -5.98
CA SER A 359 -55.69 -18.11 -6.92
C SER A 359 -56.86 -19.05 -6.61
N GLY A 360 -57.79 -19.13 -7.56
CA GLY A 360 -58.97 -19.98 -7.45
C GLY A 360 -60.18 -19.30 -6.81
N SER A 361 -60.00 -18.16 -6.15
CA SER A 361 -61.11 -17.44 -5.49
C SER A 361 -62.05 -16.81 -6.50
N GLU A 362 -63.19 -16.30 -6.02
CA GLU A 362 -64.15 -15.62 -6.89
C GLU A 362 -63.53 -14.46 -7.68
N ARG A 363 -62.58 -13.76 -7.07
CA ARG A 363 -62.05 -12.55 -7.66
C ARG A 363 -60.65 -12.79 -8.21
N ASP A 364 -60.29 -14.07 -8.36
CA ASP A 364 -59.03 -14.43 -8.99
C ASP A 364 -58.77 -13.53 -10.21
N PRO A 365 -57.59 -12.88 -10.25
CA PRO A 365 -57.32 -11.90 -11.28
C PRO A 365 -56.85 -12.45 -12.61
N GLY A 366 -56.70 -13.76 -12.71
CA GLY A 366 -56.34 -14.40 -13.99
C GLY A 366 -54.97 -13.96 -14.50
N LEU A 367 -53.98 -14.04 -13.63
CA LEU A 367 -52.59 -13.71 -13.96
C LEU A 367 -51.69 -14.91 -13.72
N ASP A 368 -50.93 -15.31 -14.73
CA ASP A 368 -50.11 -16.52 -14.68
C ASP A 368 -48.91 -16.38 -13.72
N PRO A 369 -48.89 -17.14 -12.62
CA PRO A 369 -47.85 -16.97 -11.59
C PRO A 369 -46.48 -17.33 -12.09
N ALA A 370 -46.42 -18.30 -12.97
CA ALA A 370 -45.16 -18.71 -13.55
C ALA A 370 -44.50 -17.55 -14.31
N TRP A 371 -45.31 -16.74 -14.99
CA TRP A 371 -44.81 -15.63 -15.78
C TRP A 371 -44.47 -14.46 -14.84
N ILE A 372 -45.21 -14.34 -13.75
CA ILE A 372 -44.88 -13.34 -12.74
C ILE A 372 -43.49 -13.67 -12.17
N ARG A 373 -43.26 -14.95 -11.90
CA ARG A 373 -41.95 -15.36 -11.39
C ARG A 373 -40.83 -15.19 -12.42
N ARG A 374 -41.08 -15.51 -13.68
CA ARG A 374 -40.06 -15.30 -14.73
C ARG A 374 -39.72 -13.80 -14.85
N ILE A 375 -40.72 -12.92 -14.84
CA ILE A 375 -40.46 -11.49 -14.91
C ILE A 375 -39.77 -10.94 -13.66
N SER A 376 -40.18 -11.43 -12.47
CA SER A 376 -39.52 -11.06 -11.22
C SER A 376 -38.05 -11.49 -11.23
N PHE A 377 -37.75 -12.65 -11.79
CA PHE A 377 -36.35 -13.08 -11.97
C PHE A 377 -35.54 -12.11 -12.86
N TYR A 378 -36.13 -11.59 -13.93
CA TYR A 378 -35.47 -10.57 -14.73
C TYR A 378 -35.19 -9.34 -13.82
N TRP A 379 -36.21 -8.84 -13.11
CA TRP A 379 -36.01 -7.69 -12.21
C TRP A 379 -35.02 -7.97 -11.10
N GLU A 380 -34.95 -9.21 -10.64
CA GLU A 380 -33.92 -9.55 -9.63
C GLU A 380 -32.53 -9.29 -10.21
N ALA A 381 -32.30 -9.84 -11.40
CA ALA A 381 -31.03 -9.65 -12.09
C ALA A 381 -30.76 -8.14 -12.45
N VAL A 382 -31.81 -7.42 -12.85
CA VAL A 382 -31.68 -5.99 -13.12
C VAL A 382 -31.24 -5.29 -11.84
N ARG A 383 -31.95 -5.55 -10.76
CA ARG A 383 -31.70 -4.89 -9.49
C ARG A 383 -30.26 -5.10 -9.00
N ASN A 384 -29.71 -6.29 -9.15
CA ASN A 384 -28.31 -6.48 -8.73
C ASN A 384 -27.28 -5.51 -9.33
N GLN A 385 -27.55 -5.01 -10.53
CA GLN A 385 -26.65 -4.03 -11.17
C GLN A 385 -26.65 -2.68 -10.42
N TYR A 386 -27.69 -2.44 -9.61
CA TYR A 386 -27.91 -1.19 -8.88
C TYR A 386 -27.47 -1.30 -7.41
N ALA A 387 -26.46 -2.12 -7.13
CA ALA A 387 -26.01 -2.29 -5.72
C ALA A 387 -25.57 -0.96 -5.10
N ALA A 388 -25.09 -0.03 -5.93
CA ALA A 388 -24.71 1.29 -5.44
C ALA A 388 -25.79 2.01 -4.67
N PHE A 389 -27.06 1.80 -5.02
CA PHE A 389 -28.18 2.55 -4.43
C PHE A 389 -29.10 1.78 -3.47
N GLU A 390 -28.65 0.62 -3.01
CA GLU A 390 -29.38 -0.16 -2.01
C GLU A 390 -29.33 0.57 -0.68
N SER A 391 -30.45 0.62 0.05
CA SER A 391 -30.46 1.22 1.37
C SER A 391 -30.06 0.19 2.42
N ASP A 392 -29.97 0.66 3.67
CA ASP A 392 -29.60 -0.13 4.82
C ASP A 392 -30.84 -0.84 5.46
N LEU A 393 -31.99 -0.81 4.80
CA LEU A 393 -33.26 -1.19 5.41
C LEU A 393 -33.40 -2.72 5.52
N LYS A 394 -33.67 -3.23 6.72
CA LYS A 394 -33.57 -4.65 7.01
C LYS A 394 -34.91 -5.38 7.02
N GLY A 395 -35.99 -4.70 7.37
CA GLY A 395 -37.32 -5.29 7.27
C GLY A 395 -38.44 -4.42 7.79
N PRO A 396 -39.60 -5.03 8.06
CA PRO A 396 -40.81 -4.31 8.49
C PRO A 396 -40.56 -3.46 9.74
N ALA A 397 -41.33 -2.39 9.91
CA ALA A 397 -41.19 -1.56 11.09
C ALA A 397 -42.57 -1.05 11.51
N SER A 398 -43.06 -1.43 12.68
CA SER A 398 -44.34 -0.91 13.17
C SER A 398 -44.21 0.56 13.58
N GLU A 399 -42.98 1.04 13.67
CA GLU A 399 -42.68 2.46 13.89
C GLU A 399 -43.34 3.33 12.89
N VAL A 400 -43.67 2.77 11.73
CA VAL A 400 -44.35 3.55 10.70
C VAL A 400 -45.68 4.12 11.18
N TYR A 401 -46.35 3.45 12.10
CA TYR A 401 -47.66 3.92 12.61
C TYR A 401 -47.42 5.15 13.50
N LEU A 402 -46.20 5.32 13.98
CA LEU A 402 -45.79 6.52 14.72
C LEU A 402 -45.39 7.65 13.77
N HIS A 403 -44.41 7.44 12.91
CA HIS A 403 -43.92 8.55 12.12
C HIS A 403 -44.75 8.90 10.89
N GLU A 404 -45.39 7.92 10.25
CA GLU A 404 -46.17 8.21 9.04
C GLU A 404 -45.37 8.85 7.88
N MET A 405 -44.09 8.49 7.72
CA MET A 405 -43.29 8.90 6.54
C MET A 405 -43.74 8.06 5.36
N PRO A 406 -44.03 8.72 4.24
CA PRO A 406 -44.30 7.97 3.01
C PRO A 406 -43.19 7.02 2.64
N GLY A 407 -43.56 5.86 2.13
CA GLY A 407 -42.59 4.85 1.75
C GLY A 407 -41.57 5.45 0.78
N GLY A 408 -42.07 6.24 -0.19
CA GLY A 408 -41.19 6.92 -1.14
C GLY A 408 -40.26 7.98 -0.59
N GLN A 409 -40.45 8.45 0.64
CA GLN A 409 -39.62 9.54 1.20
C GLN A 409 -38.57 8.96 2.15
N PHE A 410 -38.87 7.77 2.67
CA PHE A 410 -38.21 7.23 3.89
C PHE A 410 -36.70 7.19 3.75
N THR A 411 -36.26 6.56 2.70
CA THR A 411 -34.85 6.31 2.48
C THR A 411 -34.16 7.67 2.10
N ASN A 412 -34.81 8.46 1.26
CA ASN A 412 -34.31 9.84 0.97
C ASN A 412 -34.16 10.66 2.28
N LEU A 413 -35.13 10.60 3.18
CA LEU A 413 -35.03 11.38 4.44
C LEU A 413 -33.96 10.86 5.38
N LYS A 414 -33.81 9.56 5.36
CA LYS A 414 -32.79 8.92 6.18
C LYS A 414 -31.40 9.38 5.71
N GLU A 415 -31.26 9.56 4.40
CA GLU A 415 -30.01 10.05 3.88
C GLU A 415 -29.77 11.54 4.15
N GLN A 416 -30.81 12.35 4.15
CA GLN A 416 -30.65 13.72 4.60
C GLN A 416 -30.23 13.73 6.05
N ALA A 417 -30.85 12.88 6.87
CA ALA A 417 -30.42 12.82 8.27
C ALA A 417 -28.96 12.46 8.39
N ARG A 418 -28.51 11.52 7.56
CA ARG A 418 -27.08 11.12 7.56
C ARG A 418 -26.18 12.29 7.16
N SER A 419 -26.56 12.97 6.09
CA SER A 419 -25.92 14.23 5.66
C SER A 419 -25.62 15.19 6.79
N LEU A 420 -26.57 15.34 7.70
CA LEU A 420 -26.47 16.31 8.78
C LEU A 420 -25.82 15.73 10.01
N GLY A 421 -25.23 14.54 9.90
CA GLY A 421 -24.62 13.93 11.09
C GLY A 421 -25.60 13.40 12.13
N LEU A 422 -26.83 13.07 11.71
CA LEU A 422 -27.85 12.58 12.64
C LEU A 422 -28.14 11.06 12.45
N GLU A 423 -27.25 10.36 11.78
CA GLU A 423 -27.37 8.93 11.51
C GLU A 423 -27.65 8.10 12.75
N THR A 424 -27.00 8.42 13.86
CA THR A 424 -27.19 7.67 15.09
C THR A 424 -28.42 8.10 15.86
N ARG A 425 -29.15 9.08 15.35
CA ARG A 425 -30.30 9.64 16.06
C ARG A 425 -31.55 9.53 15.19
N TRP A 426 -31.56 8.53 14.32
CA TRP A 426 -32.66 8.36 13.41
C TRP A 426 -34.01 8.24 14.12
N HIS A 427 -34.05 7.62 15.27
CA HIS A 427 -35.33 7.36 15.97
C HIS A 427 -35.87 8.66 16.58
N GLN A 428 -34.98 9.54 16.97
CA GLN A 428 -35.36 10.88 17.38
C GLN A 428 -35.89 11.68 16.21
N VAL A 429 -35.31 11.52 15.02
CA VAL A 429 -35.87 12.13 13.80
C VAL A 429 -37.29 11.66 13.53
N ALA A 430 -37.53 10.36 13.66
CA ALA A 430 -38.88 9.82 13.44
C ALA A 430 -39.85 10.33 14.50
N GLN A 431 -39.42 10.41 15.76
CA GLN A 431 -40.26 10.99 16.83
C GLN A 431 -40.53 12.46 16.55
N ALA A 432 -39.50 13.20 16.19
CA ALA A 432 -39.69 14.62 15.87
C ALA A 432 -40.61 14.84 14.66
N TYR A 433 -40.60 13.91 13.71
CA TYR A 433 -41.50 13.96 12.57
C TYR A 433 -42.95 13.81 13.02
N ALA A 434 -43.20 12.87 13.92
CA ALA A 434 -44.55 12.72 14.49
C ALA A 434 -44.97 13.96 15.28
N ASP A 435 -44.07 14.46 16.10
CA ASP A 435 -44.35 15.67 16.89
C ASP A 435 -44.62 16.89 16.01
N ALA A 436 -43.82 17.08 14.96
CA ALA A 436 -43.98 18.20 14.04
C ALA A 436 -45.29 18.10 13.30
N ASN A 437 -45.67 16.87 12.93
CA ASN A 437 -46.95 16.65 12.32
C ASN A 437 -48.06 17.16 13.20
N GLN A 438 -48.07 16.76 14.47
CA GLN A 438 -49.11 17.22 15.38
C GLN A 438 -49.01 18.73 15.50
N MET A 439 -47.81 19.29 15.57
CA MET A 439 -47.64 20.74 15.69
C MET A 439 -48.26 21.48 14.51
N PHE A 440 -48.21 20.92 13.31
CA PHE A 440 -48.80 21.59 12.15
C PHE A 440 -50.30 21.44 12.12
N GLY A 441 -50.86 20.75 13.12
CA GLY A 441 -52.32 20.57 13.23
C GLY A 441 -52.79 19.15 12.84
N ASP A 442 -51.84 18.24 12.56
CA ASP A 442 -52.10 16.84 12.10
C ASP A 442 -52.53 16.79 10.60
N ILE A 443 -51.57 16.63 9.72
CA ILE A 443 -51.80 16.86 8.30
C ILE A 443 -51.43 15.69 7.45
N VAL A 444 -51.98 15.70 6.24
CA VAL A 444 -51.65 14.78 5.21
C VAL A 444 -50.20 15.02 4.80
N LYS A 445 -49.36 14.00 4.94
CA LYS A 445 -47.93 14.08 4.60
C LYS A 445 -47.57 13.26 3.37
N VAL A 446 -47.34 13.96 2.27
CA VAL A 446 -47.03 13.36 0.97
C VAL A 446 -46.49 14.50 0.12
N THR A 447 -45.74 14.20 -0.94
CA THR A 447 -45.04 15.26 -1.67
C THR A 447 -46.01 16.38 -2.11
N PRO A 448 -45.69 17.65 -1.80
CA PRO A 448 -44.54 18.22 -1.08
C PRO A 448 -44.71 18.50 0.44
N SER A 449 -45.84 18.18 1.05
CA SER A 449 -46.00 18.54 2.46
C SER A 449 -45.08 17.69 3.33
N SER A 450 -44.86 16.44 2.94
CA SER A 450 -43.94 15.52 3.63
C SER A 450 -42.53 16.04 3.74
N LYS A 451 -42.05 16.67 2.70
CA LYS A 451 -40.72 17.29 2.77
C LYS A 451 -40.71 18.40 3.83
N VAL A 452 -41.80 19.16 3.97
CA VAL A 452 -41.88 20.25 4.95
C VAL A 452 -41.73 19.74 6.37
N VAL A 453 -42.42 18.64 6.66
CA VAL A 453 -42.40 18.05 7.98
C VAL A 453 -41.04 17.45 8.22
N GLY A 454 -40.47 16.86 7.17
CA GLY A 454 -39.09 16.36 7.22
C GLY A 454 -38.12 17.47 7.54
N ASP A 455 -38.22 18.63 6.88
CA ASP A 455 -37.29 19.67 7.16
C ASP A 455 -37.46 20.10 8.63
N MET A 456 -38.70 20.16 9.12
CA MET A 456 -38.97 20.59 10.49
CA MET A 456 -38.92 20.61 10.50
C MET A 456 -38.35 19.62 11.51
N ALA A 457 -38.54 18.33 11.28
CA ALA A 457 -38.01 17.29 12.15
C ALA A 457 -36.48 17.32 12.22
N LEU A 458 -35.85 17.45 11.07
CA LEU A 458 -34.37 17.57 11.01
C LEU A 458 -33.88 18.74 11.81
N MET A 459 -34.52 19.88 11.64
CA MET A 459 -34.09 21.03 12.42
C MET A 459 -34.34 20.83 13.95
N MET A 460 -35.44 20.19 14.32
CA MET A 460 -35.71 20.04 15.75
C MET A 460 -34.65 19.19 16.42
N VAL A 461 -34.20 18.18 15.70
CA VAL A 461 -33.18 17.31 16.22
C VAL A 461 -31.77 17.95 16.17
N SER A 462 -31.36 18.55 15.04
CA SER A 462 -30.06 19.27 14.98
C SER A 462 -29.96 20.24 16.11
N GLN A 463 -31.03 20.99 16.35
CA GLN A 463 -30.95 22.15 17.28
C GLN A 463 -31.53 21.83 18.63
N ASP A 464 -31.97 20.59 18.82
CA ASP A 464 -32.52 20.13 20.12
C ASP A 464 -33.71 20.93 20.59
N LEU A 465 -34.69 21.09 19.71
CA LEU A 465 -35.88 21.84 20.02
C LEU A 465 -37.02 20.88 20.15
N THR A 466 -37.72 20.96 21.28
CA THR A 466 -39.05 20.38 21.42
C THR A 466 -40.07 21.31 20.72
N VAL A 467 -41.27 20.80 20.55
CA VAL A 467 -42.33 21.62 20.01
C VAL A 467 -42.58 22.88 20.85
N ALA A 468 -42.59 22.74 22.19
CA ALA A 468 -42.75 23.92 23.04
C ALA A 468 -41.68 25.00 22.76
N ASP A 469 -40.42 24.58 22.63
CA ASP A 469 -39.31 25.45 22.17
C ASP A 469 -39.60 26.07 20.81
N VAL A 470 -40.08 25.28 19.88
CA VAL A 470 -40.33 25.76 18.53
C VAL A 470 -41.30 26.96 18.54
N VAL A 471 -42.33 26.90 19.42
CA VAL A 471 -43.36 27.95 19.49
C VAL A 471 -43.18 28.86 20.68
N SER A 472 -42.03 28.77 21.34
CA SER A 472 -41.74 29.57 22.52
C SER A 472 -41.67 31.06 22.14
N PRO A 473 -42.19 31.92 23.00
CA PRO A 473 -42.04 33.34 22.75
C PRO A 473 -40.65 33.82 23.03
N ASP A 474 -39.86 33.10 23.82
CA ASP A 474 -38.55 33.60 24.26
C ASP A 474 -37.41 33.01 23.42
N ARG A 475 -37.71 32.33 22.33
CA ARG A 475 -36.70 31.57 21.63
C ARG A 475 -36.70 31.86 20.14
N GLU A 476 -35.58 32.37 19.66
CA GLU A 476 -35.38 32.64 18.25
C GLU A 476 -35.34 31.34 17.47
N VAL A 477 -36.16 31.23 16.44
CA VAL A 477 -36.13 30.07 15.61
C VAL A 477 -36.14 30.53 14.16
N SER A 478 -35.13 30.14 13.38
CA SER A 478 -35.16 30.39 11.95
C SER A 478 -35.76 29.16 11.30
N PHE A 479 -37.03 29.27 10.95
CA PHE A 479 -37.75 28.13 10.40
C PHE A 479 -37.19 27.88 9.00
N PRO A 480 -37.22 26.62 8.55
CA PRO A 480 -36.82 26.32 7.16
C PRO A 480 -37.76 27.04 6.20
N GLU A 481 -37.22 27.47 5.06
CA GLU A 481 -37.98 28.09 3.96
C GLU A 481 -39.27 27.32 3.62
N SER A 482 -39.23 25.99 3.62
CA SER A 482 -40.38 25.20 3.20
C SER A 482 -41.53 25.29 4.23
N VAL A 483 -41.18 25.44 5.50
CA VAL A 483 -42.18 25.53 6.57
C VAL A 483 -42.84 26.90 6.50
N VAL A 484 -42.02 27.95 6.42
CA VAL A 484 -42.55 29.31 6.18
C VAL A 484 -43.49 29.34 4.97
N SER A 485 -43.05 28.76 3.88
CA SER A 485 -43.82 28.72 2.65
C SER A 485 -45.17 28.05 2.85
N MET A 486 -45.15 26.88 3.48
CA MET A 486 -46.37 26.11 3.73
C MET A 486 -47.33 26.90 4.62
N LEU A 487 -46.83 27.54 5.65
CA LEU A 487 -47.68 28.29 6.61
C LEU A 487 -48.18 29.59 6.00
N LYS A 488 -47.40 30.14 5.08
CA LYS A 488 -47.85 31.28 4.25
C LYS A 488 -49.06 30.91 3.39
N GLY A 489 -49.09 29.66 2.90
CA GLY A 489 -50.21 29.14 2.10
C GLY A 489 -49.85 28.55 0.72
N ASP A 490 -48.57 28.58 0.38
CA ASP A 490 -48.10 28.14 -0.95
C ASP A 490 -48.40 26.69 -1.31
N LEU A 491 -48.81 25.90 -0.32
CA LEU A 491 -49.14 24.50 -0.54
C LEU A 491 -50.62 24.29 -0.44
N GLY A 492 -51.38 25.34 -0.15
CA GLY A 492 -52.81 25.19 0.05
C GLY A 492 -53.21 25.12 1.51
N GLN A 493 -54.46 24.71 1.73
CA GLN A 493 -55.13 24.84 2.98
C GLN A 493 -55.60 23.49 3.48
N PRO A 494 -55.22 23.12 4.72
CA PRO A 494 -55.82 21.94 5.34
C PRO A 494 -57.20 22.30 5.83
N PRO A 495 -58.06 21.30 6.02
CA PRO A 495 -59.46 21.66 6.27
C PRO A 495 -59.71 22.43 7.61
N SER A 496 -58.78 22.43 8.56
CA SER A 496 -58.94 23.34 9.71
C SER A 496 -58.02 24.59 9.71
N GLY A 497 -57.41 24.92 8.58
CA GLY A 497 -56.43 26.00 8.52
C GLY A 497 -55.11 25.68 9.25
N TRP A 498 -54.20 26.63 9.26
CA TRP A 498 -52.90 26.47 9.90
C TRP A 498 -52.94 27.04 11.32
N PRO A 499 -52.22 26.42 12.28
CA PRO A 499 -52.31 26.94 13.65
C PRO A 499 -51.71 28.34 13.75
N GLU A 500 -52.46 29.20 14.41
CA GLU A 500 -52.30 30.59 14.30
C GLU A 500 -51.00 31.04 14.95
N ALA A 501 -50.71 30.55 16.15
CA ALA A 501 -49.56 31.04 16.87
C ALA A 501 -48.27 30.60 16.19
N LEU A 502 -48.17 29.33 15.80
CA LEU A 502 -47.01 28.86 15.06
C LEU A 502 -46.81 29.66 13.77
N GLN A 503 -47.89 29.81 13.00
CA GLN A 503 -47.90 30.59 11.75
C GLN A 503 -47.42 32.03 12.01
N LYS A 504 -47.95 32.71 13.00
CA LYS A 504 -47.53 34.08 13.31
C LYS A 504 -46.02 34.17 13.62
N LYS A 505 -45.52 33.24 14.40
CA LYS A 505 -44.10 33.24 14.71
C LYS A 505 -43.24 32.92 13.49
N ALA A 506 -43.61 31.91 12.71
CA ALA A 506 -42.83 31.52 11.53
C ALA A 506 -42.75 32.59 10.42
N LEU A 507 -43.83 33.34 10.19
CA LEU A 507 -43.91 34.28 9.06
C LEU A 507 -43.24 35.61 9.32
N LYS A 508 -43.05 35.97 10.59
CA LYS A 508 -42.33 37.18 10.94
C LYS A 508 -42.90 38.43 10.27
N GLY A 509 -44.20 38.67 10.44
CA GLY A 509 -44.86 39.83 9.84
C GLY A 509 -45.48 39.67 8.46
N GLU A 510 -45.07 38.67 7.67
CA GLU A 510 -45.70 38.47 6.36
C GLU A 510 -47.13 37.91 6.47
N LYS A 511 -48.03 38.49 5.68
CA LYS A 511 -49.45 38.11 5.67
C LYS A 511 -49.62 36.78 4.93
N PRO A 512 -50.25 35.79 5.58
CA PRO A 512 -50.57 34.54 4.90
C PRO A 512 -51.79 34.67 3.99
N TYR A 513 -51.99 33.71 3.10
CA TYR A 513 -53.23 33.69 2.32
C TYR A 513 -53.90 32.34 2.37
N THR A 514 -55.20 32.35 2.11
CA THR A 514 -56.00 31.16 2.04
C THR A 514 -56.63 30.86 0.67
N VAL A 515 -56.47 31.72 -0.32
CA VAL A 515 -56.84 31.31 -1.67
C VAL A 515 -55.92 30.19 -2.21
N ARG A 516 -56.43 29.50 -3.21
CA ARG A 516 -55.66 28.54 -4.00
C ARG A 516 -54.38 29.21 -4.56
N PRO A 517 -53.19 28.63 -4.32
CA PRO A 517 -51.95 29.31 -4.72
C PRO A 517 -51.84 29.65 -6.19
N GLY A 518 -52.36 28.77 -7.07
CA GLY A 518 -52.35 29.03 -8.52
C GLY A 518 -53.11 30.28 -8.90
N SER A 519 -54.11 30.65 -8.11
CA SER A 519 -54.89 31.84 -8.41
C SER A 519 -54.08 33.12 -8.32
N LEU A 520 -52.91 33.09 -7.68
CA LEU A 520 -52.07 34.28 -7.55
C LEU A 520 -50.90 34.32 -8.52
N LEU A 521 -50.75 33.29 -9.35
CA LEU A 521 -49.58 33.22 -10.22
C LEU A 521 -49.82 33.81 -11.58
N LYS A 522 -48.77 34.41 -12.11
CA LYS A 522 -48.87 35.05 -13.40
C LYS A 522 -48.93 33.96 -14.47
N GLU A 523 -49.77 34.18 -15.48
CA GLU A 523 -49.87 33.32 -16.64
C GLU A 523 -48.48 33.26 -17.31
N ALA A 524 -48.01 32.07 -17.62
CA ALA A 524 -46.72 31.96 -18.32
C ALA A 524 -46.89 32.41 -19.76
N ASP A 525 -46.04 33.33 -20.20
CA ASP A 525 -46.03 33.69 -21.59
C ASP A 525 -45.29 32.52 -22.32
N LEU A 526 -46.07 31.56 -22.79
CA LEU A 526 -45.56 30.32 -23.32
C LEU A 526 -44.70 30.52 -24.56
N ASP A 527 -45.17 31.36 -25.48
CA ASP A 527 -44.40 31.64 -26.70
C ASP A 527 -43.05 32.27 -26.41
N ALA A 528 -43.01 33.16 -25.44
CA ALA A 528 -41.78 33.86 -25.07
C ALA A 528 -40.78 32.92 -24.38
N GLU A 529 -41.27 32.18 -23.40
CA GLU A 529 -40.44 31.21 -22.70
C GLU A 529 -39.92 30.09 -23.60
N ARG A 530 -40.69 29.68 -24.61
CA ARG A 530 -40.17 28.78 -25.62
C ARG A 530 -39.01 29.40 -26.35
N LYS A 531 -39.12 30.68 -26.69
CA LYS A 531 -38.03 31.40 -27.35
C LYS A 531 -36.78 31.42 -26.47
N VAL A 532 -36.94 31.52 -25.15
CA VAL A 532 -35.78 31.56 -24.25
C VAL A 532 -34.93 30.26 -24.29
N ILE A 533 -35.56 29.12 -24.07
CA ILE A 533 -34.83 27.86 -24.04
C ILE A 533 -34.26 27.56 -25.43
N GLU A 534 -35.04 27.83 -26.47
CA GLU A 534 -34.56 27.68 -27.84
C GLU A 534 -33.30 28.51 -28.13
N LYS A 535 -33.21 29.70 -27.53
CA LYS A 535 -32.03 30.56 -27.70
C LYS A 535 -30.80 30.11 -26.89
N LYS A 536 -31.00 29.56 -25.68
CA LYS A 536 -29.85 29.15 -24.88
C LYS A 536 -29.26 27.86 -25.45
N LEU A 537 -30.07 27.07 -26.15
CA LEU A 537 -29.64 25.81 -26.75
C LEU A 537 -29.30 25.97 -28.25
N GLU A 538 -29.54 27.14 -28.83
CA GLU A 538 -29.26 27.40 -30.25
C GLU A 538 -29.91 26.37 -31.20
N ARG A 539 -31.15 26.00 -30.87
CA ARG A 539 -31.97 25.13 -31.71
C ARG A 539 -33.42 25.15 -31.24
N GLU A 540 -34.30 24.67 -32.11
CA GLU A 540 -35.69 24.39 -31.74
C GLU A 540 -35.80 23.17 -30.83
N VAL A 541 -36.78 23.18 -29.93
CA VAL A 541 -37.07 22.05 -29.05
C VAL A 541 -38.44 21.44 -29.37
N SER A 542 -38.64 20.16 -29.05
CA SER A 542 -39.99 19.58 -29.21
C SER A 542 -40.93 20.14 -28.11
N ASP A 543 -42.23 19.97 -28.28
CA ASP A 543 -43.17 20.34 -27.27
C ASP A 543 -42.92 19.57 -25.98
N PHE A 544 -42.42 18.36 -26.11
CA PHE A 544 -42.14 17.55 -24.94
C PHE A 544 -41.00 18.17 -24.14
N GLU A 545 -39.94 18.55 -24.86
CA GLU A 545 -38.80 19.21 -24.25
C GLU A 545 -39.19 20.51 -23.62
N PHE A 546 -40.11 21.23 -24.25
CA PHE A 546 -40.58 22.49 -23.67
C PHE A 546 -41.34 22.22 -22.38
N ALA A 547 -42.12 21.16 -22.36
CA ALA A 547 -42.83 20.78 -21.15
C ALA A 547 -41.87 20.43 -20.03
N SER A 548 -40.78 19.76 -20.38
CA SER A 548 -39.68 19.46 -19.45
C SER A 548 -39.04 20.74 -18.91
N TYR A 549 -38.75 21.69 -19.80
CA TYR A 549 -38.21 22.98 -19.42
C TYR A 549 -39.14 23.68 -18.43
N LEU A 550 -40.43 23.68 -18.75
CA LEU A 550 -41.42 24.33 -17.87
C LEU A 550 -41.41 23.75 -16.48
N MET A 551 -41.27 22.43 -16.39
CA MET A 551 -41.31 21.79 -15.09
C MET A 551 -39.97 21.92 -14.35
N TYR A 552 -38.88 21.83 -15.10
CA TYR A 552 -37.51 21.80 -14.54
C TYR A 552 -36.52 22.57 -15.42
N PRO A 553 -36.56 23.91 -15.39
CA PRO A 553 -35.78 24.69 -16.36
C PRO A 553 -34.29 24.41 -16.32
N LYS A 554 -33.73 24.32 -15.12
CA LYS A 554 -32.30 24.14 -14.95
C LYS A 554 -31.86 22.69 -15.21
N VAL A 555 -32.56 21.74 -14.59
CA VAL A 555 -32.27 20.33 -14.82
C VAL A 555 -32.40 20.00 -16.29
N PHE A 556 -33.45 20.48 -16.92
CA PHE A 556 -33.63 20.22 -18.36
C PHE A 556 -32.51 20.84 -19.18
N THR A 557 -32.23 22.11 -18.93
CA THR A 557 -31.19 22.83 -19.67
C THR A 557 -29.86 22.08 -19.54
N ASP A 558 -29.49 21.73 -18.31
CA ASP A 558 -28.29 20.94 -18.03
C ASP A 558 -28.30 19.60 -18.79
N PHE A 559 -29.46 18.93 -18.80
CA PHE A 559 -29.54 17.60 -19.41
C PHE A 559 -29.38 17.71 -20.90
N ALA A 560 -29.98 18.73 -21.50
CA ALA A 560 -29.85 18.98 -22.95
C ALA A 560 -28.44 19.31 -23.38
N LEU A 561 -27.72 20.08 -22.57
CA LEU A 561 -26.29 20.35 -22.87
C LEU A 561 -25.47 19.05 -22.72
N ALA A 562 -25.76 18.24 -21.69
CA ALA A 562 -25.09 16.93 -21.57
C ALA A 562 -25.33 16.00 -22.77
N SER A 563 -26.58 15.92 -23.22
CA SER A 563 -26.93 15.07 -24.38
C SER A 563 -26.18 15.47 -25.61
N ASP A 564 -26.02 16.77 -25.76
CA ASP A 564 -25.31 17.32 -26.90
C ASP A 564 -23.84 16.91 -26.85
N THR A 565 -23.25 16.82 -25.66
CA THR A 565 -21.86 16.39 -25.54
C THR A 565 -21.75 14.85 -25.70
N TYR A 566 -22.65 14.09 -25.05
CA TYR A 566 -22.44 12.65 -24.86
C TYR A 566 -23.28 11.71 -25.75
N GLY A 567 -24.25 12.28 -26.45
CA GLY A 567 -25.10 11.50 -27.33
C GLY A 567 -26.14 10.72 -26.51
N PRO A 568 -26.67 9.66 -27.11
CA PRO A 568 -27.82 8.91 -26.62
C PRO A 568 -27.44 7.82 -25.63
N VAL A 569 -26.88 8.24 -24.49
CA VAL A 569 -26.28 7.32 -23.54
C VAL A 569 -27.29 6.36 -22.92
N SER A 570 -28.59 6.67 -23.03
CA SER A 570 -29.62 5.74 -22.55
C SER A 570 -29.60 4.36 -23.25
N VAL A 571 -29.03 4.28 -24.46
CA VAL A 571 -28.92 3.00 -25.15
C VAL A 571 -27.85 2.08 -24.57
N LEU A 572 -26.96 2.59 -23.75
CA LEU A 572 -25.95 1.76 -23.07
C LEU A 572 -26.54 0.86 -21.99
N PRO A 573 -26.02 -0.38 -21.91
CA PRO A 573 -26.40 -1.23 -20.79
C PRO A 573 -25.93 -0.57 -19.51
N THR A 574 -26.60 -0.90 -18.41
CA THR A 574 -26.37 -0.27 -17.13
C THR A 574 -24.95 -0.41 -16.54
N PRO A 575 -24.30 -1.57 -16.66
CA PRO A 575 -22.93 -1.61 -16.11
C PRO A 575 -22.00 -0.67 -16.84
N ALA A 576 -22.12 -0.61 -18.15
CA ALA A 576 -21.34 0.33 -18.97
C ALA A 576 -21.67 1.79 -18.66
N TYR A 577 -22.95 2.07 -18.37
CA TYR A 577 -23.32 3.45 -18.06
C TYR A 577 -22.68 3.89 -16.74
N PHE A 578 -22.71 3.04 -15.73
CA PHE A 578 -22.18 3.42 -14.41
C PHE A 578 -20.69 3.21 -14.27
N TYR A 579 -20.12 2.25 -14.99
CA TYR A 579 -18.72 1.86 -14.71
C TYR A 579 -17.83 1.83 -15.91
N GLY A 580 -18.36 2.10 -17.10
CA GLY A 580 -17.53 2.09 -18.30
C GLY A 580 -17.05 0.72 -18.69
N LEU A 581 -15.85 0.64 -19.27
CA LEU A 581 -15.34 -0.62 -19.77
C LEU A 581 -14.04 -0.95 -19.08
N ALA A 582 -13.91 -2.19 -18.66
CA ALA A 582 -12.67 -2.64 -18.09
C ALA A 582 -11.59 -2.75 -19.20
N ASP A 583 -10.33 -2.89 -18.79
CA ASP A 583 -9.22 -3.07 -19.72
C ASP A 583 -9.42 -4.33 -20.54
N GLY A 584 -9.31 -4.20 -21.86
CA GLY A 584 -9.60 -5.32 -22.77
C GLY A 584 -11.07 -5.70 -22.96
N GLU A 585 -12.01 -5.04 -22.28
CA GLU A 585 -13.41 -5.45 -22.37
C GLU A 585 -14.06 -5.15 -23.73
N GLU A 586 -14.91 -6.09 -24.18
CA GLU A 586 -15.68 -5.94 -25.41
C GLU A 586 -17.15 -5.68 -25.09
N LEU A 587 -17.70 -4.61 -25.65
CA LEU A 587 -19.07 -4.23 -25.39
C LEU A 587 -19.84 -4.18 -26.71
N PHE A 588 -21.08 -4.66 -26.68
CA PHE A 588 -22.01 -4.52 -27.82
C PHE A 588 -23.01 -3.45 -27.45
N ALA A 589 -23.18 -2.46 -28.31
CA ALA A 589 -24.11 -1.41 -28.05
C ALA A 589 -24.84 -1.02 -29.32
N ASP A 590 -26.12 -0.74 -29.17
CA ASP A 590 -27.00 -0.40 -30.25
C ASP A 590 -27.30 1.07 -30.22
N ILE A 591 -26.58 1.84 -31.02
CA ILE A 591 -26.84 3.28 -31.14
C ILE A 591 -28.26 3.55 -31.67
N GLU A 592 -28.83 2.56 -32.39
CA GLU A 592 -30.20 2.63 -32.92
C GLU A 592 -30.68 1.25 -33.42
N LYS A 593 -31.94 1.17 -33.86
CA LYS A 593 -32.52 -0.07 -34.43
C LYS A 593 -31.63 -0.74 -35.50
N GLY A 594 -31.11 0.06 -36.43
CA GLY A 594 -30.31 -0.45 -37.53
C GLY A 594 -29.06 -1.22 -37.15
N LYS A 595 -28.23 -0.67 -36.25
CA LYS A 595 -26.87 -1.19 -36.08
C LYS A 595 -26.38 -1.38 -34.64
N THR A 596 -25.49 -2.35 -34.50
CA THR A 596 -24.81 -2.68 -33.26
C THR A 596 -23.30 -2.36 -33.34
N LEU A 597 -22.90 -1.27 -32.69
CA LEU A 597 -21.48 -0.95 -32.45
C LEU A 597 -20.76 -2.06 -31.59
N VAL A 598 -19.58 -2.52 -32.02
CA VAL A 598 -18.70 -3.36 -31.16
C VAL A 598 -17.49 -2.55 -30.67
N ILE A 599 -17.41 -2.33 -29.36
CA ILE A 599 -16.44 -1.41 -28.73
C ILE A 599 -15.50 -2.17 -27.79
N VAL A 600 -14.20 -2.04 -28.01
CA VAL A 600 -13.17 -2.69 -27.18
C VAL A 600 -12.29 -1.61 -26.56
N ASN A 601 -12.08 -1.68 -25.25
CA ASN A 601 -11.14 -0.82 -24.54
C ASN A 601 -9.78 -1.43 -24.64
N GLN A 602 -8.91 -0.83 -25.43
CA GLN A 602 -7.63 -1.45 -25.73
C GLN A 602 -6.49 -0.97 -24.82
N ALA A 603 -6.59 0.28 -24.36
CA ALA A 603 -5.57 0.91 -23.57
C ALA A 603 -6.07 2.24 -23.12
N VAL A 604 -5.52 2.70 -22.00
CA VAL A 604 -5.82 4.00 -21.46
C VAL A 604 -4.48 4.62 -21.16
N SER A 605 -4.17 5.80 -21.70
CA SER A 605 -2.87 6.46 -21.47
C SER A 605 -2.81 7.03 -20.07
N ALA A 606 -1.60 7.37 -19.63
CA ALA A 606 -1.39 8.22 -18.46
C ALA A 606 -1.95 9.61 -18.75
N THR A 607 -2.25 10.34 -17.67
CA THR A 607 -2.67 11.74 -17.78
C THR A 607 -1.60 12.59 -18.44
N ASP A 608 -1.96 13.37 -19.45
CA ASP A 608 -0.92 14.20 -20.15
C ASP A 608 -0.66 15.56 -19.45
N SER A 609 0.21 16.36 -20.04
CA SER A 609 0.53 17.71 -19.53
C SER A 609 -0.65 18.68 -19.57
N GLN A 610 -1.66 18.40 -20.37
CA GLN A 610 -2.87 19.22 -20.33
C GLN A 610 -4.01 18.65 -19.47
N GLY A 611 -3.72 17.65 -18.65
CA GLY A 611 -4.73 17.06 -17.76
C GLY A 611 -5.72 16.16 -18.48
N MET A 612 -5.37 15.74 -19.69
CA MET A 612 -6.22 14.86 -20.50
C MET A 612 -5.69 13.43 -20.49
N VAL A 613 -6.62 12.48 -20.61
CA VAL A 613 -6.35 11.05 -20.74
C VAL A 613 -6.92 10.58 -22.07
N THR A 614 -6.15 9.78 -22.78
CA THR A 614 -6.56 9.22 -24.07
C THR A 614 -6.95 7.75 -23.93
N VAL A 615 -8.22 7.43 -24.23
CA VAL A 615 -8.70 6.06 -24.31
C VAL A 615 -8.63 5.52 -25.77
N PHE A 616 -7.97 4.38 -25.93
CA PHE A 616 -7.74 3.76 -27.22
C PHE A 616 -8.80 2.71 -27.43
N PHE A 617 -9.80 3.03 -28.24
CA PHE A 617 -10.89 2.14 -28.54
C PHE A 617 -10.73 1.47 -29.91
N GLU A 618 -11.21 0.24 -30.01
CA GLU A 618 -11.54 -0.34 -31.29
C GLU A 618 -13.08 -0.21 -31.43
N LEU A 619 -13.54 0.43 -32.50
CA LEU A 619 -14.99 0.49 -32.86
C LEU A 619 -15.17 -0.28 -34.19
N ASN A 620 -15.88 -1.41 -34.11
CA ASN A 620 -16.11 -2.29 -35.27
C ASN A 620 -14.83 -2.59 -36.02
N GLY A 621 -13.78 -2.94 -35.28
CA GLY A 621 -12.47 -3.23 -35.88
C GLY A 621 -11.64 -1.99 -36.20
N GLN A 622 -12.13 -0.77 -35.98
CA GLN A 622 -11.40 0.44 -36.36
C GLN A 622 -10.87 1.22 -35.13
N PRO A 623 -9.64 1.78 -35.27
CA PRO A 623 -9.03 2.51 -34.15
C PRO A 623 -9.67 3.87 -33.92
N ARG A 624 -10.05 4.13 -32.68
CA ARG A 624 -10.54 5.44 -32.29
C ARG A 624 -9.85 5.82 -30.97
N ARG A 625 -9.32 7.03 -30.90
CA ARG A 625 -8.64 7.55 -29.73
C ARG A 625 -9.47 8.65 -29.22
N ILE A 626 -9.89 8.59 -27.97
CA ILE A 626 -10.78 9.60 -27.40
C ILE A 626 -10.16 10.23 -26.16
N LYS A 627 -10.07 11.54 -26.16
CA LYS A 627 -9.46 12.30 -25.08
C LYS A 627 -10.54 12.77 -24.12
N VAL A 628 -10.36 12.53 -22.82
CA VAL A 628 -11.22 13.13 -21.80
C VAL A 628 -10.39 13.73 -20.65
N PRO A 629 -11.02 14.63 -19.87
CA PRO A 629 -10.28 15.19 -18.73
C PRO A 629 -10.07 14.18 -17.64
N ASP A 630 -8.90 14.25 -17.01
CA ASP A 630 -8.69 13.65 -15.71
C ASP A 630 -9.39 14.51 -14.67
N ARG A 631 -10.52 14.05 -14.16
CA ARG A 631 -11.32 14.83 -13.23
C ARG A 631 -10.92 14.66 -11.76
N ALA A 632 -9.87 13.88 -11.49
CA ALA A 632 -9.35 13.70 -10.13
C ALA A 632 -8.80 15.02 -9.51
N ASP B 36 -7.16 -15.72 38.13
CA ASP B 36 -7.11 -16.81 37.11
C ASP B 36 -8.29 -16.88 36.16
N ARG B 37 -9.53 -16.82 36.66
CA ARG B 37 -10.68 -16.72 35.75
C ARG B 37 -10.51 -15.48 34.84
N ALA B 38 -10.14 -14.38 35.47
CA ALA B 38 -9.82 -13.15 34.79
C ALA B 38 -8.60 -13.28 33.86
N THR B 39 -7.60 -14.05 34.28
CA THR B 39 -6.46 -14.34 33.41
C THR B 39 -6.88 -15.09 32.13
N LYS B 40 -7.80 -16.04 32.26
CA LYS B 40 -8.27 -16.83 31.13
C LYS B 40 -8.98 -15.93 30.14
N LEU B 41 -9.80 -15.02 30.67
CA LEU B 41 -10.50 -14.04 29.83
C LEU B 41 -9.56 -13.18 29.05
N LEU B 42 -8.49 -12.71 29.71
CA LEU B 42 -7.49 -11.90 29.04
C LEU B 42 -6.85 -12.68 27.90
N THR B 43 -6.70 -13.99 28.12
CA THR B 43 -6.14 -14.90 27.11
C THR B 43 -7.07 -14.99 25.89
N TYR B 44 -8.38 -14.98 26.10
CA TYR B 44 -9.30 -15.00 24.98
C TYR B 44 -9.21 -13.65 24.27
N LEU B 45 -9.17 -12.58 25.04
CA LEU B 45 -9.18 -11.23 24.44
C LEU B 45 -7.91 -10.98 23.65
N ALA B 46 -6.81 -11.51 24.16
CA ALA B 46 -5.54 -11.42 23.45
C ALA B 46 -5.64 -12.15 22.12
N ASP B 47 -6.14 -13.37 22.16
CA ASP B 47 -6.16 -14.27 21.01
C ASP B 47 -7.01 -13.69 19.90
N VAL B 48 -8.19 -13.25 20.25
CA VAL B 48 -9.09 -12.69 19.26
C VAL B 48 -8.61 -11.32 18.76
N THR B 49 -7.94 -10.55 19.62
CA THR B 49 -7.42 -9.24 19.21
C THR B 49 -6.34 -9.45 18.17
N VAL B 50 -5.51 -10.46 18.37
CA VAL B 50 -4.36 -10.69 17.49
C VAL B 50 -4.79 -11.42 16.22
N ASN B 51 -5.64 -12.44 16.35
CA ASN B 51 -5.96 -13.34 15.24
C ASN B 51 -7.36 -13.22 14.72
N GLY B 52 -8.21 -12.44 15.37
CA GLY B 52 -9.59 -12.37 14.97
C GLY B 52 -10.31 -13.67 15.29
N HIS B 53 -11.61 -13.70 14.97
CA HIS B 53 -12.46 -14.85 15.22
C HIS B 53 -12.79 -15.55 13.90
N PRO B 54 -12.59 -16.88 13.81
CA PRO B 54 -12.75 -17.64 12.56
C PRO B 54 -14.06 -17.43 11.79
N GLU B 55 -15.14 -17.17 12.51
CA GLU B 55 -16.44 -16.94 11.90
C GLU B 55 -16.66 -15.53 11.37
N ALA B 56 -15.84 -14.57 11.80
CA ALA B 56 -16.08 -13.16 11.48
C ALA B 56 -14.97 -12.51 10.70
N LYS B 57 -13.73 -12.95 10.91
CA LYS B 57 -12.57 -12.23 10.40
C LYS B 57 -12.61 -11.95 8.88
N ASP B 58 -13.20 -12.85 8.11
CA ASP B 58 -13.20 -12.70 6.64
C ASP B 58 -14.55 -12.29 6.04
N ARG B 59 -15.46 -11.84 6.90
CA ARG B 59 -16.83 -11.46 6.51
C ARG B 59 -17.04 -9.97 6.70
N PRO B 60 -18.17 -9.43 6.21
CA PRO B 60 -18.43 -8.00 6.40
C PRO B 60 -18.42 -7.56 7.87
N LYS B 61 -17.98 -6.33 8.09
CA LYS B 61 -17.82 -5.80 9.43
C LYS B 61 -18.92 -4.78 9.78
N PRO B 62 -19.20 -4.61 11.06
CA PRO B 62 -20.08 -3.53 11.51
C PRO B 62 -19.47 -2.15 11.28
N LEU B 63 -20.31 -1.17 10.98
CA LEU B 63 -19.91 0.25 10.90
C LEU B 63 -19.06 0.63 12.10
N GLU B 64 -17.95 1.33 11.89
CA GLU B 64 -16.99 1.64 12.98
C GLU B 64 -17.64 2.44 14.13
N ASN B 65 -18.66 3.24 13.76
CA ASN B 65 -19.55 3.94 14.71
C ASN B 65 -19.97 3.06 15.90
N ALA B 67 -22.15 2.46 18.13
CA ALA B 67 -23.08 2.69 19.28
C ALA B 67 -23.61 1.38 19.89
N ARG B 68 -23.17 1.03 21.10
CA ARG B 68 -23.65 -0.20 21.76
C ARG B 68 -25.18 -0.19 22.05
N PRO B 69 -25.81 -1.38 22.06
CA PRO B 69 -27.22 -1.44 22.46
C PRO B 69 -27.44 -0.95 23.89
N VAL B 70 -28.53 -0.25 24.10
CA VAL B 70 -28.86 0.28 25.39
C VAL B 70 -30.12 -0.43 25.87
N VAL B 71 -29.99 -1.10 27.01
CA VAL B 71 -31.13 -1.76 27.66
C VAL B 71 -32.05 -0.62 28.06
N PRO B 72 -33.33 -0.66 27.66
CA PRO B 72 -34.23 0.41 28.13
C PRO B 72 -34.32 0.48 29.65
N TYR B 73 -34.56 1.66 30.23
CA TYR B 73 -34.85 1.80 31.68
C TYR B 73 -36.30 1.42 31.94
N ALA B 74 -36.56 0.70 33.04
CA ALA B 74 -37.92 0.14 33.33
C ALA B 74 -39.12 1.11 33.18
N GLY B 78 -40.59 -4.61 41.15
CA GLY B 78 -41.23 -5.92 40.98
C GLY B 78 -41.88 -6.12 39.61
N VAL B 79 -42.06 -7.37 39.22
CA VAL B 79 -42.79 -7.67 37.99
C VAL B 79 -44.13 -8.32 38.29
N LYS B 80 -45.10 -8.03 37.42
CA LYS B 80 -46.41 -8.58 37.42
C LYS B 80 -46.31 -10.10 37.20
N ASP B 81 -47.05 -10.89 37.97
CA ASP B 81 -47.16 -12.33 37.69
C ASP B 81 -47.66 -12.46 36.25
N GLY B 82 -47.23 -13.50 35.54
CA GLY B 82 -47.72 -13.77 34.18
C GLY B 82 -48.07 -15.24 33.96
N THR B 83 -47.92 -15.71 32.74
CA THR B 83 -48.25 -17.11 32.40
C THR B 83 -47.49 -18.18 33.19
N LYS B 84 -46.28 -17.88 33.64
CA LYS B 84 -45.49 -18.85 34.42
C LYS B 84 -46.16 -19.18 35.73
N GLN B 85 -46.65 -18.15 36.41
CA GLN B 85 -47.31 -18.30 37.67
C GLN B 85 -48.63 -19.05 37.52
N LEU B 86 -49.35 -18.74 36.43
CA LEU B 86 -50.62 -19.38 36.12
C LEU B 86 -50.41 -20.87 35.89
N LEU B 87 -49.43 -21.20 35.05
CA LEU B 87 -49.12 -22.58 34.76
C LEU B 87 -48.81 -23.29 36.10
N ASP B 88 -47.92 -22.72 36.91
CA ASP B 88 -47.63 -23.29 38.24
C ASP B 88 -48.92 -23.55 39.06
N THR B 89 -49.91 -22.65 38.94
CA THR B 89 -51.15 -22.73 39.69
C THR B 89 -52.08 -23.84 39.16
N LEU B 90 -52.24 -23.87 37.83
CA LEU B 90 -53.20 -24.72 37.13
C LEU B 90 -52.67 -26.07 36.70
N GLY B 91 -51.40 -26.17 36.33
CA GLY B 91 -50.86 -27.37 35.72
C GLY B 91 -51.13 -27.35 34.22
N PRO B 92 -50.33 -28.10 33.44
CA PRO B 92 -50.38 -27.97 31.98
C PRO B 92 -51.74 -28.22 31.37
N LYS B 93 -52.47 -29.21 31.84
CA LYS B 93 -53.75 -29.53 31.22
C LYS B 93 -54.75 -28.38 31.34
N LYS B 94 -54.86 -27.84 32.55
CA LYS B 94 -55.81 -26.74 32.80
C LYS B 94 -55.31 -25.47 32.22
N PHE B 95 -54.00 -25.36 32.11
CA PHE B 95 -53.43 -24.19 31.48
C PHE B 95 -53.78 -24.14 30.00
N GLY B 96 -53.72 -25.30 29.34
CA GLY B 96 -54.25 -25.43 27.96
C GLY B 96 -55.72 -24.98 27.89
N GLU B 97 -56.56 -25.44 28.81
CA GLU B 97 -57.96 -24.98 28.79
C GLU B 97 -58.11 -23.48 28.95
N TRP B 98 -57.32 -22.90 29.83
CA TRP B 98 -57.32 -21.46 30.02
C TRP B 98 -57.03 -20.73 28.70
N MET B 99 -56.00 -21.15 27.96
CA MET B 99 -55.71 -20.57 26.64
C MET B 99 -56.89 -20.66 25.69
N ARG B 100 -57.51 -21.83 25.64
CA ARG B 100 -58.63 -22.05 24.75
C ARG B 100 -59.72 -21.03 25.05
N ASN B 101 -60.05 -20.89 26.33
CA ASN B 101 -61.14 -19.99 26.73
C ASN B 101 -60.81 -18.51 26.64
N GLU B 102 -59.53 -18.20 26.61
CA GLU B 102 -59.11 -16.83 26.56
C GLU B 102 -59.54 -16.17 25.23
N LYS B 103 -60.22 -15.06 25.32
CA LYS B 103 -60.70 -14.30 24.18
C LYS B 103 -59.55 -13.61 23.44
N ARG B 104 -58.63 -12.99 24.20
CA ARG B 104 -57.55 -12.24 23.55
C ARG B 104 -56.66 -13.24 22.84
N VAL B 105 -56.07 -12.88 21.70
CA VAL B 105 -55.05 -13.77 21.15
C VAL B 105 -53.80 -13.70 21.99
N LEU B 106 -53.17 -14.87 22.17
CA LEU B 106 -51.96 -14.99 23.00
C LEU B 106 -50.76 -14.94 22.06
N LEU B 107 -49.72 -14.19 22.45
CA LEU B 107 -48.51 -13.98 21.63
C LEU B 107 -47.25 -14.62 22.16
N THR B 108 -46.58 -15.38 21.30
CA THR B 108 -45.24 -15.86 21.57
C THR B 108 -44.22 -15.07 20.77
N ASP B 109 -43.18 -14.59 21.43
CA ASP B 109 -42.11 -13.84 20.74
C ASP B 109 -41.00 -14.85 20.40
N THR B 110 -40.56 -14.85 19.14
CA THR B 110 -39.54 -15.79 18.66
C THR B 110 -38.17 -15.16 18.40
N THR B 111 -38.01 -13.90 18.73
CA THR B 111 -36.79 -13.19 18.43
C THR B 111 -35.55 -13.92 18.95
N MET B 112 -35.65 -14.52 20.15
CA MET B 112 -34.49 -15.08 20.83
C MET B 112 -34.15 -16.46 20.31
N ARG B 113 -34.92 -17.01 19.38
CA ARG B 113 -34.55 -18.30 18.77
C ARG B 113 -34.78 -18.30 17.25
N ASP B 114 -36.00 -18.48 16.80
CA ASP B 114 -36.26 -18.57 15.36
C ASP B 114 -35.86 -17.32 14.58
N GLY B 115 -36.06 -16.16 15.18
CA GLY B 115 -35.74 -14.92 14.51
C GLY B 115 -34.30 -14.84 14.05
N HIS B 116 -33.35 -15.12 14.93
CA HIS B 116 -31.94 -15.07 14.51
C HIS B 116 -31.45 -16.38 13.92
N GLN B 117 -32.11 -17.48 14.29
CA GLN B 117 -31.88 -18.71 13.57
C GLN B 117 -32.12 -18.47 12.07
N SER B 118 -33.20 -17.75 11.77
CA SER B 118 -33.64 -17.56 10.39
C SER B 118 -32.92 -16.44 9.68
N LEU B 119 -32.36 -15.47 10.41
CA LEU B 119 -31.77 -14.32 9.73
C LEU B 119 -30.26 -14.14 9.89
N LEU B 120 -29.71 -14.65 10.98
CA LEU B 120 -28.30 -14.47 11.29
C LEU B 120 -27.56 -15.78 11.56
N ALA B 121 -27.92 -16.86 10.87
CA ALA B 121 -27.24 -18.17 11.05
C ALA B 121 -27.23 -18.65 12.52
N THR B 122 -28.18 -18.20 13.30
CA THR B 122 -28.27 -18.53 14.71
C THR B 122 -27.09 -18.04 15.54
N ARG B 123 -26.42 -16.99 15.08
CA ARG B 123 -25.20 -16.61 15.76
C ARG B 123 -25.42 -15.64 16.92
N MET B 124 -26.69 -15.40 17.28
CA MET B 124 -26.98 -14.47 18.35
C MET B 124 -26.47 -15.02 19.67
N ARG B 125 -25.87 -14.15 20.48
CA ARG B 125 -25.20 -14.51 21.71
C ARG B 125 -26.00 -14.23 22.96
N THR B 126 -25.68 -15.02 23.99
CA THR B 126 -26.29 -14.94 25.32
C THR B 126 -26.21 -13.52 25.88
N TYR B 127 -25.06 -12.88 25.72
CA TYR B 127 -24.92 -11.55 26.26
C TYR B 127 -26.07 -10.65 25.81
N ASP B 128 -26.41 -10.70 24.54
CA ASP B 128 -27.45 -9.80 23.99
C ASP B 128 -28.85 -10.33 24.30
N ILE B 129 -28.99 -11.64 24.38
CA ILE B 129 -30.28 -12.23 24.66
C ILE B 129 -30.68 -12.05 26.13
N ALA B 130 -29.78 -12.38 27.04
CA ALA B 130 -30.04 -12.28 28.46
C ALA B 130 -30.24 -10.85 28.94
N ARG B 131 -29.50 -9.92 28.34
CA ARG B 131 -29.54 -8.53 28.78
C ARG B 131 -30.90 -7.86 28.67
N ILE B 132 -31.75 -8.40 27.80
CA ILE B 132 -33.08 -7.82 27.52
C ILE B 132 -34.25 -8.58 28.20
N ALA B 133 -33.97 -9.75 28.78
CA ALA B 133 -35.05 -10.55 29.37
C ALA B 133 -35.81 -9.79 30.43
N GLY B 134 -35.10 -9.09 31.29
CA GLY B 134 -35.72 -8.28 32.33
C GLY B 134 -36.64 -7.23 31.77
N THR B 135 -36.35 -6.77 30.56
CA THR B 135 -37.18 -5.76 29.92
C THR B 135 -38.47 -6.34 29.42
N TYR B 136 -38.40 -7.49 28.78
CA TYR B 136 -39.63 -8.19 28.44
C TYR B 136 -40.47 -8.37 29.70
N SER B 137 -39.81 -8.80 30.75
CA SER B 137 -40.48 -9.23 31.95
C SER B 137 -41.29 -8.09 32.52
N HIS B 138 -40.70 -6.88 32.59
CA HIS B 138 -41.34 -5.69 33.18
CA HIS B 138 -41.45 -5.78 33.20
C HIS B 138 -42.32 -5.04 32.21
N ALA B 139 -41.93 -4.98 30.92
CA ALA B 139 -42.67 -4.22 29.86
C ALA B 139 -43.79 -4.96 29.14
N LEU B 140 -43.63 -6.27 28.95
CA LEU B 140 -44.59 -7.07 28.24
C LEU B 140 -45.00 -8.31 29.03
N PRO B 141 -45.50 -8.13 30.26
CA PRO B 141 -45.80 -9.24 31.18
C PRO B 141 -47.01 -10.14 30.80
N ASN B 142 -47.68 -9.75 29.73
CA ASN B 142 -48.89 -10.35 29.21
C ASN B 142 -48.59 -11.42 28.12
N LEU B 143 -47.36 -11.41 27.63
CA LEU B 143 -46.93 -12.39 26.61
C LEU B 143 -47.16 -13.79 27.08
N LEU B 144 -47.48 -14.65 26.14
CA LEU B 144 -47.63 -16.06 26.46
C LEU B 144 -46.28 -16.66 26.82
N SER B 145 -45.32 -16.52 25.90
CA SER B 145 -44.05 -17.22 26.03
C SER B 145 -42.97 -16.58 25.22
N LEU B 146 -41.74 -16.79 25.65
CA LEU B 146 -40.57 -16.40 24.88
C LEU B 146 -40.00 -17.66 24.27
N GLU B 147 -40.03 -17.78 22.95
CA GLU B 147 -39.34 -18.91 22.29
C GLU B 147 -37.87 -18.52 22.29
N CYS B 148 -37.07 -19.24 23.08
CA CYS B 148 -35.71 -18.83 23.36
C CYS B 148 -34.75 -19.98 23.41
N TRP B 149 -35.09 -21.15 22.85
CA TRP B 149 -34.28 -22.35 23.13
C TRP B 149 -34.65 -23.48 22.18
N GLY B 150 -33.74 -24.43 22.03
CA GLY B 150 -33.92 -25.50 21.05
C GLY B 150 -33.62 -25.02 19.65
N GLY B 151 -34.09 -25.76 18.66
CA GLY B 151 -33.68 -25.53 17.30
C GLY B 151 -32.16 -25.63 17.23
N ALA B 152 -31.53 -24.76 16.43
CA ALA B 152 -30.11 -24.87 16.20
C ALA B 152 -29.32 -24.17 17.30
N THR B 153 -29.99 -23.48 18.22
CA THR B 153 -29.27 -22.72 19.26
C THR B 153 -28.38 -23.59 20.14
N PHE B 154 -28.84 -24.81 20.43
CA PHE B 154 -28.16 -25.68 21.40
C PHE B 154 -26.79 -26.06 20.86
N ASP B 155 -26.78 -26.41 19.60
CA ASP B 155 -25.63 -26.80 18.82
C ASP B 155 -24.65 -25.58 18.58
N VAL B 156 -25.18 -24.50 18.02
CA VAL B 156 -24.38 -23.37 17.58
C VAL B 156 -23.71 -22.58 18.73
N SER B 157 -24.41 -22.42 19.85
CA SER B 157 -23.85 -21.78 21.07
C SER B 157 -22.47 -22.31 21.44
N MET B 158 -22.37 -23.61 21.65
CA MET B 158 -21.11 -24.23 22.04
C MET B 158 -20.10 -24.22 20.91
N ARG B 159 -20.57 -24.50 19.69
CA ARG B 159 -19.66 -24.74 18.60
C ARG B 159 -19.08 -23.45 18.00
N PHE B 160 -19.93 -22.47 17.70
CA PHE B 160 -19.45 -21.26 17.02
C PHE B 160 -19.33 -20.05 17.95
N LEU B 161 -20.00 -20.10 19.10
CA LEU B 161 -20.05 -18.99 20.02
C LEU B 161 -19.32 -19.24 21.35
N THR B 162 -18.80 -20.44 21.57
CA THR B 162 -18.00 -20.72 22.76
C THR B 162 -18.81 -20.50 24.05
N GLU B 163 -20.08 -20.86 24.01
CA GLU B 163 -20.92 -20.68 25.18
C GLU B 163 -21.90 -21.83 25.41
N ASP B 164 -22.33 -21.93 26.66
CA ASP B 164 -23.15 -22.99 27.15
C ASP B 164 -24.63 -22.65 26.96
N PRO B 165 -25.40 -23.49 26.23
CA PRO B 165 -26.82 -23.18 26.11
C PRO B 165 -27.59 -23.24 27.42
N TRP B 166 -27.10 -24.00 28.39
CA TRP B 166 -27.80 -24.15 29.65
C TRP B 166 -27.66 -22.87 30.47
N GLU B 167 -26.47 -22.28 30.46
CA GLU B 167 -26.29 -20.98 31.11
C GLU B 167 -27.17 -19.92 30.45
N ARG B 168 -27.30 -19.97 29.11
CA ARG B 168 -28.20 -19.03 28.43
C ARG B 168 -29.62 -19.11 29.00
N LEU B 169 -30.15 -20.32 29.05
CA LEU B 169 -31.46 -20.59 29.62
C LEU B 169 -31.63 -20.08 31.06
N ALA B 170 -30.66 -20.41 31.91
CA ALA B 170 -30.69 -19.98 33.30
C ALA B 170 -30.71 -18.44 33.42
N LEU B 171 -29.98 -17.73 32.57
CA LEU B 171 -29.95 -16.25 32.65
C LEU B 171 -31.29 -15.67 32.15
N ILE B 172 -31.90 -16.31 31.16
CA ILE B 172 -33.22 -15.87 30.69
C ILE B 172 -34.30 -16.12 31.75
N ARG B 173 -34.24 -17.31 32.35
CA ARG B 173 -35.12 -17.70 33.47
C ARG B 173 -35.08 -16.68 34.60
N GLU B 174 -33.88 -16.33 35.03
CA GLU B 174 -33.73 -15.37 36.12
C GLU B 174 -34.21 -13.96 35.71
N GLY B 175 -33.96 -13.54 34.46
CA GLY B 175 -34.43 -12.24 33.98
C GLY B 175 -35.93 -12.17 33.74
N ALA B 176 -36.58 -13.30 33.46
CA ALA B 176 -38.00 -13.30 33.12
C ALA B 176 -38.76 -14.37 33.90
N PRO B 177 -38.86 -14.19 35.22
CA PRO B 177 -39.51 -15.20 36.09
C PRO B 177 -41.02 -15.28 35.95
N ASN B 178 -41.61 -14.38 35.16
CA ASN B 178 -43.07 -14.31 35.02
C ASN B 178 -43.60 -14.82 33.67
N LEU B 179 -42.69 -15.14 32.75
CA LEU B 179 -43.10 -15.59 31.41
C LEU B 179 -42.72 -17.04 31.20
N LEU B 180 -43.51 -17.74 30.39
CA LEU B 180 -43.20 -19.11 30.00
C LEU B 180 -42.01 -19.08 29.05
N LEU B 181 -41.04 -19.94 29.28
CA LEU B 181 -39.92 -20.13 28.35
C LEU B 181 -40.23 -21.31 27.47
N GLN B 182 -40.13 -21.12 26.14
CA GLN B 182 -40.51 -22.10 25.15
C GLN B 182 -39.33 -22.59 24.32
N MET B 183 -39.27 -23.90 24.07
CA MET B 183 -38.27 -24.44 23.18
C MET B 183 -38.93 -25.17 22.02
N LEU B 184 -38.15 -25.35 20.94
CA LEU B 184 -38.53 -26.21 19.84
C LEU B 184 -37.77 -27.51 20.04
N LEU B 185 -38.52 -28.61 20.09
CA LEU B 185 -37.98 -29.95 20.34
C LEU B 185 -38.31 -30.83 19.13
N ARG B 186 -37.29 -31.46 18.54
CA ARG B 186 -37.45 -32.24 17.30
C ARG B 186 -37.88 -33.68 17.55
N GLY B 187 -38.69 -33.90 18.58
CA GLY B 187 -39.27 -35.21 18.80
C GLY B 187 -38.12 -36.15 19.07
N ALA B 188 -38.07 -37.24 18.31
CA ALA B 188 -37.03 -38.26 18.47
C ALA B 188 -35.61 -37.77 18.20
N ASN B 189 -35.44 -36.61 17.61
CA ASN B 189 -34.10 -36.09 17.37
C ASN B 189 -33.61 -35.18 18.47
N GLY B 190 -34.47 -34.86 19.45
CA GLY B 190 -34.11 -33.93 20.53
C GLY B 190 -33.70 -32.56 19.98
N VAL B 191 -32.43 -32.21 20.17
CA VAL B 191 -31.85 -31.03 19.59
C VAL B 191 -30.75 -31.45 18.60
N GLY B 192 -30.87 -32.66 18.08
CA GLY B 192 -29.88 -33.23 17.18
C GLY B 192 -30.43 -33.35 15.78
N TYR B 193 -29.71 -34.11 14.95
CA TYR B 193 -30.08 -34.36 13.56
C TYR B 193 -30.29 -35.86 13.30
N THR B 194 -30.05 -36.68 14.33
CA THR B 194 -30.25 -38.14 14.25
C THR B 194 -31.28 -38.58 15.29
N ASN B 195 -31.97 -39.70 15.03
CA ASN B 195 -32.85 -40.32 16.05
C ASN B 195 -31.98 -40.92 17.14
N TYR B 196 -32.32 -40.65 18.39
CA TYR B 196 -31.52 -41.06 19.54
C TYR B 196 -32.29 -42.18 20.22
N PRO B 197 -31.63 -42.92 21.15
CA PRO B 197 -32.33 -43.93 21.93
C PRO B 197 -33.38 -43.31 22.86
N ASP B 198 -34.42 -44.08 23.17
CA ASP B 198 -35.54 -43.59 23.96
C ASP B 198 -35.09 -42.97 25.28
N ASN B 199 -34.19 -43.67 26.00
CA ASN B 199 -33.73 -43.22 27.30
C ASN B 199 -32.91 -41.93 27.22
N VAL B 200 -32.21 -41.71 26.10
CA VAL B 200 -31.51 -40.45 25.87
C VAL B 200 -32.51 -39.35 25.66
N VAL B 201 -33.55 -39.63 24.86
CA VAL B 201 -34.55 -38.61 24.56
C VAL B 201 -35.15 -38.16 25.89
N LYS B 202 -35.56 -39.14 26.69
CA LYS B 202 -36.19 -38.90 27.98
C LYS B 202 -35.27 -38.17 28.95
N TYR B 203 -33.98 -38.51 28.95
CA TYR B 203 -33.05 -37.87 29.86
C TYR B 203 -32.90 -36.40 29.50
N PHE B 204 -32.92 -36.08 28.21
CA PHE B 204 -32.71 -34.70 27.81
C PHE B 204 -33.92 -33.87 28.20
N VAL B 205 -35.11 -34.41 27.97
CA VAL B 205 -36.34 -33.70 28.34
C VAL B 205 -36.35 -33.39 29.83
N ARG B 206 -36.02 -34.38 30.66
CA ARG B 206 -35.90 -34.16 32.11
C ARG B 206 -35.00 -32.95 32.43
N GLN B 207 -33.82 -32.88 31.82
CA GLN B 207 -32.90 -31.77 32.12
C GLN B 207 -33.40 -30.49 31.52
N ALA B 208 -34.02 -30.54 30.34
CA ALA B 208 -34.59 -29.31 29.77
C ALA B 208 -35.61 -28.64 30.73
N ALA B 209 -36.46 -29.47 31.31
CA ALA B 209 -37.47 -29.02 32.28
C ALA B 209 -36.82 -28.56 33.58
N LYS B 210 -35.78 -29.24 34.05
CA LYS B 210 -35.01 -28.74 35.20
C LYS B 210 -34.35 -27.38 34.94
N GLY B 211 -33.94 -27.14 33.70
CA GLY B 211 -33.17 -25.97 33.36
C GLY B 211 -33.98 -24.69 33.18
N GLY B 212 -35.31 -24.82 33.11
CA GLY B 212 -36.19 -23.65 32.98
C GLY B 212 -37.26 -23.71 31.88
N ILE B 213 -37.31 -24.81 31.12
CA ILE B 213 -38.28 -24.89 30.05
C ILE B 213 -39.66 -25.22 30.61
N ASP B 214 -40.59 -24.34 30.30
CA ASP B 214 -41.99 -24.52 30.64
C ASP B 214 -42.83 -25.06 29.48
N LEU B 215 -42.48 -24.74 28.26
CA LEU B 215 -43.34 -25.09 27.12
C LEU B 215 -42.54 -25.75 25.99
N PHE B 216 -42.84 -27.01 25.71
CA PHE B 216 -42.18 -27.74 24.65
C PHE B 216 -43.02 -27.79 23.41
N ARG B 217 -42.61 -27.13 22.33
CA ARG B 217 -43.18 -27.38 21.03
C ARG B 217 -42.42 -28.53 20.42
N VAL B 218 -43.10 -29.64 20.21
CA VAL B 218 -42.49 -30.88 19.79
C VAL B 218 -43.08 -31.32 18.45
N PHE B 219 -42.21 -31.74 17.53
CA PHE B 219 -42.68 -32.07 16.20
C PHE B 219 -41.89 -33.25 15.67
N ASP B 220 -42.46 -33.91 14.68
CA ASP B 220 -41.77 -34.94 13.96
C ASP B 220 -41.74 -34.55 12.50
N CYS B 221 -40.58 -34.73 11.86
CA CYS B 221 -40.40 -34.20 10.51
C CYS B 221 -41.23 -34.86 9.41
N LEU B 222 -41.98 -35.91 9.76
CA LEU B 222 -42.88 -36.63 8.82
C LEU B 222 -44.34 -36.64 9.31
N ASN B 223 -44.60 -35.84 10.35
CA ASN B 223 -45.85 -35.88 11.08
C ASN B 223 -46.22 -37.35 11.42
N TRP B 224 -45.24 -38.10 11.93
CA TRP B 224 -45.47 -39.48 12.41
C TRP B 224 -45.69 -39.51 13.94
N VAL B 225 -46.94 -39.72 14.35
CA VAL B 225 -47.35 -39.54 15.75
C VAL B 225 -46.66 -40.55 16.65
N GLU B 226 -46.53 -41.78 16.16
CA GLU B 226 -45.78 -42.85 16.84
C GLU B 226 -44.37 -42.44 17.29
N ASN B 227 -43.68 -41.63 16.48
CA ASN B 227 -42.32 -41.17 16.84
C ASN B 227 -42.36 -40.05 17.87
N MET B 228 -43.54 -39.51 18.14
CA MET B 228 -43.66 -38.35 19.06
C MET B 228 -44.02 -38.78 20.47
N ARG B 229 -44.49 -40.01 20.63
CA ARG B 229 -45.09 -40.43 21.87
C ARG B 229 -44.07 -40.49 22.98
N VAL B 230 -42.87 -40.93 22.67
CA VAL B 230 -41.83 -40.95 23.68
C VAL B 230 -41.55 -39.53 24.23
N SER B 231 -41.44 -38.55 23.34
CA SER B 231 -41.19 -37.17 23.75
C SER B 231 -42.37 -36.65 24.55
N MET B 232 -43.56 -36.77 23.95
CA MET B 232 -44.81 -36.31 24.55
C MET B 232 -44.99 -36.86 25.98
N ASP B 233 -44.81 -38.18 26.14
CA ASP B 233 -44.92 -38.80 27.47
C ASP B 233 -43.92 -38.21 28.43
N ALA B 234 -42.71 -37.95 27.97
CA ALA B 234 -41.68 -37.41 28.85
C ALA B 234 -41.98 -35.98 29.27
N ILE B 235 -42.57 -35.18 28.38
CA ILE B 235 -42.95 -33.81 28.72
C ILE B 235 -44.03 -33.82 29.82
N ALA B 236 -45.02 -34.69 29.67
CA ALA B 236 -46.10 -34.81 30.63
C ALA B 236 -45.59 -35.27 31.99
N GLU B 237 -44.54 -36.08 31.99
CA GLU B 237 -43.97 -36.64 33.20
C GLU B 237 -43.19 -35.62 34.02
N GLU B 238 -42.67 -34.59 33.33
CA GLU B 238 -42.10 -33.45 34.02
C GLU B 238 -43.17 -32.41 34.35
N ASN B 239 -44.43 -32.67 33.99
CA ASN B 239 -45.52 -31.76 34.29
C ASN B 239 -45.29 -30.40 33.64
N LYS B 240 -44.87 -30.42 32.38
CA LYS B 240 -44.76 -29.22 31.59
C LYS B 240 -45.71 -29.31 30.42
N LEU B 241 -45.81 -28.20 29.71
CA LEU B 241 -46.63 -28.13 28.51
C LEU B 241 -46.03 -28.87 27.31
N CYS B 242 -46.76 -29.89 26.87
CA CYS B 242 -46.56 -30.55 25.60
C CYS B 242 -47.45 -29.91 24.55
N GLU B 243 -46.86 -29.02 23.74
CA GLU B 243 -47.53 -28.45 22.57
C GLU B 243 -47.10 -29.27 21.37
N ALA B 244 -47.98 -30.17 20.95
CA ALA B 244 -47.68 -31.14 19.92
C ALA B 244 -47.99 -30.49 18.60
N ALA B 245 -47.02 -30.50 17.70
CA ALA B 245 -47.13 -29.76 16.44
C ALA B 245 -47.44 -30.65 15.25
N ILE B 246 -48.23 -30.09 14.34
CA ILE B 246 -48.51 -30.65 13.03
C ILE B 246 -47.83 -29.76 11.97
N CYS B 247 -46.88 -30.29 11.24
CA CYS B 247 -46.21 -29.51 10.19
C CYS B 247 -47.08 -29.31 8.97
N TYR B 248 -47.22 -28.07 8.51
CA TYR B 248 -48.05 -27.79 7.35
C TYR B 248 -47.23 -27.78 6.06
N THR B 249 -47.81 -28.40 5.03
CA THR B 249 -47.22 -28.40 3.71
C THR B 249 -48.35 -28.55 2.68
N GLY B 250 -48.03 -28.30 1.43
CA GLY B 250 -49.03 -28.35 0.37
C GLY B 250 -49.98 -27.18 0.41
N ASP B 251 -51.23 -27.45 0.05
CA ASP B 251 -52.27 -26.45 -0.03
C ASP B 251 -53.61 -27.18 0.11
N ILE B 252 -54.22 -27.06 1.28
CA ILE B 252 -55.52 -27.72 1.52
C ILE B 252 -56.63 -27.27 0.56
N LEU B 253 -56.51 -26.09 -0.06
CA LEU B 253 -57.58 -25.58 -0.96
C LEU B 253 -57.35 -25.88 -2.41
N ASN B 254 -56.26 -26.61 -2.69
CA ASN B 254 -55.94 -27.08 -4.03
C ASN B 254 -56.24 -28.60 -4.19
N SER B 255 -57.37 -28.91 -4.81
CA SER B 255 -57.86 -30.31 -4.90
C SER B 255 -56.98 -31.25 -5.77
N ALA B 256 -56.05 -30.69 -6.53
CA ALA B 256 -55.03 -31.47 -7.24
C ALA B 256 -53.80 -31.87 -6.38
N ARG B 257 -53.82 -31.62 -5.08
CA ARG B 257 -52.81 -32.16 -4.14
C ARG B 257 -53.54 -32.73 -2.93
N PRO B 258 -54.29 -33.81 -3.13
CA PRO B 258 -55.17 -34.30 -2.06
C PRO B 258 -54.43 -34.94 -0.88
N LYS B 259 -53.19 -35.34 -1.07
CA LYS B 259 -52.43 -36.02 -0.04
C LYS B 259 -52.44 -35.27 1.29
N TYR B 260 -52.25 -33.95 1.21
CA TYR B 260 -52.19 -33.09 2.37
C TYR B 260 -53.43 -32.21 2.40
N ASP B 261 -54.58 -32.82 2.63
CA ASP B 261 -55.85 -32.09 2.63
C ASP B 261 -56.28 -31.79 4.08
N LEU B 262 -57.45 -31.18 4.22
CA LEU B 262 -57.94 -30.79 5.52
C LEU B 262 -58.03 -32.00 6.48
N LYS B 263 -58.75 -33.03 6.05
CA LYS B 263 -58.85 -34.27 6.79
C LYS B 263 -57.49 -34.71 7.36
N TYR B 264 -56.43 -34.61 6.58
CA TYR B 264 -55.10 -35.00 7.05
C TYR B 264 -54.73 -34.30 8.35
N TYR B 265 -54.97 -32.98 8.40
CA TYR B 265 -54.66 -32.16 9.59
C TYR B 265 -55.63 -32.36 10.74
N THR B 266 -56.93 -32.41 10.46
CA THR B 266 -57.91 -32.60 11.51
C THR B 266 -57.72 -33.99 12.15
N ASN B 267 -57.36 -34.99 11.36
CA ASN B 267 -57.11 -36.32 11.93
C ASN B 267 -55.91 -36.33 12.85
N LEU B 268 -54.82 -35.70 12.42
CA LEU B 268 -53.60 -35.66 13.21
C LEU B 268 -53.82 -34.92 14.53
N ALA B 269 -54.62 -33.87 14.47
CA ALA B 269 -55.01 -33.14 15.66
C ALA B 269 -55.66 -34.13 16.63
N VAL B 270 -56.65 -34.88 16.13
CA VAL B 270 -57.38 -35.79 16.97
C VAL B 270 -56.46 -36.83 17.57
N GLU B 271 -55.54 -37.35 16.76
CA GLU B 271 -54.59 -38.34 17.25
C GLU B 271 -53.63 -37.78 18.28
N LEU B 272 -53.19 -36.54 18.09
CA LEU B 272 -52.24 -35.95 19.02
C LEU B 272 -52.90 -35.70 20.38
N GLU B 273 -54.18 -35.36 20.36
CA GLU B 273 -54.90 -35.23 21.61
C GLU B 273 -54.94 -36.57 22.31
N LYS B 274 -55.27 -37.65 21.60
CA LYS B 274 -55.32 -38.98 22.23
C LYS B 274 -53.93 -39.35 22.76
N ALA B 275 -52.87 -38.79 22.18
CA ALA B 275 -51.50 -39.05 22.65
C ALA B 275 -51.09 -38.19 23.86
N GLY B 276 -51.93 -37.24 24.27
CA GLY B 276 -51.71 -36.48 25.51
C GLY B 276 -51.26 -35.06 25.36
N ALA B 277 -51.47 -34.46 24.19
CA ALA B 277 -51.14 -33.04 23.97
C ALA B 277 -51.93 -32.12 24.90
N HIS B 278 -51.30 -31.06 25.38
CA HIS B 278 -51.99 -30.01 26.12
C HIS B 278 -52.44 -28.91 25.20
N ILE B 279 -51.68 -28.73 24.11
CA ILE B 279 -51.92 -27.72 23.09
C ILE B 279 -51.53 -28.34 21.73
N ILE B 280 -52.21 -27.93 20.66
CA ILE B 280 -51.84 -28.32 19.30
C ILE B 280 -51.26 -27.11 18.60
N ALA B 281 -50.17 -27.34 17.88
CA ALA B 281 -49.56 -26.30 17.11
C ALA B 281 -49.59 -26.69 15.65
N VAL B 282 -49.80 -25.69 14.81
CA VAL B 282 -49.58 -25.80 13.37
C VAL B 282 -48.25 -25.10 13.14
N KCX B 283 -47.28 -25.87 12.66
CA KCX B 283 -45.93 -25.35 12.43
CB KCX B 283 -44.92 -26.23 13.15
CG KCX B 283 -43.49 -25.92 12.73
CD KCX B 283 -42.44 -26.71 13.50
CE KCX B 283 -41.04 -26.34 12.98
NZ KCX B 283 -40.49 -25.22 13.71
C KCX B 283 -45.83 -25.28 10.94
O KCX B 283 -45.73 -26.29 10.26
CX KCX B 283 -40.23 -24.03 13.18
OQ1 KCX B 283 -40.42 -23.74 11.98
OQ2 KCX B 283 -39.71 -23.12 14.02
N ASP B 284 -45.92 -24.07 10.41
CA ASP B 284 -45.85 -23.79 8.99
C ASP B 284 -44.41 -23.31 8.72
N MET B 285 -43.48 -24.28 8.68
CA MET B 285 -42.03 -24.03 8.70
C MET B 285 -41.55 -23.32 7.47
N ALA B 286 -42.28 -23.46 6.38
CA ALA B 286 -41.93 -22.83 5.13
C ALA B 286 -42.79 -21.61 4.79
N GLY B 287 -43.76 -21.26 5.62
CA GLY B 287 -44.62 -20.11 5.34
C GLY B 287 -45.52 -20.33 4.13
N LEU B 288 -46.03 -21.54 4.02
CA LEU B 288 -46.87 -21.94 2.93
C LEU B 288 -48.38 -21.70 3.15
N LEU B 289 -48.81 -21.61 4.39
CA LEU B 289 -50.23 -21.37 4.63
C LEU B 289 -50.72 -20.00 4.12
N LYS B 290 -51.73 -20.03 3.26
CA LYS B 290 -52.33 -18.82 2.69
C LYS B 290 -53.51 -18.37 3.55
N PRO B 291 -53.91 -17.10 3.42
CA PRO B 291 -54.95 -16.60 4.31
C PRO B 291 -56.25 -17.37 4.27
N ALA B 292 -56.73 -17.66 3.05
CA ALA B 292 -58.01 -18.30 2.85
C ALA B 292 -57.98 -19.70 3.46
N ALA B 293 -56.83 -20.35 3.29
CA ALA B 293 -56.60 -21.67 3.91
C ALA B 293 -56.62 -21.61 5.43
N ALA B 294 -56.04 -20.56 6.00
CA ALA B 294 -56.02 -20.44 7.48
C ALA B 294 -57.43 -20.35 8.08
N LYS B 295 -58.27 -19.60 7.38
CA LYS B 295 -59.64 -19.38 7.78
C LYS B 295 -60.36 -20.69 7.86
N VAL B 296 -60.19 -21.52 6.82
CA VAL B 296 -60.79 -22.84 6.81
C VAL B 296 -60.08 -23.76 7.81
N LEU B 297 -58.76 -23.69 7.91
CA LEU B 297 -58.03 -24.64 8.76
C LEU B 297 -58.34 -24.49 10.25
N PHE B 298 -58.21 -23.27 10.75
CA PHE B 298 -58.29 -23.07 12.19
C PHE B 298 -59.71 -23.26 12.72
N LYS B 299 -60.69 -23.02 11.86
CA LYS B 299 -62.07 -23.35 12.16
C LYS B 299 -62.25 -24.86 12.35
N ALA B 300 -61.84 -25.62 11.34
CA ALA B 300 -61.98 -27.08 11.40
C ALA B 300 -61.20 -27.63 12.60
N LEU B 301 -59.99 -27.10 12.83
CA LEU B 301 -59.16 -27.62 13.91
C LEU B 301 -59.85 -27.43 15.23
N ARG B 302 -60.30 -26.20 15.51
CA ARG B 302 -60.99 -25.93 16.76
C ARG B 302 -62.35 -26.69 16.88
N GLU B 303 -62.93 -27.15 15.77
CA GLU B 303 -64.08 -28.11 15.82
C GLU B 303 -63.66 -29.57 16.02
N ALA B 304 -62.47 -29.96 15.58
CA ALA B 304 -62.02 -31.37 15.70
C ALA B 304 -61.52 -31.73 17.08
N THR B 305 -60.83 -30.79 17.74
CA THR B 305 -60.36 -30.95 19.10
C THR B 305 -60.82 -29.76 19.96
N GLY B 306 -60.99 -29.99 21.26
CA GLY B 306 -61.18 -28.91 22.24
C GLY B 306 -59.90 -28.21 22.72
N LEU B 307 -58.73 -28.79 22.45
CA LEU B 307 -57.45 -28.21 22.87
C LEU B 307 -57.22 -26.84 22.21
N PRO B 308 -56.48 -25.95 22.89
CA PRO B 308 -56.08 -24.71 22.24
C PRO B 308 -55.13 -24.97 21.06
N ILE B 309 -55.13 -24.03 20.10
CA ILE B 309 -54.31 -24.11 18.89
C ILE B 309 -53.30 -22.96 18.82
N HIS B 310 -52.04 -23.28 18.53
CA HIS B 310 -50.94 -22.30 18.48
C HIS B 310 -50.34 -22.28 17.06
N PHE B 311 -50.22 -21.11 16.47
CA PHE B 311 -49.84 -21.02 15.07
C PHE B 311 -48.52 -20.34 14.84
N HIS B 312 -47.66 -21.08 14.14
CA HIS B 312 -46.27 -20.64 13.88
C HIS B 312 -46.07 -20.55 12.40
N THR B 313 -45.56 -19.42 11.91
CA THR B 313 -45.30 -19.34 10.49
C THR B 313 -44.11 -18.49 10.18
N HIS B 314 -43.73 -18.49 8.91
CA HIS B 314 -42.62 -17.68 8.39
C HIS B 314 -43.11 -16.76 7.24
N ASP B 315 -42.42 -15.64 7.05
CA ASP B 315 -42.85 -14.55 6.14
C ASP B 315 -42.11 -14.52 4.82
N THR B 316 -41.60 -15.66 4.38
CA THR B 316 -40.83 -15.74 3.12
C THR B 316 -41.66 -15.25 1.94
N SER B 317 -42.98 -15.45 2.00
CA SER B 317 -43.86 -15.01 0.91
C SER B 317 -44.08 -13.51 0.86
N GLY B 318 -43.91 -12.86 1.98
CA GLY B 318 -44.26 -11.45 2.11
C GLY B 318 -45.72 -11.25 2.50
N ILE B 319 -46.45 -12.32 2.78
CA ILE B 319 -47.84 -12.16 3.17
C ILE B 319 -48.20 -12.91 4.42
N ALA B 320 -47.24 -13.46 5.14
CA ALA B 320 -47.58 -14.28 6.33
C ALA B 320 -48.36 -13.52 7.42
N ALA B 321 -48.23 -12.20 7.45
CA ALA B 321 -48.99 -11.42 8.40
C ALA B 321 -50.49 -11.59 8.10
N ALA B 322 -50.86 -11.57 6.82
CA ALA B 322 -52.25 -11.73 6.42
C ALA B 322 -52.81 -13.08 6.89
N THR B 323 -51.95 -14.10 6.87
CA THR B 323 -52.33 -15.45 7.34
C THR B 323 -52.54 -15.54 8.85
N VAL B 324 -51.65 -14.91 9.59
CA VAL B 324 -51.76 -14.83 11.04
C VAL B 324 -53.07 -14.11 11.42
N LEU B 325 -53.30 -12.93 10.84
CA LEU B 325 -54.57 -12.21 11.05
C LEU B 325 -55.82 -13.05 10.68
N ALA B 326 -55.82 -13.72 9.55
CA ALA B 326 -56.90 -14.59 9.21
C ALA B 326 -57.07 -15.67 10.30
N ALA B 327 -55.96 -16.28 10.70
CA ALA B 327 -56.00 -17.24 11.80
C ALA B 327 -56.62 -16.67 13.10
N VAL B 328 -56.32 -15.40 13.40
CA VAL B 328 -56.89 -14.74 14.56
C VAL B 328 -58.40 -14.58 14.41
N GLU B 329 -58.86 -14.14 13.25
CA GLU B 329 -60.27 -13.95 13.01
C GLU B 329 -60.99 -15.28 13.16
N ALA B 330 -60.31 -16.39 12.94
CA ALA B 330 -60.95 -17.68 12.93
C ALA B 330 -60.81 -18.41 14.24
N GLY B 331 -60.31 -17.75 15.28
CA GLY B 331 -60.38 -18.32 16.62
C GLY B 331 -59.08 -18.82 17.19
N VAL B 332 -57.98 -18.80 16.42
CA VAL B 332 -56.73 -19.37 16.89
C VAL B 332 -56.34 -18.78 18.24
N ASP B 333 -55.84 -19.64 19.13
CA ASP B 333 -55.62 -19.22 20.50
C ASP B 333 -54.32 -18.47 20.73
N ALA B 334 -53.31 -18.78 19.92
CA ALA B 334 -51.99 -18.24 20.09
C ALA B 334 -51.24 -18.19 18.77
N VAL B 335 -50.42 -17.15 18.61
CA VAL B 335 -49.60 -16.99 17.42
C VAL B 335 -48.18 -16.55 17.77
N ASP B 336 -47.22 -16.90 16.91
CA ASP B 336 -45.82 -16.48 17.05
C ASP B 336 -45.51 -15.25 16.18
N ALA B 337 -44.64 -14.39 16.65
CA ALA B 337 -44.12 -13.30 15.79
C ALA B 337 -42.77 -12.89 16.29
N ALA B 338 -42.00 -12.20 15.45
CA ALA B 338 -40.68 -11.78 15.86
C ALA B 338 -40.65 -10.27 15.98
N MET B 339 -39.82 -9.77 16.88
CA MET B 339 -39.68 -8.31 16.98
C MET B 339 -39.29 -7.71 15.64
N ASP B 340 -39.86 -6.55 15.34
CA ASP B 340 -39.80 -5.93 14.01
C ASP B 340 -38.41 -6.03 13.38
N ALA B 341 -37.41 -5.73 14.20
CA ALA B 341 -36.04 -5.63 13.73
C ALA B 341 -35.45 -6.94 13.33
N LEU B 342 -36.07 -8.06 13.73
CA LEU B 342 -35.60 -9.38 13.28
C LEU B 342 -36.76 -10.16 12.66
N SER B 343 -37.58 -9.44 11.92
CA SER B 343 -38.77 -10.00 11.29
C SER B 343 -38.74 -9.87 9.77
N GLY B 344 -39.68 -10.51 9.11
CA GLY B 344 -39.77 -10.46 7.67
C GLY B 344 -38.92 -11.48 6.96
N ASN B 345 -39.09 -11.56 5.66
CA ASN B 345 -38.41 -12.55 4.87
C ASN B 345 -38.51 -13.94 5.51
N THR B 346 -37.39 -14.60 5.77
CA THR B 346 -37.36 -15.97 6.27
C THR B 346 -37.66 -16.11 7.77
N SER B 347 -37.79 -15.00 8.46
CA SER B 347 -38.15 -14.98 9.86
C SER B 347 -39.68 -15.03 9.99
N GLN B 348 -40.16 -14.86 11.23
CA GLN B 348 -41.60 -14.63 11.48
C GLN B 348 -41.98 -13.25 10.97
N PRO B 349 -43.29 -13.03 10.71
CA PRO B 349 -43.81 -11.68 10.41
C PRO B 349 -43.77 -10.77 11.62
N CYS B 350 -43.89 -9.49 11.34
CA CYS B 350 -43.69 -8.42 12.28
C CYS B 350 -44.66 -8.45 13.46
N LEU B 351 -44.12 -8.71 14.65
CA LEU B 351 -44.87 -8.63 15.89
C LEU B 351 -45.54 -7.27 16.15
N GLY B 352 -44.80 -6.19 16.04
CA GLY B 352 -45.38 -4.85 16.31
C GLY B 352 -46.52 -4.55 15.37
N SER B 353 -46.36 -4.86 14.09
CA SER B 353 -47.41 -4.47 13.15
C SER B 353 -48.67 -5.37 13.31
N ILE B 354 -48.47 -6.60 13.72
CA ILE B 354 -49.61 -7.51 13.97
C ILE B 354 -50.41 -7.07 15.19
N VAL B 355 -49.68 -6.73 16.25
CA VAL B 355 -50.29 -6.19 17.44
C VAL B 355 -51.05 -4.93 17.10
N GLU B 356 -50.40 -4.05 16.38
CA GLU B 356 -51.07 -2.84 15.96
C GLU B 356 -52.30 -3.08 15.08
N ALA B 357 -52.30 -4.12 14.24
CA ALA B 357 -53.48 -4.46 13.43
C ALA B 357 -54.66 -4.85 14.29
N LEU B 358 -54.38 -5.45 15.44
CA LEU B 358 -55.37 -5.95 16.38
C LEU B 358 -55.80 -4.92 17.46
N SER B 359 -55.13 -3.78 17.49
CA SER B 359 -55.31 -2.79 18.53
C SER B 359 -56.74 -2.30 18.54
N GLY B 360 -57.42 -2.31 19.70
CA GLY B 360 -58.83 -1.93 19.77
C GLY B 360 -59.85 -2.99 19.36
N SER B 361 -59.40 -4.08 18.74
CA SER B 361 -60.37 -5.12 18.33
C SER B 361 -60.74 -6.04 19.52
N GLU B 362 -61.72 -6.89 19.32
CA GLU B 362 -62.16 -7.84 20.33
C GLU B 362 -61.07 -8.78 20.85
N ARG B 363 -60.17 -9.17 19.93
CA ARG B 363 -59.12 -10.10 20.25
C ARG B 363 -57.77 -9.42 20.54
N ASP B 364 -57.81 -8.09 20.66
CA ASP B 364 -56.68 -7.29 21.10
C ASP B 364 -55.84 -7.98 22.21
N PRO B 365 -54.56 -8.18 21.94
CA PRO B 365 -53.72 -8.91 22.85
C PRO B 365 -53.16 -8.09 24.02
N GLY B 366 -53.41 -6.79 24.09
CA GLY B 366 -53.04 -6.00 25.26
C GLY B 366 -51.54 -5.89 25.50
N LEU B 367 -50.80 -5.55 24.45
CA LEU B 367 -49.37 -5.29 24.54
C LEU B 367 -49.09 -3.86 24.15
N ASP B 368 -48.24 -3.18 24.89
CA ASP B 368 -48.04 -1.74 24.71
C ASP B 368 -47.13 -1.49 23.51
N PRO B 369 -47.64 -0.83 22.46
CA PRO B 369 -46.85 -0.65 21.24
C PRO B 369 -45.58 0.18 21.48
N ALA B 370 -45.64 1.17 22.37
CA ALA B 370 -44.43 1.95 22.67
C ALA B 370 -43.29 1.05 23.19
N TRP B 371 -43.61 0.03 23.98
CA TRP B 371 -42.58 -0.85 24.54
C TRP B 371 -42.11 -1.86 23.53
N ILE B 372 -43.02 -2.31 22.67
CA ILE B 372 -42.64 -3.13 21.50
C ILE B 372 -41.62 -2.37 20.62
N ARG B 373 -41.90 -1.13 20.32
CA ARG B 373 -40.89 -0.33 19.62
C ARG B 373 -39.53 -0.25 20.36
N ARG B 374 -39.53 0.06 21.67
CA ARG B 374 -38.26 0.30 22.37
C ARG B 374 -37.46 -0.98 22.30
N ILE B 375 -38.12 -2.09 22.53
CA ILE B 375 -37.47 -3.40 22.47
C ILE B 375 -36.97 -3.70 21.07
N SER B 376 -37.77 -3.33 20.06
CA SER B 376 -37.34 -3.50 18.71
C SER B 376 -36.12 -2.64 18.43
N PHE B 377 -36.06 -1.44 18.97
CA PHE B 377 -34.88 -0.60 18.70
C PHE B 377 -33.64 -1.23 19.33
N TYR B 378 -33.79 -1.88 20.48
CA TYR B 378 -32.69 -2.60 21.07
C TYR B 378 -32.23 -3.69 20.14
N TRP B 379 -33.15 -4.51 19.64
CA TRP B 379 -32.72 -5.63 18.81
C TRP B 379 -32.08 -5.18 17.50
N GLU B 380 -32.51 -4.04 17.00
CA GLU B 380 -31.93 -3.46 15.81
C GLU B 380 -30.44 -3.18 16.07
N ALA B 381 -30.15 -2.47 17.16
CA ALA B 381 -28.73 -2.14 17.52
C ALA B 381 -27.97 -3.45 17.82
N VAL B 382 -28.63 -4.41 18.43
CA VAL B 382 -28.01 -5.69 18.59
C VAL B 382 -27.63 -6.29 17.24
N ARG B 383 -28.59 -6.32 16.32
CA ARG B 383 -28.42 -6.93 15.00
C ARG B 383 -27.28 -6.30 14.20
N ASN B 384 -27.08 -5.00 14.36
CA ASN B 384 -26.01 -4.32 13.67
C ASN B 384 -24.67 -4.95 13.98
N GLN B 385 -24.52 -5.52 15.18
CA GLN B 385 -23.23 -6.13 15.61
C GLN B 385 -22.95 -7.47 14.90
N TYR B 386 -23.97 -8.05 14.27
CA TYR B 386 -23.83 -9.36 13.64
C TYR B 386 -23.82 -9.22 12.11
N ALA B 387 -23.31 -8.09 11.62
CA ALA B 387 -23.21 -7.84 10.19
C ALA B 387 -22.53 -8.98 9.43
N ALA B 388 -21.57 -9.62 10.10
CA ALA B 388 -20.81 -10.72 9.53
C ALA B 388 -21.70 -11.82 8.98
N PHE B 389 -22.87 -11.99 9.58
CA PHE B 389 -23.74 -13.11 9.30
C PHE B 389 -25.02 -12.77 8.51
N GLU B 390 -25.17 -11.54 8.02
CA GLU B 390 -26.30 -11.18 7.13
C GLU B 390 -26.29 -11.97 5.78
N SER B 391 -27.45 -12.38 5.30
CA SER B 391 -27.50 -12.99 3.98
C SER B 391 -27.81 -11.87 3.01
N ASP B 392 -27.97 -12.20 1.74
CA ASP B 392 -28.28 -11.18 0.73
C ASP B 392 -29.76 -11.28 0.27
N LEU B 393 -30.65 -11.59 1.20
CA LEU B 393 -32.05 -11.72 0.85
C LEU B 393 -32.64 -10.32 0.85
N LYS B 394 -33.28 -9.98 -0.27
CA LYS B 394 -33.73 -8.63 -0.50
C LYS B 394 -35.24 -8.44 -0.28
N GLY B 395 -36.00 -9.52 -0.15
CA GLY B 395 -37.43 -9.38 0.07
C GLY B 395 -38.29 -10.60 -0.20
N PRO B 396 -39.63 -10.41 -0.20
CA PRO B 396 -40.63 -11.47 -0.42
C PRO B 396 -40.34 -12.23 -1.67
N ALA B 397 -40.67 -13.52 -1.71
CA ALA B 397 -40.56 -14.29 -2.95
C ALA B 397 -41.67 -15.33 -3.02
N SER B 398 -42.56 -15.17 -3.99
CA SER B 398 -43.63 -16.12 -4.18
C SER B 398 -43.08 -17.47 -4.60
N GLU B 399 -41.81 -17.46 -5.02
CA GLU B 399 -41.07 -18.69 -5.34
C GLU B 399 -41.19 -19.73 -4.22
N VAL B 400 -41.30 -19.27 -2.98
CA VAL B 400 -41.45 -20.20 -1.87
C VAL B 400 -42.57 -21.23 -2.07
N TYR B 401 -43.64 -20.89 -2.79
CA TYR B 401 -44.76 -21.83 -2.95
C TYR B 401 -44.35 -22.97 -3.86
N LEU B 402 -43.36 -22.74 -4.72
CA LEU B 402 -42.84 -23.78 -5.58
C LEU B 402 -41.84 -24.70 -4.84
N HIS B 403 -40.87 -24.16 -4.11
CA HIS B 403 -39.81 -25.01 -3.54
C HIS B 403 -40.05 -25.57 -2.13
N GLU B 404 -40.80 -24.85 -1.30
CA GLU B 404 -41.15 -25.29 0.07
C GLU B 404 -39.96 -25.42 1.04
N MET B 405 -38.94 -24.59 0.86
CA MET B 405 -37.76 -24.64 1.71
C MET B 405 -38.12 -23.96 3.00
N PRO B 406 -37.78 -24.58 4.13
CA PRO B 406 -38.15 -23.90 5.38
C PRO B 406 -37.41 -22.59 5.54
N GLY B 407 -38.07 -21.61 6.14
CA GLY B 407 -37.44 -20.32 6.41
C GLY B 407 -36.08 -20.44 7.06
N GLY B 408 -36.04 -21.20 8.17
CA GLY B 408 -34.80 -21.47 8.91
C GLY B 408 -33.73 -22.30 8.19
N GLN B 409 -34.03 -22.85 7.01
CA GLN B 409 -33.05 -23.59 6.18
C GLN B 409 -32.59 -22.76 4.97
N PHE B 410 -33.44 -21.84 4.51
CA PHE B 410 -33.25 -21.21 3.21
C PHE B 410 -31.84 -20.65 3.01
N THR B 411 -31.35 -19.94 4.02
CA THR B 411 -30.08 -19.28 3.94
C THR B 411 -28.88 -20.24 4.17
N ASN B 412 -29.03 -21.17 5.10
CA ASN B 412 -28.03 -22.22 5.32
C ASN B 412 -27.76 -22.99 4.00
N LEU B 413 -28.84 -23.24 3.27
CA LEU B 413 -28.77 -24.00 2.02
C LEU B 413 -28.18 -23.17 0.90
N LYS B 414 -28.46 -21.87 0.90
CA LYS B 414 -27.84 -20.96 -0.08
C LYS B 414 -26.32 -20.92 0.11
N GLU B 415 -25.87 -21.02 1.35
CA GLU B 415 -24.45 -21.10 1.69
C GLU B 415 -23.83 -22.42 1.22
N GLN B 416 -24.47 -23.54 1.55
CA GLN B 416 -24.02 -24.85 1.09
C GLN B 416 -23.90 -24.89 -0.43
N ALA B 417 -24.79 -24.19 -1.14
CA ALA B 417 -24.76 -24.16 -2.60
C ALA B 417 -23.62 -23.28 -3.13
N ARG B 418 -23.38 -22.16 -2.47
CA ARG B 418 -22.22 -21.31 -2.74
C ARG B 418 -20.97 -22.15 -2.56
N SER B 419 -20.88 -22.79 -1.39
CA SER B 419 -19.79 -23.71 -1.03
C SER B 419 -19.44 -24.68 -2.18
N LEU B 420 -20.47 -25.12 -2.92
CA LEU B 420 -20.29 -26.04 -4.03
C LEU B 420 -20.36 -25.33 -5.38
N GLY B 421 -19.83 -24.11 -5.44
CA GLY B 421 -19.73 -23.36 -6.71
C GLY B 421 -21.03 -23.16 -7.46
N LEU B 422 -22.17 -23.30 -6.78
CA LEU B 422 -23.47 -23.26 -7.47
C LEU B 422 -24.16 -21.87 -7.42
N GLU B 423 -23.50 -20.87 -6.82
CA GLU B 423 -24.12 -19.55 -6.52
C GLU B 423 -24.88 -18.96 -7.70
N THR B 424 -24.33 -19.12 -8.89
CA THR B 424 -24.95 -18.61 -10.12
C THR B 424 -26.19 -19.40 -10.58
N ARG B 425 -26.43 -20.58 -10.00
CA ARG B 425 -27.50 -21.49 -10.46
C ARG B 425 -28.51 -21.77 -9.35
N TRP B 426 -28.62 -20.85 -8.39
CA TRP B 426 -29.50 -21.04 -7.25
C TRP B 426 -30.91 -21.46 -7.66
N HIS B 427 -31.43 -20.84 -8.72
CA HIS B 427 -32.81 -21.10 -9.17
C HIS B 427 -32.99 -22.53 -9.72
N GLN B 428 -31.92 -23.14 -10.23
CA GLN B 428 -31.97 -24.57 -10.60
C GLN B 428 -31.99 -25.48 -9.37
N VAL B 429 -31.30 -25.03 -8.32
CA VAL B 429 -31.31 -25.72 -7.03
C VAL B 429 -32.73 -25.77 -6.46
N ALA B 430 -33.40 -24.63 -6.40
CA ALA B 430 -34.79 -24.57 -5.94
C ALA B 430 -35.73 -25.47 -6.76
N GLN B 431 -35.45 -25.58 -8.05
CA GLN B 431 -36.22 -26.42 -8.94
C GLN B 431 -35.92 -27.89 -8.63
N ALA B 432 -34.64 -28.20 -8.38
CA ALA B 432 -34.22 -29.54 -7.97
C ALA B 432 -34.90 -29.99 -6.67
N TYR B 433 -34.82 -29.13 -5.65
CA TYR B 433 -35.45 -29.38 -4.35
C TYR B 433 -36.90 -29.81 -4.54
N ALA B 434 -37.65 -29.06 -5.35
CA ALA B 434 -39.06 -29.39 -5.64
C ALA B 434 -39.21 -30.69 -6.42
N ASP B 435 -38.25 -30.97 -7.31
CA ASP B 435 -38.23 -32.23 -8.06
C ASP B 435 -37.88 -33.42 -7.15
N ALA B 436 -36.88 -33.23 -6.29
CA ALA B 436 -36.47 -34.25 -5.32
C ALA B 436 -37.57 -34.57 -4.31
N ASN B 437 -38.33 -33.55 -3.96
CA ASN B 437 -39.46 -33.73 -3.07
C ASN B 437 -40.46 -34.67 -3.69
N GLN B 438 -40.76 -34.45 -4.98
CA GLN B 438 -41.76 -35.25 -5.65
C GLN B 438 -41.25 -36.66 -5.78
N MET B 439 -39.94 -36.77 -5.99
CA MET B 439 -39.27 -38.06 -6.15
C MET B 439 -39.32 -38.89 -4.87
N PHE B 440 -39.19 -38.24 -3.72
CA PHE B 440 -39.34 -38.90 -2.42
C PHE B 440 -40.80 -39.21 -2.02
N GLY B 441 -41.76 -38.77 -2.85
CA GLY B 441 -43.18 -39.12 -2.69
C GLY B 441 -44.06 -37.95 -2.27
N ASP B 442 -43.47 -36.75 -2.22
CA ASP B 442 -44.09 -35.51 -1.72
C ASP B 442 -44.23 -35.53 -0.20
N ILE B 443 -43.22 -35.04 0.50
CA ILE B 443 -43.11 -35.22 1.93
C ILE B 443 -43.00 -33.92 2.72
N VAL B 444 -43.21 -34.05 4.02
CA VAL B 444 -43.02 -32.95 4.93
C VAL B 444 -41.52 -32.72 5.01
N LYS B 445 -41.12 -31.48 4.77
CA LYS B 445 -39.72 -31.08 4.72
C LYS B 445 -39.47 -30.08 5.83
N VAL B 446 -38.87 -30.57 6.91
CA VAL B 446 -38.52 -29.80 8.07
C VAL B 446 -37.34 -30.55 8.66
N THR B 447 -36.61 -29.93 9.59
CA THR B 447 -35.39 -30.53 10.11
C THR B 447 -35.68 -31.90 10.73
N PRO B 448 -34.96 -32.97 10.32
CA PRO B 448 -33.91 -33.12 9.30
C PRO B 448 -34.32 -33.66 7.91
N SER B 449 -35.61 -33.90 7.67
CA SER B 449 -36.05 -34.31 6.33
C SER B 449 -35.75 -33.25 5.28
N SER B 450 -35.81 -31.97 5.68
CA SER B 450 -35.50 -30.84 4.80
C SER B 450 -34.05 -30.90 4.35
N LYS B 451 -33.14 -31.16 5.29
CA LYS B 451 -31.71 -31.28 5.00
C LYS B 451 -31.43 -32.38 4.01
N VAL B 452 -32.22 -33.45 4.05
CA VAL B 452 -32.04 -34.58 3.16
C VAL B 452 -32.42 -34.19 1.73
N VAL B 453 -33.57 -33.55 1.60
CA VAL B 453 -33.96 -33.10 0.28
C VAL B 453 -32.88 -32.14 -0.25
N GLY B 454 -32.39 -31.29 0.65
CA GLY B 454 -31.31 -30.36 0.37
C GLY B 454 -30.11 -31.06 -0.22
N ASP B 455 -29.63 -32.10 0.46
CA ASP B 455 -28.43 -32.82 0.01
C ASP B 455 -28.65 -33.47 -1.35
N MET B 456 -29.88 -33.91 -1.61
CA MET B 456 -30.24 -34.56 -2.89
CA MET B 456 -30.21 -34.57 -2.90
C MET B 456 -30.34 -33.54 -4.00
N ALA B 457 -30.91 -32.39 -3.66
CA ALA B 457 -31.10 -31.32 -4.62
C ALA B 457 -29.74 -30.82 -5.14
N LEU B 458 -28.83 -30.53 -4.20
CA LEU B 458 -27.47 -30.09 -4.50
C LEU B 458 -26.76 -31.10 -5.43
N MET B 459 -26.75 -32.37 -5.05
CA MET B 459 -26.16 -33.42 -5.88
C MET B 459 -26.70 -33.35 -7.31
N MET B 460 -28.03 -33.34 -7.44
CA MET B 460 -28.68 -33.31 -8.76
C MET B 460 -28.16 -32.18 -9.67
N VAL B 461 -28.10 -30.96 -9.13
CA VAL B 461 -27.62 -29.79 -9.87
C VAL B 461 -26.15 -29.96 -10.25
N SER B 462 -25.30 -30.18 -9.24
CA SER B 462 -23.85 -30.41 -9.44
C SER B 462 -23.52 -31.41 -10.56
N GLN B 463 -24.18 -32.56 -10.54
CA GLN B 463 -23.89 -33.63 -11.49
C GLN B 463 -24.85 -33.67 -12.68
N ASP B 464 -25.68 -32.63 -12.84
CA ASP B 464 -26.65 -32.54 -13.95
C ASP B 464 -27.51 -33.81 -14.07
N LEU B 465 -28.31 -34.06 -13.03
CA LEU B 465 -29.15 -35.25 -12.96
C LEU B 465 -30.62 -34.86 -12.84
N THR B 466 -31.45 -35.49 -13.67
CA THR B 466 -32.90 -35.30 -13.62
C THR B 466 -33.50 -36.39 -12.73
N VAL B 467 -34.76 -36.22 -12.33
CA VAL B 467 -35.47 -37.27 -11.59
C VAL B 467 -35.33 -38.58 -12.35
N ALA B 468 -35.62 -38.53 -13.65
CA ALA B 468 -35.51 -39.71 -14.51
C ALA B 468 -34.16 -40.44 -14.42
N ASP B 469 -33.07 -39.69 -14.29
CA ASP B 469 -31.70 -40.27 -14.18
C ASP B 469 -31.41 -40.83 -12.77
N VAL B 470 -31.76 -40.07 -11.72
CA VAL B 470 -31.52 -40.49 -10.33
C VAL B 470 -32.12 -41.87 -10.01
N VAL B 471 -33.32 -42.11 -10.52
CA VAL B 471 -34.01 -43.42 -10.41
C VAL B 471 -33.59 -44.47 -11.47
N SER B 472 -33.18 -44.03 -12.67
CA SER B 472 -32.85 -44.92 -13.79
C SER B 472 -31.98 -46.10 -13.38
N PRO B 473 -32.24 -47.30 -13.94
CA PRO B 473 -31.38 -48.47 -13.68
C PRO B 473 -29.99 -48.42 -14.36
N ASP B 474 -29.86 -47.71 -15.49
CA ASP B 474 -28.61 -47.71 -16.27
C ASP B 474 -27.66 -46.53 -15.98
N ARG B 475 -27.92 -45.75 -14.93
CA ARG B 475 -27.06 -44.62 -14.52
C ARG B 475 -26.63 -44.78 -13.05
N GLU B 476 -25.32 -44.80 -12.80
CA GLU B 476 -24.78 -45.08 -11.45
C GLU B 476 -24.68 -43.82 -10.63
N VAL B 477 -25.13 -43.89 -9.37
CA VAL B 477 -25.23 -42.72 -8.49
C VAL B 477 -24.84 -43.03 -7.04
N SER B 478 -23.85 -42.31 -6.51
CA SER B 478 -23.48 -42.44 -5.10
C SER B 478 -24.29 -41.43 -4.27
N PHE B 479 -25.32 -41.93 -3.60
CA PHE B 479 -26.26 -41.07 -2.88
C PHE B 479 -25.61 -40.53 -1.62
N PRO B 480 -26.01 -39.32 -1.18
CA PRO B 480 -25.51 -38.79 0.10
C PRO B 480 -25.93 -39.66 1.29
N GLU B 481 -25.07 -39.70 2.31
CA GLU B 481 -25.30 -40.50 3.53
C GLU B 481 -26.64 -40.19 4.19
N SER B 482 -27.12 -38.96 4.05
CA SER B 482 -28.41 -38.55 4.61
C SER B 482 -29.59 -39.19 3.87
N VAL B 483 -29.44 -39.37 2.55
CA VAL B 483 -30.53 -39.92 1.72
C VAL B 483 -30.59 -41.43 1.93
N VAL B 484 -29.42 -42.07 2.00
CA VAL B 484 -29.36 -43.48 2.34
C VAL B 484 -30.05 -43.69 3.69
N SER B 485 -29.67 -42.88 4.67
CA SER B 485 -30.19 -42.99 6.03
C SER B 485 -31.72 -42.87 6.10
N MET B 486 -32.28 -41.84 5.48
CA MET B 486 -33.73 -41.63 5.48
C MET B 486 -34.46 -42.77 4.76
N LEU B 487 -33.95 -43.18 3.60
CA LEU B 487 -34.62 -44.20 2.83
C LEU B 487 -34.58 -45.58 3.54
N LYS B 488 -33.59 -45.78 4.41
CA LYS B 488 -33.52 -46.96 5.29
C LYS B 488 -34.67 -46.96 6.31
N GLY B 489 -35.08 -45.76 6.74
CA GLY B 489 -36.11 -45.59 7.75
C GLY B 489 -35.62 -45.00 9.07
N ASP B 490 -34.48 -44.31 9.03
CA ASP B 490 -33.84 -43.75 10.23
C ASP B 490 -34.51 -42.50 10.74
N LEU B 491 -35.30 -41.86 9.87
CA LEU B 491 -36.13 -40.69 10.24
C LEU B 491 -37.63 -41.03 10.36
N GLY B 492 -38.04 -42.26 10.03
CA GLY B 492 -39.44 -42.70 10.19
C GLY B 492 -40.12 -43.17 8.88
N GLN B 493 -41.46 -43.03 8.86
CA GLN B 493 -42.25 -43.50 7.72
C GLN B 493 -43.32 -42.51 7.31
N PRO B 494 -43.39 -42.13 6.01
CA PRO B 494 -44.51 -41.29 5.59
C PRO B 494 -45.78 -42.13 5.39
N PRO B 495 -46.92 -41.47 5.13
CA PRO B 495 -48.21 -42.14 4.92
C PRO B 495 -48.16 -43.37 4.00
N SER B 496 -47.59 -43.19 2.82
CA SER B 496 -47.65 -44.22 1.77
C SER B 496 -46.36 -45.06 1.69
N GLY B 497 -45.57 -45.06 2.76
CA GLY B 497 -44.20 -45.61 2.72
C GLY B 497 -43.30 -44.82 1.79
N TRP B 498 -42.08 -45.30 1.58
CA TRP B 498 -41.16 -44.70 0.62
C TRP B 498 -41.32 -45.36 -0.77
N PRO B 499 -41.17 -44.60 -1.88
CA PRO B 499 -41.20 -45.12 -3.26
C PRO B 499 -40.28 -46.33 -3.47
N GLU B 500 -40.81 -47.39 -4.08
CA GLU B 500 -40.12 -48.66 -4.14
C GLU B 500 -38.79 -48.55 -4.91
N ALA B 501 -38.91 -48.11 -6.17
CA ALA B 501 -37.77 -48.16 -7.09
C ALA B 501 -36.61 -47.24 -6.63
N LEU B 502 -36.93 -46.04 -6.17
CA LEU B 502 -35.90 -45.12 -5.66
C LEU B 502 -35.14 -45.73 -4.48
N GLN B 503 -35.87 -46.51 -3.67
CA GLN B 503 -35.31 -47.13 -2.47
C GLN B 503 -34.37 -48.30 -2.79
N LYS B 504 -34.69 -49.10 -3.81
CA LYS B 504 -33.82 -50.22 -4.18
C LYS B 504 -32.42 -49.70 -4.49
N LYS B 505 -32.31 -48.86 -5.52
CA LYS B 505 -31.00 -48.42 -6.03
C LYS B 505 -30.18 -47.75 -4.92
N ALA B 506 -30.87 -47.07 -4.01
CA ALA B 506 -30.19 -46.30 -2.97
C ALA B 506 -29.47 -47.17 -1.94
N LEU B 507 -30.16 -48.16 -1.42
CA LEU B 507 -29.60 -48.99 -0.35
C LEU B 507 -28.46 -49.90 -0.80
N LYS B 508 -28.37 -50.17 -2.10
CA LYS B 508 -27.23 -50.91 -2.62
C LYS B 508 -26.98 -52.16 -1.77
N GLY B 509 -28.00 -53.00 -1.63
CA GLY B 509 -27.91 -54.26 -0.89
C GLY B 509 -28.52 -54.25 0.50
N GLU B 510 -28.60 -53.08 1.13
CA GLU B 510 -29.14 -52.97 2.49
C GLU B 510 -30.65 -53.21 2.54
N LYS B 511 -31.09 -53.85 3.62
CA LYS B 511 -32.50 -54.11 3.87
C LYS B 511 -33.05 -52.95 4.71
N PRO B 512 -34.16 -52.31 4.25
CA PRO B 512 -34.78 -51.23 5.00
C PRO B 512 -35.52 -51.71 6.24
N TYR B 513 -35.94 -50.77 7.09
CA TYR B 513 -36.85 -51.12 8.18
C TYR B 513 -37.95 -50.07 8.31
N THR B 514 -39.15 -50.51 8.68
CA THR B 514 -40.34 -49.65 8.72
C THR B 514 -40.85 -49.36 10.14
N VAL B 515 -40.15 -49.89 11.15
CA VAL B 515 -40.51 -49.60 12.54
C VAL B 515 -39.84 -48.29 13.01
N ARG B 516 -40.39 -47.76 14.10
CA ARG B 516 -39.82 -46.67 14.89
C ARG B 516 -38.33 -46.88 15.17
N PRO B 517 -37.47 -45.92 14.78
CA PRO B 517 -36.01 -46.06 14.95
C PRO B 517 -35.53 -46.30 16.38
N GLY B 518 -36.13 -45.60 17.34
CA GLY B 518 -35.80 -45.78 18.74
C GLY B 518 -36.11 -47.16 19.30
N SER B 519 -37.03 -47.90 18.66
CA SER B 519 -37.43 -49.23 19.10
C SER B 519 -36.34 -50.25 18.80
N LEU B 520 -35.51 -49.94 17.80
CA LEU B 520 -34.35 -50.75 17.45
C LEU B 520 -33.13 -50.35 18.28
N LEU B 521 -32.95 -49.06 18.54
CA LEU B 521 -31.79 -48.57 19.27
C LEU B 521 -31.69 -49.13 20.70
N LYS B 522 -30.45 -49.36 21.16
CA LYS B 522 -30.20 -49.96 22.48
C LYS B 522 -30.16 -48.86 23.54
N GLU B 523 -30.91 -49.09 24.62
CA GLU B 523 -30.91 -48.21 25.78
C GLU B 523 -29.46 -47.94 26.16
N ALA B 524 -29.03 -46.70 25.98
CA ALA B 524 -27.65 -46.31 26.24
C ALA B 524 -27.25 -46.56 27.70
N ASP B 525 -26.04 -47.08 27.91
CA ASP B 525 -25.51 -47.27 29.26
C ASP B 525 -25.13 -45.89 29.79
N LEU B 526 -26.02 -45.29 30.58
CA LEU B 526 -25.83 -43.91 31.02
C LEU B 526 -24.71 -43.75 32.02
N ASP B 527 -24.67 -44.64 33.00
CA ASP B 527 -23.64 -44.60 34.02
C ASP B 527 -22.25 -44.70 33.37
N ALA B 528 -22.13 -45.55 32.35
CA ALA B 528 -20.85 -45.78 31.67
C ALA B 528 -20.53 -44.74 30.59
N GLU B 529 -21.56 -44.16 29.99
CA GLU B 529 -21.37 -43.04 29.06
C GLU B 529 -20.88 -41.80 29.80
N ARG B 530 -21.37 -41.58 31.02
CA ARG B 530 -20.90 -40.52 31.91
C ARG B 530 -19.44 -40.66 32.29
N LYS B 531 -19.05 -41.87 32.68
CA LYS B 531 -17.67 -42.13 33.04
C LYS B 531 -16.72 -41.73 31.91
N VAL B 532 -17.12 -41.97 30.65
CA VAL B 532 -16.24 -41.73 29.49
C VAL B 532 -15.94 -40.23 29.35
N ILE B 533 -16.97 -39.40 29.48
CA ILE B 533 -16.79 -37.95 29.35
C ILE B 533 -16.10 -37.38 30.59
N GLU B 534 -16.39 -37.93 31.78
CA GLU B 534 -15.73 -37.44 33.00
C GLU B 534 -14.24 -37.81 33.01
N LYS B 535 -13.90 -38.98 32.46
CA LYS B 535 -12.51 -39.38 32.33
C LYS B 535 -11.80 -38.51 31.30
N LYS B 536 -12.51 -38.12 30.23
CA LYS B 536 -11.91 -37.37 29.12
C LYS B 536 -11.70 -35.88 29.46
N LEU B 537 -12.44 -35.36 30.45
CA LEU B 537 -12.27 -33.97 30.95
C LEU B 537 -11.47 -33.88 32.26
N GLU B 538 -11.16 -35.03 32.87
CA GLU B 538 -10.47 -35.11 34.16
C GLU B 538 -11.21 -34.34 35.29
N ARG B 539 -12.54 -34.36 35.24
CA ARG B 539 -13.37 -33.71 36.27
C ARG B 539 -14.75 -34.29 36.21
N GLU B 540 -15.50 -34.14 37.30
CA GLU B 540 -16.92 -34.45 37.29
C GLU B 540 -17.66 -33.42 36.44
N VAL B 541 -18.77 -33.82 35.81
CA VAL B 541 -19.64 -32.88 35.09
C VAL B 541 -21.03 -32.82 35.73
N SER B 542 -21.79 -31.76 35.41
CA SER B 542 -23.16 -31.66 35.89
C SER B 542 -24.09 -32.46 34.98
N ASP B 543 -25.27 -32.77 35.50
CA ASP B 543 -26.31 -33.44 34.71
C ASP B 543 -26.61 -32.73 33.38
N PHE B 544 -26.58 -31.39 33.39
CA PHE B 544 -26.82 -30.61 32.17
C PHE B 544 -25.71 -30.87 31.15
N GLU B 545 -24.46 -30.77 31.61
CA GLU B 545 -23.33 -31.01 30.75
C GLU B 545 -23.36 -32.41 30.14
N PHE B 546 -23.79 -33.41 30.91
CA PHE B 546 -23.95 -34.77 30.40
C PHE B 546 -25.01 -34.85 29.30
N ALA B 547 -26.12 -34.14 29.48
CA ALA B 547 -27.14 -34.06 28.44
C ALA B 547 -26.58 -33.49 27.14
N SER B 548 -25.80 -32.41 27.25
CA SER B 548 -25.12 -31.86 26.09
C SER B 548 -24.26 -32.95 25.40
N TYR B 549 -23.60 -33.77 26.22
CA TYR B 549 -22.66 -34.76 25.69
C TYR B 549 -23.38 -35.85 24.92
N LEU B 550 -24.55 -36.22 25.41
CA LEU B 550 -25.37 -37.26 24.78
C LEU B 550 -25.89 -36.79 23.42
N MET B 551 -26.19 -35.51 23.33
CA MET B 551 -26.72 -34.96 22.08
C MET B 551 -25.59 -34.73 21.09
N TYR B 552 -24.52 -34.11 21.57
CA TYR B 552 -23.38 -33.70 20.75
C TYR B 552 -22.06 -34.05 21.45
N PRO B 553 -21.67 -35.32 21.41
CA PRO B 553 -20.45 -35.69 22.14
C PRO B 553 -19.18 -34.93 21.69
N LYS B 554 -19.02 -34.70 20.40
CA LYS B 554 -17.81 -34.06 19.92
C LYS B 554 -17.87 -32.54 20.11
N VAL B 555 -19.01 -31.94 19.79
CA VAL B 555 -19.15 -30.51 19.97
C VAL B 555 -18.98 -30.17 21.45
N PHE B 556 -19.58 -30.98 22.33
CA PHE B 556 -19.54 -30.66 23.77
C PHE B 556 -18.13 -30.79 24.30
N THR B 557 -17.47 -31.88 23.95
CA THR B 557 -16.10 -32.11 24.38
C THR B 557 -15.22 -30.93 24.00
N ASP B 558 -15.14 -30.67 22.69
CA ASP B 558 -14.36 -29.54 22.15
C ASP B 558 -14.72 -28.25 22.87
N PHE B 559 -16.02 -28.00 23.08
CA PHE B 559 -16.44 -26.79 23.80
C PHE B 559 -15.95 -26.77 25.24
N ALA B 560 -16.03 -27.89 25.93
CA ALA B 560 -15.63 -27.92 27.35
C ALA B 560 -14.12 -27.69 27.53
N LEU B 561 -13.31 -28.14 26.57
CA LEU B 561 -11.87 -27.93 26.65
C LEU B 561 -11.54 -26.48 26.33
N ALA B 562 -12.28 -25.90 25.39
CA ALA B 562 -12.18 -24.47 25.09
C ALA B 562 -12.55 -23.58 26.31
N SER B 563 -13.60 -23.96 27.04
CA SER B 563 -14.02 -23.26 28.28
C SER B 563 -12.91 -23.28 29.34
N ASP B 564 -12.20 -24.40 29.46
CA ASP B 564 -11.18 -24.53 30.50
C ASP B 564 -9.96 -23.69 30.14
N THR B 565 -9.79 -23.41 28.85
CA THR B 565 -8.74 -22.53 28.36
C THR B 565 -9.11 -21.06 28.52
N TYR B 566 -10.30 -20.69 28.03
CA TYR B 566 -10.63 -19.28 27.77
C TYR B 566 -11.57 -18.62 28.78
N GLY B 567 -12.21 -19.43 29.61
CA GLY B 567 -13.04 -18.94 30.70
C GLY B 567 -14.44 -18.60 30.27
N PRO B 568 -15.10 -17.73 31.06
CA PRO B 568 -16.49 -17.39 30.82
C PRO B 568 -16.67 -16.31 29.75
N VAL B 569 -16.30 -16.64 28.52
CA VAL B 569 -16.27 -15.65 27.44
C VAL B 569 -17.66 -15.10 27.06
N SER B 570 -18.71 -15.79 27.52
CA SER B 570 -20.06 -15.36 27.29
C SER B 570 -20.40 -14.04 28.00
N VAL B 571 -19.64 -13.65 29.04
CA VAL B 571 -19.86 -12.35 29.71
C VAL B 571 -19.31 -11.14 28.94
N LEU B 572 -18.64 -11.40 27.82
CA LEU B 572 -18.05 -10.36 27.01
C LEU B 572 -19.05 -9.76 26.06
N PRO B 573 -19.07 -8.42 25.95
CA PRO B 573 -19.91 -7.84 24.90
C PRO B 573 -19.56 -8.40 23.52
N THR B 574 -20.54 -8.40 22.63
CA THR B 574 -20.41 -9.04 21.31
C THR B 574 -19.29 -8.51 20.39
N PRO B 575 -19.00 -7.20 20.39
CA PRO B 575 -17.87 -6.70 19.55
C PRO B 575 -16.51 -7.11 20.10
N ALA B 576 -16.38 -7.15 21.41
CA ALA B 576 -15.19 -7.71 22.04
C ALA B 576 -15.03 -9.21 21.76
N TYR B 577 -16.12 -9.96 21.79
CA TYR B 577 -16.06 -11.40 21.53
C TYR B 577 -15.55 -11.63 20.12
N PHE B 578 -16.17 -11.00 19.13
CA PHE B 578 -15.83 -11.24 17.73
C PHE B 578 -14.58 -10.54 17.19
N TYR B 579 -14.20 -9.40 17.74
CA TYR B 579 -13.08 -8.62 17.18
C TYR B 579 -12.05 -8.15 18.20
N GLY B 580 -12.25 -8.44 19.48
CA GLY B 580 -11.31 -8.01 20.50
C GLY B 580 -11.36 -6.52 20.75
N LEU B 581 -10.24 -5.96 21.20
CA LEU B 581 -10.17 -4.59 21.69
C LEU B 581 -9.18 -3.77 20.87
N ALA B 582 -9.56 -2.55 20.49
CA ALA B 582 -8.62 -1.63 19.81
C ALA B 582 -7.58 -1.10 20.79
N ASP B 583 -6.50 -0.55 20.25
CA ASP B 583 -5.42 0.00 21.08
C ASP B 583 -5.98 1.10 21.99
N GLY B 584 -5.67 1.01 23.27
CA GLY B 584 -6.21 1.94 24.25
C GLY B 584 -7.70 1.81 24.54
N GLU B 585 -8.36 0.73 24.12
CA GLU B 585 -9.81 0.61 24.35
C GLU B 585 -10.07 0.07 25.78
N GLU B 586 -11.06 0.66 26.45
CA GLU B 586 -11.44 0.27 27.81
C GLU B 586 -12.67 -0.60 27.77
N LEU B 587 -12.61 -1.73 28.48
CA LEU B 587 -13.72 -2.66 28.54
C LEU B 587 -14.10 -2.95 30.01
N PHE B 588 -15.39 -2.86 30.31
CA PHE B 588 -15.96 -3.25 31.61
C PHE B 588 -16.63 -4.61 31.43
N ALA B 589 -16.16 -5.63 32.15
CA ALA B 589 -16.84 -6.94 32.07
C ALA B 589 -17.14 -7.50 33.45
N ASP B 590 -18.34 -8.04 33.60
CA ASP B 590 -18.80 -8.57 34.88
C ASP B 590 -18.49 -10.07 34.92
N ILE B 591 -17.45 -10.44 35.66
CA ILE B 591 -17.01 -11.84 35.75
C ILE B 591 -18.01 -12.64 36.60
N GLU B 592 -18.12 -12.29 37.88
CA GLU B 592 -19.20 -12.80 38.74
C GLU B 592 -20.29 -11.73 38.83
N LYS B 593 -21.37 -12.03 39.54
CA LYS B 593 -22.44 -11.07 39.76
C LYS B 593 -21.90 -9.79 40.43
N GLY B 594 -21.20 -9.96 41.55
CA GLY B 594 -20.66 -8.83 42.31
C GLY B 594 -19.72 -7.90 41.55
N LYS B 595 -18.70 -8.49 40.92
CA LYS B 595 -17.48 -7.77 40.55
C LYS B 595 -17.36 -7.53 39.04
N THR B 596 -17.10 -6.28 38.68
CA THR B 596 -16.82 -5.87 37.32
C THR B 596 -15.30 -5.77 37.14
N LEU B 597 -14.79 -6.31 36.02
CA LEU B 597 -13.37 -6.17 35.68
C LEU B 597 -13.23 -5.02 34.68
N VAL B 598 -12.21 -4.18 34.89
CA VAL B 598 -11.88 -3.08 33.99
C VAL B 598 -10.61 -3.42 33.21
N ILE B 599 -10.78 -3.62 31.89
CA ILE B 599 -9.71 -4.08 31.02
C ILE B 599 -9.42 -3.04 29.94
N VAL B 600 -8.18 -2.56 29.90
CA VAL B 600 -7.69 -1.68 28.86
C VAL B 600 -6.61 -2.42 28.07
N ASN B 601 -6.83 -2.58 26.77
CA ASN B 601 -5.79 -3.04 25.84
C ASN B 601 -4.82 -1.89 25.54
N GLN B 602 -3.65 -1.92 26.16
CA GLN B 602 -2.69 -0.82 25.99
C GLN B 602 -1.85 -0.90 24.69
N ALA B 603 -1.53 -2.13 24.25
CA ALA B 603 -0.55 -2.36 23.16
C ALA B 603 -0.38 -3.83 22.79
N VAL B 604 0.03 -4.08 21.54
CA VAL B 604 0.26 -5.44 21.03
C VAL B 604 1.61 -5.48 20.34
N SER B 605 2.44 -6.46 20.70
CA SER B 605 3.78 -6.60 20.11
C SER B 605 3.72 -7.20 18.71
N ALA B 606 4.80 -7.04 17.98
CA ALA B 606 5.12 -7.90 16.85
C ALA B 606 5.20 -9.38 17.30
N THR B 607 5.28 -10.27 16.31
CA THR B 607 5.48 -11.68 16.56
C THR B 607 6.94 -11.93 16.88
N ASP B 608 7.20 -12.68 17.94
CA ASP B 608 8.56 -13.00 18.34
C ASP B 608 9.07 -14.20 17.55
N SER B 609 10.32 -14.58 17.78
CA SER B 609 10.96 -15.69 17.06
C SER B 609 10.31 -17.05 17.37
N GLN B 610 9.71 -17.19 18.55
CA GLN B 610 9.02 -18.42 18.91
C GLN B 610 7.57 -18.46 18.40
N GLY B 611 7.15 -17.45 17.62
CA GLY B 611 5.81 -17.41 17.00
C GLY B 611 4.68 -16.84 17.87
N MET B 612 5.04 -16.12 18.93
CA MET B 612 4.10 -15.66 19.93
C MET B 612 3.98 -14.15 19.90
N VAL B 613 2.78 -13.65 20.23
CA VAL B 613 2.50 -12.23 20.31
C VAL B 613 2.13 -11.88 21.76
N THR B 614 2.66 -10.77 22.25
CA THR B 614 2.40 -10.33 23.62
C THR B 614 1.44 -9.14 23.61
N VAL B 615 0.28 -9.30 24.24
CA VAL B 615 -0.70 -8.23 24.44
C VAL B 615 -0.59 -7.65 25.84
N PHE B 616 -0.47 -6.33 25.93
CA PHE B 616 -0.26 -5.63 27.20
C PHE B 616 -1.57 -5.01 27.65
N PHE B 617 -1.95 -5.32 28.89
CA PHE B 617 -3.25 -5.02 29.44
C PHE B 617 -3.13 -4.24 30.74
N GLU B 618 -4.24 -3.56 31.08
CA GLU B 618 -4.44 -3.08 32.44
C GLU B 618 -5.69 -3.73 32.98
N LEU B 619 -5.55 -4.37 34.12
CA LEU B 619 -6.68 -5.01 34.77
C LEU B 619 -6.85 -4.33 36.14
N ASN B 620 -7.98 -3.64 36.31
CA ASN B 620 -8.26 -2.80 37.48
C ASN B 620 -7.11 -1.90 37.93
N GLY B 621 -6.43 -1.29 36.96
CA GLY B 621 -5.28 -0.46 37.25
C GLY B 621 -4.00 -1.20 37.60
N GLN B 622 -3.94 -2.52 37.38
CA GLN B 622 -2.66 -3.28 37.47
C GLN B 622 -2.18 -3.77 36.09
N PRO B 623 -0.86 -3.70 35.82
CA PRO B 623 -0.39 -4.11 34.50
C PRO B 623 -0.26 -5.62 34.35
N ARG B 624 -0.67 -6.14 33.19
CA ARG B 624 -0.59 -7.55 32.86
C ARG B 624 -0.18 -7.79 31.38
N ARG B 625 0.79 -8.69 31.18
CA ARG B 625 1.18 -9.19 29.86
C ARG B 625 0.53 -10.56 29.59
N ILE B 626 0.01 -10.77 28.38
CA ILE B 626 -0.52 -12.08 27.97
C ILE B 626 0.02 -12.47 26.59
N LYS B 627 0.64 -13.66 26.50
CA LYS B 627 1.20 -14.16 25.25
C LYS B 627 0.21 -15.10 24.56
N VAL B 628 0.03 -14.91 23.25
CA VAL B 628 -0.80 -15.80 22.46
C VAL B 628 -0.10 -16.14 21.13
N PRO B 629 -0.49 -17.28 20.51
CA PRO B 629 0.13 -17.70 19.25
C PRO B 629 -0.33 -16.86 18.06
N ASP B 630 0.61 -16.55 17.15
CA ASP B 630 0.30 -15.90 15.87
C ASP B 630 -0.13 -16.96 14.85
N ARG B 631 -1.44 -17.09 14.68
CA ARG B 631 -2.07 -18.14 13.87
C ARG B 631 -2.08 -17.86 12.37
N ALA B 632 -1.52 -16.72 11.96
CA ALA B 632 -1.37 -16.40 10.53
C ALA B 632 -0.53 -17.44 9.78
N ASP C 36 11.45 -2.17 -41.04
CA ASP C 36 11.87 -3.42 -40.33
C ASP C 36 12.99 -3.24 -39.31
N ARG C 37 14.09 -2.54 -39.66
CA ARG C 37 15.03 -2.17 -38.60
C ARG C 37 14.31 -1.30 -37.53
N ALA C 38 13.42 -0.42 -37.97
CA ALA C 38 12.71 0.47 -37.07
C ALA C 38 11.77 -0.36 -36.19
N THR C 39 10.97 -1.22 -36.85
CA THR C 39 10.07 -2.14 -36.19
C THR C 39 10.82 -2.95 -35.14
N LYS C 40 12.01 -3.42 -35.47
CA LYS C 40 12.79 -4.19 -34.52
C LYS C 40 13.21 -3.39 -33.30
N LEU C 41 13.65 -2.16 -33.53
CA LEU C 41 13.93 -1.25 -32.44
C LEU C 41 12.73 -1.01 -31.52
N LEU C 42 11.57 -0.76 -32.12
CA LEU C 42 10.33 -0.59 -31.37
C LEU C 42 10.08 -1.79 -30.49
N THR C 43 10.29 -2.98 -31.05
CA THR C 43 10.14 -4.21 -30.31
C THR C 43 11.04 -4.20 -29.07
N TYR C 44 12.30 -3.83 -29.23
CA TYR C 44 13.19 -3.73 -28.09
C TYR C 44 12.65 -2.72 -27.07
N LEU C 45 12.24 -1.55 -27.54
CA LEU C 45 11.81 -0.51 -26.65
C LEU C 45 10.55 -0.89 -25.90
N ALA C 46 9.68 -1.67 -26.55
CA ALA C 46 8.44 -2.10 -25.90
C ALA C 46 8.78 -3.10 -24.83
N ASP C 47 9.75 -3.96 -25.10
CA ASP C 47 10.09 -5.07 -24.23
C ASP C 47 10.69 -4.53 -22.97
N VAL C 48 11.67 -3.64 -23.11
CA VAL C 48 12.31 -3.04 -21.94
C VAL C 48 11.39 -2.06 -21.21
N THR C 49 10.53 -1.40 -21.95
CA THR C 49 9.58 -0.48 -21.30
C THR C 49 8.65 -1.31 -20.40
N VAL C 50 8.20 -2.45 -20.92
CA VAL C 50 7.21 -3.24 -20.21
C VAL C 50 7.90 -4.04 -19.11
N ASN C 51 9.05 -4.63 -19.41
CA ASN C 51 9.66 -5.64 -18.52
C ASN C 51 10.96 -5.21 -17.79
N GLY C 52 11.46 -4.03 -18.10
CA GLY C 52 12.79 -3.64 -17.60
C GLY C 52 13.89 -4.45 -18.26
N HIS C 53 15.13 -4.13 -17.91
CA HIS C 53 16.31 -4.85 -18.41
C HIS C 53 16.79 -5.73 -17.27
N PRO C 54 17.12 -7.01 -17.53
CA PRO C 54 17.55 -7.95 -16.45
C PRO C 54 18.73 -7.43 -15.62
N GLU C 55 19.64 -6.73 -16.27
CA GLU C 55 20.78 -6.16 -15.58
C GLU C 55 20.54 -4.95 -14.71
N ALA C 56 19.45 -4.25 -14.94
CA ALA C 56 19.20 -3.00 -14.25
C ALA C 56 17.95 -2.95 -13.38
N LYS C 57 17.08 -3.92 -13.52
CA LYS C 57 15.72 -3.88 -13.01
C LYS C 57 15.69 -3.68 -11.53
N ASP C 58 16.51 -4.45 -10.84
CA ASP C 58 16.43 -4.53 -9.42
C ASP C 58 17.54 -3.85 -8.70
N ARG C 59 18.24 -3.00 -9.42
CA ARG C 59 19.42 -2.30 -8.93
C ARG C 59 19.12 -0.82 -8.73
N PRO C 60 20.01 -0.08 -8.08
CA PRO C 60 19.71 1.34 -7.93
C PRO C 60 19.49 2.09 -9.26
N LYS C 61 18.70 3.15 -9.20
CA LYS C 61 18.29 3.89 -10.39
C LYS C 61 19.03 5.21 -10.44
N PRO C 62 19.32 5.70 -11.65
CA PRO C 62 19.90 7.03 -11.76
C PRO C 62 18.90 8.07 -11.24
N LEU C 63 19.39 9.23 -10.85
CA LEU C 63 18.52 10.34 -10.47
C LEU C 63 17.53 10.67 -11.60
N GLU C 64 16.34 11.07 -11.18
CA GLU C 64 15.22 11.28 -12.08
C GLU C 64 15.37 12.38 -13.09
N ASN C 65 15.89 13.53 -12.67
CA ASN C 65 16.07 14.59 -13.62
C ASN C 65 17.18 14.38 -14.63
N ALA C 66 18.38 14.10 -14.14
CA ALA C 66 19.55 13.77 -14.96
C ALA C 66 19.77 14.61 -16.20
N ALA C 67 20.75 15.51 -16.20
CA ALA C 67 21.22 16.10 -17.45
C ALA C 67 21.89 14.98 -18.28
N ARG C 68 21.45 14.81 -19.52
CA ARG C 68 22.08 13.91 -20.46
C ARG C 68 23.51 14.40 -20.72
N PRO C 69 24.43 13.46 -20.99
CA PRO C 69 25.80 13.87 -21.28
C PRO C 69 25.81 14.79 -22.50
N VAL C 70 26.52 15.90 -22.38
CA VAL C 70 26.72 16.84 -23.48
C VAL C 70 28.15 16.74 -24.04
N VAL C 71 28.23 16.35 -25.31
CA VAL C 71 29.46 16.36 -26.08
C VAL C 71 29.94 17.81 -26.23
N PRO C 72 31.16 18.11 -25.76
CA PRO C 72 31.75 19.44 -25.86
C PRO C 72 31.92 19.89 -27.31
N TYR C 73 31.50 21.12 -27.65
CA TYR C 73 31.76 21.68 -29.01
C TYR C 73 33.28 21.84 -29.25
N ALA C 74 33.72 21.59 -30.48
CA ALA C 74 35.16 21.67 -30.81
C ALA C 74 35.70 23.11 -30.91
N GLY C 76 36.26 24.04 -34.70
CA GLY C 76 35.86 23.59 -36.04
C GLY C 76 36.94 23.76 -37.11
N ASN C 77 38.10 23.15 -36.89
CA ASN C 77 39.13 22.97 -37.92
C ASN C 77 39.57 21.50 -37.90
N GLY C 78 40.59 21.14 -38.70
CA GLY C 78 41.02 19.73 -38.80
C GLY C 78 41.74 19.14 -37.59
N VAL C 79 42.07 17.86 -37.65
CA VAL C 79 42.81 17.21 -36.55
C VAL C 79 44.30 17.08 -36.86
N LYS C 80 45.11 17.53 -35.90
CA LYS C 80 46.53 17.37 -35.97
C LYS C 80 46.86 15.86 -36.04
N ASP C 81 47.80 15.53 -36.92
CA ASP C 81 48.44 14.24 -37.01
C ASP C 81 48.95 13.88 -35.64
N GLY C 82 48.83 12.61 -35.25
CA GLY C 82 49.39 12.14 -34.01
C GLY C 82 50.02 10.79 -34.18
N THR C 83 50.02 10.02 -33.10
CA THR C 83 50.75 8.77 -33.08
C THR C 83 50.28 7.73 -34.10
N LYS C 84 49.03 7.82 -34.51
CA LYS C 84 48.53 6.98 -35.60
C LYS C 84 49.29 7.25 -36.92
N GLN C 85 49.45 8.52 -37.29
CA GLN C 85 50.18 8.85 -38.53
C GLN C 85 51.64 8.46 -38.43
N LEU C 86 52.22 8.65 -37.23
CA LEU C 86 53.58 8.20 -36.96
C LEU C 86 53.76 6.71 -37.14
N LEU C 87 52.91 5.88 -36.55
CA LEU C 87 53.07 4.44 -36.75
C LEU C 87 52.88 4.01 -38.22
N ASP C 88 51.87 4.55 -38.86
CA ASP C 88 51.69 4.34 -40.31
C ASP C 88 52.94 4.69 -41.13
N THR C 89 53.66 5.74 -40.74
CA THR C 89 54.83 6.21 -41.49
C THR C 89 56.07 5.35 -41.19
N LEU C 90 56.32 5.09 -39.91
CA LEU C 90 57.58 4.49 -39.41
C LEU C 90 57.61 2.96 -39.30
N GLY C 91 56.44 2.35 -39.17
CA GLY C 91 56.33 0.96 -38.74
C GLY C 91 56.71 0.86 -37.27
N PRO C 92 56.43 -0.29 -36.65
CA PRO C 92 56.48 -0.36 -35.22
C PRO C 92 57.88 -0.29 -34.64
N LYS C 93 58.87 -0.84 -35.33
CA LYS C 93 60.22 -0.92 -34.81
C LYS C 93 60.78 0.52 -34.64
N LYS C 94 60.70 1.30 -35.71
CA LYS C 94 61.15 2.69 -35.70
C LYS C 94 60.24 3.53 -34.79
N PHE C 95 58.94 3.22 -34.74
CA PHE C 95 58.07 3.88 -33.78
C PHE C 95 58.53 3.70 -32.31
N GLY C 96 58.95 2.50 -31.94
CA GLY C 96 59.40 2.27 -30.57
C GLY C 96 60.63 3.10 -30.28
N GLU C 97 61.49 3.21 -31.28
CA GLU C 97 62.72 4.00 -31.12
C GLU C 97 62.38 5.46 -30.90
N TRP C 98 61.42 5.96 -31.69
CA TRP C 98 60.88 7.31 -31.52
C TRP C 98 60.34 7.52 -30.10
N MET C 99 59.53 6.56 -29.62
CA MET C 99 59.00 6.61 -28.26
C MET C 99 60.12 6.69 -27.21
N ARG C 100 61.07 5.79 -27.35
CA ARG C 100 62.20 5.75 -26.45
C ARG C 100 62.87 7.13 -26.37
N ASN C 101 63.18 7.71 -27.51
CA ASN C 101 63.91 8.99 -27.55
C ASN C 101 63.07 10.18 -27.12
N GLU C 102 61.75 10.04 -27.17
CA GLU C 102 60.86 11.14 -26.87
C GLU C 102 61.05 11.55 -25.40
N LYS C 103 61.40 12.82 -25.21
CA LYS C 103 61.69 13.38 -23.90
C LYS C 103 60.41 13.46 -23.05
N ARG C 104 59.33 14.00 -23.58
CA ARG C 104 58.08 14.11 -22.81
C ARG C 104 57.51 12.73 -22.44
N VAL C 105 56.90 12.61 -21.26
CA VAL C 105 56.17 11.39 -20.94
C VAL C 105 54.90 11.30 -21.80
N LEU C 106 54.66 10.12 -22.34
CA LEU C 106 53.50 9.88 -23.20
C LEU C 106 52.38 9.31 -22.33
N LEU C 107 51.12 9.59 -22.69
CA LEU C 107 49.97 9.14 -21.91
C LEU C 107 49.02 8.27 -22.69
N THR C 108 48.61 7.20 -22.03
CA THR C 108 47.52 6.36 -22.48
C THR C 108 46.29 6.60 -21.57
N ASP C 109 45.16 6.92 -22.19
CA ASP C 109 43.90 7.09 -21.46
C ASP C 109 43.18 5.76 -21.50
N THR C 110 42.85 5.26 -20.32
CA THR C 110 42.18 3.97 -20.18
C THR C 110 40.69 4.05 -19.82
N THR C 111 40.12 5.25 -19.83
CA THR C 111 38.72 5.44 -19.47
C THR C 111 37.78 4.60 -20.28
N MET C 112 38.08 4.42 -21.57
CA MET C 112 37.24 3.63 -22.47
C MET C 112 37.30 2.11 -22.24
N ARG C 113 38.20 1.62 -21.39
CA ARG C 113 38.28 0.17 -21.14
C ARG C 113 38.46 -0.16 -19.65
N ASP C 114 39.65 -0.01 -19.11
CA ASP C 114 39.95 -0.48 -17.76
C ASP C 114 39.17 0.33 -16.72
N GLY C 115 38.97 1.61 -17.03
CA GLY C 115 38.28 2.56 -16.17
C GLY C 115 36.92 2.06 -15.74
N HIS C 116 36.09 1.68 -16.72
CA HIS C 116 34.75 1.23 -16.37
C HIS C 116 34.69 -0.29 -16.09
N GLN C 117 35.59 -1.04 -16.68
CA GLN C 117 35.81 -2.42 -16.27
C GLN C 117 36.05 -2.51 -14.76
N SER C 118 36.86 -1.60 -14.25
CA SER C 118 37.20 -1.63 -12.84
C SER C 118 36.11 -1.04 -11.96
N LEU C 119 35.39 -0.02 -12.42
CA LEU C 119 34.43 0.67 -11.56
C LEU C 119 32.98 0.33 -11.81
N LEU C 120 32.62 0.03 -13.07
CA LEU C 120 31.23 -0.18 -13.46
C LEU C 120 30.97 -1.57 -14.08
N ALA C 121 31.71 -2.57 -13.62
CA ALA C 121 31.53 -3.92 -14.16
C ALA C 121 31.58 -3.99 -15.69
N THR C 122 32.35 -3.10 -16.33
CA THR C 122 32.52 -3.12 -17.80
C THR C 122 31.20 -2.91 -18.55
N ARG C 123 30.23 -2.27 -17.93
CA ARG C 123 28.90 -2.12 -18.56
C ARG C 123 28.71 -0.86 -19.41
N MET C 124 29.77 -0.09 -19.58
CA MET C 124 29.75 1.12 -20.38
C MET C 124 29.44 0.87 -21.87
N ARG C 125 28.52 1.63 -22.44
CA ARG C 125 28.03 1.35 -23.80
C ARG C 125 28.71 2.13 -24.91
N THR C 126 28.71 1.48 -26.07
CA THR C 126 29.25 2.00 -27.31
C THR C 126 28.74 3.39 -27.56
N TYR C 127 27.46 3.61 -27.32
CA TYR C 127 26.87 4.92 -27.57
C TYR C 127 27.63 6.04 -26.85
N ASP C 128 28.01 5.81 -25.58
CA ASP C 128 28.62 6.83 -24.76
C ASP C 128 30.11 6.96 -25.09
N ILE C 129 30.72 5.84 -25.47
CA ILE C 129 32.15 5.76 -25.74
C ILE C 129 32.49 6.39 -27.11
N ALA C 130 31.79 5.98 -28.15
CA ALA C 130 32.03 6.53 -29.49
C ALA C 130 31.75 8.02 -29.60
N ARG C 131 30.81 8.54 -28.83
CA ARG C 131 30.38 9.94 -28.95
C ARG C 131 31.46 10.94 -28.49
N ILE C 132 32.39 10.51 -27.66
CA ILE C 132 33.47 11.37 -27.19
C ILE C 132 34.79 11.20 -27.98
N ALA C 133 34.90 10.18 -28.82
CA ALA C 133 36.15 9.93 -29.53
C ALA C 133 36.61 11.12 -30.34
N GLY C 134 35.70 11.77 -31.03
CA GLY C 134 36.05 12.95 -31.86
C GLY C 134 36.65 14.09 -31.05
N THR C 135 36.21 14.23 -29.81
CA THR C 135 36.65 15.30 -28.91
C THR C 135 38.07 15.02 -28.45
N TYR C 136 38.36 13.77 -28.13
CA TYR C 136 39.72 13.37 -27.82
C TYR C 136 40.61 13.72 -29.00
N SER C 137 40.15 13.33 -30.18
CA SER C 137 40.88 13.51 -31.39
C SER C 137 41.24 14.97 -31.65
N HIS C 138 40.30 15.89 -31.52
CA HIS C 138 40.55 17.32 -31.77
CA HIS C 138 40.62 17.30 -31.78
C HIS C 138 41.29 17.98 -30.58
N ALA C 139 41.02 17.52 -29.36
CA ALA C 139 41.45 18.29 -28.17
C ALA C 139 42.64 17.74 -27.42
N LEU C 140 42.89 16.45 -27.52
CA LEU C 140 44.06 15.88 -26.92
C LEU C 140 44.85 15.07 -27.93
N PRO C 141 45.27 15.73 -29.03
CA PRO C 141 45.92 14.99 -30.12
C PRO C 141 47.32 14.52 -29.80
N ASN C 142 47.87 14.88 -28.64
CA ASN C 142 49.20 14.43 -28.23
C ASN C 142 49.20 13.10 -27.46
N LEU C 143 48.02 12.56 -27.13
CA LEU C 143 47.93 11.26 -26.42
C LEU C 143 48.66 10.15 -27.16
N LEU C 144 49.32 9.26 -26.43
CA LEU C 144 49.93 8.10 -27.07
C LEU C 144 48.83 7.24 -27.67
N SER C 145 47.83 6.94 -26.86
CA SER C 145 46.77 6.04 -27.32
C SER C 145 45.57 6.07 -26.42
N LEU C 146 44.53 5.41 -26.88
CA LEU C 146 43.29 5.25 -26.15
C LEU C 146 43.17 3.76 -25.89
N GLU C 147 43.15 3.37 -24.63
CA GLU C 147 42.91 1.97 -24.32
C GLU C 147 41.41 1.82 -24.39
N CYS C 148 40.92 1.13 -25.42
CA CYS C 148 39.50 1.12 -25.67
C CYS C 148 38.93 -0.24 -26.07
N TRP C 149 39.68 -1.31 -25.89
CA TRP C 149 39.21 -2.61 -26.40
C TRP C 149 39.89 -3.73 -25.66
N GLY C 150 39.36 -4.93 -25.83
CA GLY C 150 39.86 -6.10 -25.13
C GLY C 150 39.47 -6.10 -23.66
N GLY C 151 40.21 -6.85 -22.86
CA GLY C 151 39.79 -7.10 -21.49
C GLY C 151 38.37 -7.66 -21.52
N ALA C 152 37.55 -7.29 -20.55
CA ALA C 152 36.20 -7.83 -20.43
C ALA C 152 35.19 -7.27 -21.45
N THR C 153 35.57 -6.23 -22.20
CA THR C 153 34.62 -5.53 -23.07
C THR C 153 34.11 -6.39 -24.22
N PHE C 154 34.96 -7.23 -24.75
CA PHE C 154 34.58 -8.06 -25.89
C PHE C 154 33.36 -8.92 -25.56
N ASP C 155 33.46 -9.60 -24.43
CA ASP C 155 32.46 -10.53 -23.89
C ASP C 155 31.19 -9.78 -23.37
N VAL C 156 31.41 -8.78 -22.54
CA VAL C 156 30.35 -8.07 -21.85
C VAL C 156 29.47 -7.31 -22.85
N SER C 157 30.08 -6.68 -23.86
CA SER C 157 29.36 -5.95 -24.89
C SER C 157 28.23 -6.80 -25.45
N MET C 158 28.59 -7.98 -25.94
CA MET C 158 27.63 -8.87 -26.55
C MET C 158 26.64 -9.43 -25.53
N ARG C 159 27.13 -9.83 -24.37
CA ARG C 159 26.32 -10.64 -23.48
C ARG C 159 25.34 -9.79 -22.69
N PHE C 160 25.83 -8.69 -22.11
CA PHE C 160 25.05 -7.91 -21.17
C PHE C 160 24.51 -6.62 -21.77
N LEU C 161 25.02 -6.20 -22.93
CA LEU C 161 24.60 -4.93 -23.53
C LEU C 161 24.04 -5.09 -24.93
N THR C 162 23.93 -6.32 -25.44
CA THR C 162 23.30 -6.56 -26.75
C THR C 162 23.97 -5.71 -27.85
N GLU C 163 25.30 -5.60 -27.82
CA GLU C 163 26.04 -4.89 -28.87
C GLU C 163 27.33 -5.57 -29.27
N ASP C 164 27.80 -5.19 -30.45
CA ASP C 164 28.92 -5.81 -31.14
C ASP C 164 30.21 -5.06 -30.85
N PRO C 165 31.22 -5.77 -30.32
CA PRO C 165 32.45 -5.09 -29.98
C PRO C 165 33.21 -4.58 -31.19
N TRP C 166 33.05 -5.24 -32.35
CA TRP C 166 33.65 -4.71 -33.59
C TRP C 166 33.02 -3.39 -34.03
N GLU C 167 31.69 -3.30 -33.96
CA GLU C 167 31.03 -2.03 -34.28
C GLU C 167 31.63 -0.93 -33.41
N ARG C 168 31.84 -1.20 -32.11
CA ARG C 168 32.45 -0.22 -31.17
C ARG C 168 33.81 0.24 -31.63
N LEU C 169 34.68 -0.70 -31.91
CA LEU C 169 36.02 -0.38 -32.34
C LEU C 169 36.01 0.50 -33.56
N ALA C 170 35.20 0.14 -34.54
CA ALA C 170 35.11 0.85 -35.81
C ALA C 170 34.62 2.30 -35.61
N LEU C 171 33.68 2.50 -34.70
CA LEU C 171 33.15 3.85 -34.43
C LEU C 171 34.23 4.70 -33.74
N ILE C 172 35.03 4.08 -32.87
CA ILE C 172 36.15 4.79 -32.26
C ILE C 172 37.24 5.11 -33.30
N ARG C 173 37.52 4.19 -34.21
CA ARG C 173 38.50 4.41 -35.28
C ARG C 173 38.10 5.61 -36.17
N GLU C 174 36.82 5.69 -36.51
CA GLU C 174 36.29 6.75 -37.34
C GLU C 174 36.47 8.12 -36.63
N GLY C 175 36.16 8.19 -35.33
CA GLY C 175 36.20 9.43 -34.57
C GLY C 175 37.58 9.93 -34.16
N ALA C 176 38.56 9.04 -34.07
CA ALA C 176 39.92 9.43 -33.74
C ALA C 176 40.97 8.80 -34.66
N PRO C 177 41.04 9.28 -35.93
CA PRO C 177 41.98 8.74 -36.91
C PRO C 177 43.45 9.12 -36.68
N ASN C 178 43.72 9.93 -35.65
CA ASN C 178 45.06 10.42 -35.35
C ASN C 178 45.70 9.84 -34.09
N LEU C 179 44.95 9.05 -33.33
CA LEU C 179 45.46 8.39 -32.10
C LEU C 179 45.58 6.87 -32.26
N LEU C 180 46.57 6.28 -31.61
CA LEU C 180 46.68 4.83 -31.63
C LEU C 180 45.55 4.29 -30.80
N LEU C 181 44.93 3.23 -31.30
CA LEU C 181 43.95 2.50 -30.53
C LEU C 181 44.59 1.24 -29.94
N GLN C 182 44.45 1.12 -28.64
CA GLN C 182 45.13 0.10 -27.87
C GLN C 182 44.14 -0.88 -27.22
N MET C 183 44.48 -2.16 -27.28
CA MET C 183 43.70 -3.22 -26.62
C MET C 183 44.54 -3.97 -25.58
N LEU C 184 43.87 -4.61 -24.63
CA LEU C 184 44.50 -5.65 -23.80
C LEU C 184 44.21 -7.00 -24.42
N LEU C 185 45.26 -7.78 -24.66
CA LEU C 185 45.17 -9.09 -25.27
C LEU C 185 45.81 -10.10 -24.31
N ARG C 186 45.08 -11.16 -23.99
CA ARG C 186 45.49 -12.04 -22.91
C ARG C 186 46.46 -13.16 -23.25
N GLY C 187 47.07 -13.10 -24.44
CA GLY C 187 48.25 -13.93 -24.72
C GLY C 187 47.91 -15.26 -25.35
N ALA C 188 47.76 -16.30 -24.55
CA ALA C 188 47.24 -17.56 -25.08
C ALA C 188 45.71 -17.55 -25.08
N ASN C 189 45.14 -16.65 -24.29
CA ASN C 189 43.70 -16.64 -24.05
C ASN C 189 42.92 -15.71 -24.95
N GLY C 190 43.61 -15.00 -25.84
CA GLY C 190 42.97 -13.99 -26.71
C GLY C 190 42.25 -12.97 -25.86
N VAL C 191 40.95 -12.83 -26.09
CA VAL C 191 40.04 -12.07 -25.23
C VAL C 191 39.10 -13.02 -24.46
N GLY C 192 39.51 -14.28 -24.32
CA GLY C 192 38.73 -15.29 -23.58
C GLY C 192 39.28 -15.64 -22.20
N TYR C 193 38.73 -16.71 -21.63
CA TYR C 193 39.19 -17.25 -20.36
C TYR C 193 39.86 -18.64 -20.56
N THR C 194 39.45 -19.35 -21.62
CA THR C 194 40.09 -20.63 -22.00
C THR C 194 41.31 -20.46 -22.94
N ASN C 195 42.01 -21.56 -23.21
CA ASN C 195 43.15 -21.56 -24.14
C ASN C 195 42.76 -22.10 -25.51
N TYR C 196 43.27 -21.44 -26.56
CA TYR C 196 42.80 -21.66 -27.91
C TYR C 196 43.93 -22.18 -28.79
N PRO C 197 43.58 -22.88 -29.88
CA PRO C 197 44.62 -23.33 -30.82
C PRO C 197 45.35 -22.15 -31.45
N ASP C 198 46.60 -22.35 -31.80
CA ASP C 198 47.44 -21.30 -32.36
C ASP C 198 46.77 -20.55 -33.52
N ASN C 199 46.20 -21.29 -34.47
CA ASN C 199 45.64 -20.67 -35.67
C ASN C 199 44.42 -19.75 -35.39
N VAL C 200 43.74 -20.00 -34.29
CA VAL C 200 42.63 -19.17 -33.83
C VAL C 200 43.16 -17.92 -33.15
N VAL C 201 44.22 -18.08 -32.38
CA VAL C 201 44.86 -16.91 -31.77
C VAL C 201 45.35 -15.98 -32.87
N LYS C 202 46.03 -16.53 -33.86
CA LYS C 202 46.52 -15.75 -34.99
C LYS C 202 45.36 -15.12 -35.74
N TYR C 203 44.29 -15.89 -35.97
CA TYR C 203 43.19 -15.42 -36.79
C TYR C 203 42.50 -14.21 -36.10
N PHE C 204 42.41 -14.27 -34.77
CA PHE C 204 41.85 -13.18 -34.01
C PHE C 204 42.68 -11.89 -34.05
N VAL C 205 43.96 -12.04 -33.80
CA VAL C 205 44.87 -10.91 -33.87
C VAL C 205 44.76 -10.26 -35.27
N ARG C 206 44.79 -11.08 -36.34
CA ARG C 206 44.64 -10.56 -37.72
C ARG C 206 43.35 -9.74 -37.87
N GLN C 207 42.22 -10.20 -37.33
CA GLN C 207 41.00 -9.42 -37.41
C GLN C 207 41.08 -8.16 -36.54
N ALA C 208 41.69 -8.27 -35.36
CA ALA C 208 41.83 -7.14 -34.46
C ALA C 208 42.52 -5.96 -35.14
N ALA C 209 43.60 -6.26 -35.85
CA ALA C 209 44.34 -5.27 -36.64
C ALA C 209 43.55 -4.75 -37.82
N LYS C 210 42.83 -5.62 -38.53
CA LYS C 210 41.96 -5.15 -39.60
C LYS C 210 40.89 -4.22 -39.03
N GLY C 211 40.32 -4.61 -37.88
CA GLY C 211 39.26 -3.85 -37.24
C GLY C 211 39.68 -2.50 -36.69
N GLY C 212 40.99 -2.24 -36.58
CA GLY C 212 41.44 -0.92 -36.14
C GLY C 212 42.35 -0.80 -34.93
N ILE C 213 42.73 -1.91 -34.32
CA ILE C 213 43.74 -1.92 -33.25
C ILE C 213 45.17 -1.71 -33.79
N ASP C 214 45.89 -0.81 -33.12
CA ASP C 214 47.25 -0.45 -33.48
C ASP C 214 48.26 -0.93 -32.47
N LEU C 215 47.83 -0.99 -31.20
CA LEU C 215 48.75 -1.23 -30.11
C LEU C 215 48.20 -2.34 -29.24
N PHE C 216 48.83 -3.51 -29.32
CA PHE C 216 48.42 -4.68 -28.58
C PHE C 216 49.25 -4.79 -27.32
N ARG C 217 48.65 -4.57 -26.16
CA ARG C 217 49.32 -4.86 -24.88
C ARG C 217 49.03 -6.31 -24.54
N VAL C 218 50.07 -7.13 -24.66
CA VAL C 218 49.89 -8.56 -24.60
C VAL C 218 50.59 -9.10 -23.34
N PHE C 219 49.88 -9.95 -22.61
CA PHE C 219 50.37 -10.47 -21.35
C PHE C 219 50.03 -11.94 -21.16
N ASP C 220 50.77 -12.58 -20.28
CA ASP C 220 50.54 -13.96 -19.90
C ASP C 220 50.39 -13.97 -18.39
N CYS C 221 49.47 -14.80 -17.89
CA CYS C 221 49.07 -14.73 -16.49
C CYS C 221 50.12 -15.25 -15.53
N LEU C 222 51.08 -16.01 -16.05
CA LEU C 222 52.20 -16.52 -15.24
C LEU C 222 53.53 -15.89 -15.63
N ASN C 223 53.50 -14.86 -16.46
CA ASN C 223 54.71 -14.28 -17.07
C ASN C 223 55.54 -15.37 -17.76
N TRP C 224 54.88 -16.27 -18.49
CA TRP C 224 55.57 -17.33 -19.21
C TRP C 224 55.82 -16.92 -20.66
N VAL C 225 57.07 -16.62 -20.98
CA VAL C 225 57.42 -16.03 -22.27
C VAL C 225 57.12 -16.96 -23.45
N GLU C 226 57.44 -18.24 -23.26
CA GLU C 226 57.03 -19.30 -24.19
C GLU C 226 55.54 -19.22 -24.62
N ASN C 227 54.64 -18.87 -23.69
CA ASN C 227 53.21 -18.80 -23.99
C ASN C 227 52.78 -17.53 -24.74
N MET C 228 53.69 -16.57 -24.88
CA MET C 228 53.40 -15.29 -25.51
C MET C 228 53.84 -15.23 -26.98
N ARG C 229 54.74 -16.11 -27.37
CA ARG C 229 55.41 -15.97 -28.66
C ARG C 229 54.44 -16.00 -29.83
N VAL C 230 53.46 -16.89 -29.79
CA VAL C 230 52.51 -17.01 -30.88
C VAL C 230 51.76 -15.70 -31.06
N SER C 231 51.38 -15.07 -29.96
CA SER C 231 50.73 -13.75 -30.01
C SER C 231 51.64 -12.66 -30.51
N MET C 232 52.84 -12.61 -29.93
CA MET C 232 53.82 -11.59 -30.26
C MET C 232 54.16 -11.67 -31.75
N ASP C 233 54.34 -12.87 -32.28
CA ASP C 233 54.61 -13.05 -33.71
C ASP C 233 53.40 -12.66 -34.58
N ALA C 234 52.19 -13.04 -34.21
CA ALA C 234 51.00 -12.64 -34.96
C ALA C 234 50.93 -11.12 -35.08
N ILE C 235 51.21 -10.43 -33.99
CA ILE C 235 51.14 -8.99 -33.96
C ILE C 235 52.18 -8.37 -34.89
N ALA C 236 53.39 -8.93 -34.87
CA ALA C 236 54.46 -8.48 -35.75
C ALA C 236 54.13 -8.78 -37.21
N GLU C 237 53.49 -9.92 -37.48
CA GLU C 237 53.06 -10.24 -38.84
C GLU C 237 52.06 -9.21 -39.37
N GLU C 238 51.21 -8.69 -38.48
CA GLU C 238 50.25 -7.68 -38.90
C GLU C 238 50.88 -6.27 -38.88
N ASN C 239 52.15 -6.18 -38.51
CA ASN C 239 52.89 -4.93 -38.56
C ASN C 239 52.29 -3.87 -37.63
N LYS C 240 51.77 -4.32 -36.50
CA LYS C 240 51.31 -3.41 -35.44
C LYS C 240 52.29 -3.41 -34.30
N LEU C 241 52.01 -2.59 -33.29
CA LEU C 241 52.87 -2.51 -32.09
C LEU C 241 52.55 -3.62 -31.09
N CYS C 242 53.60 -4.28 -30.65
CA CYS C 242 53.52 -5.41 -29.77
C CYS C 242 54.12 -4.94 -28.50
N GLU C 243 53.27 -4.65 -27.52
CA GLU C 243 53.73 -4.19 -26.24
C GLU C 243 53.62 -5.38 -25.31
N ALA C 244 54.74 -6.06 -25.12
CA ALA C 244 54.77 -7.25 -24.28
C ALA C 244 54.86 -6.79 -22.84
N ALA C 245 53.94 -7.30 -22.01
CA ALA C 245 53.86 -6.87 -20.62
C ALA C 245 54.51 -7.85 -19.65
N ILE C 246 55.09 -7.31 -18.60
CA ILE C 246 55.56 -8.10 -17.46
C ILE C 246 54.63 -7.75 -16.34
N CYS C 247 53.90 -8.72 -15.81
CA CYS C 247 52.97 -8.44 -14.73
C CYS C 247 53.78 -8.32 -13.46
N TYR C 248 53.55 -7.25 -12.69
CA TYR C 248 54.26 -7.03 -11.42
C TYR C 248 53.50 -7.69 -10.26
N THR C 249 54.21 -8.45 -9.43
CA THR C 249 53.65 -8.96 -8.18
C THR C 249 54.75 -8.91 -7.12
N GLY C 250 54.33 -8.97 -5.85
CA GLY C 250 55.24 -8.82 -4.70
C GLY C 250 55.85 -7.42 -4.48
N ASP C 251 57.09 -7.44 -4.01
CA ASP C 251 57.83 -6.24 -3.66
C ASP C 251 59.34 -6.46 -3.86
N ILE C 252 59.88 -5.95 -4.95
CA ILE C 252 61.32 -6.03 -5.23
C ILE C 252 62.23 -5.47 -4.15
N LEU C 253 61.74 -4.57 -3.31
CA LEU C 253 62.56 -4.03 -2.20
C LEU C 253 62.39 -4.80 -0.89
N ASN C 254 61.69 -5.94 -0.94
CA ASN C 254 61.57 -6.79 0.22
C ASN C 254 62.39 -8.08 0.02
N SER C 255 63.60 -8.09 0.58
CA SER C 255 64.50 -9.23 0.45
C SER C 255 63.98 -10.52 1.10
N ALA C 256 63.02 -10.39 2.01
CA ALA C 256 62.34 -11.58 2.56
C ALA C 256 61.34 -12.20 1.57
N ARG C 257 61.34 -11.71 0.34
CA ARG C 257 60.54 -12.26 -0.75
C ARG C 257 61.35 -12.23 -2.07
N PRO C 258 62.38 -13.08 -2.19
CA PRO C 258 63.37 -12.99 -3.28
C PRO C 258 62.88 -13.39 -4.68
N LYS C 259 61.86 -14.23 -4.74
CA LYS C 259 61.38 -14.84 -5.99
C LYS C 259 61.08 -13.78 -7.04
N TYR C 260 60.42 -12.70 -6.62
CA TYR C 260 60.08 -11.61 -7.52
C TYR C 260 60.96 -10.39 -7.21
N ASP C 261 62.27 -10.53 -7.55
CA ASP C 261 63.28 -9.48 -7.31
C ASP C 261 63.56 -8.63 -8.56
N LEU C 262 64.42 -7.64 -8.39
CA LEU C 262 64.71 -6.72 -9.48
C LEU C 262 65.09 -7.46 -10.77
N LYS C 263 66.00 -8.43 -10.66
CA LYS C 263 66.48 -9.13 -11.83
C LYS C 263 65.45 -10.06 -12.48
N TYR C 264 64.51 -10.58 -11.70
CA TYR C 264 63.36 -11.29 -12.29
C TYR C 264 62.71 -10.42 -13.40
N TYR C 265 62.58 -9.13 -13.13
CA TYR C 265 61.95 -8.22 -14.10
C TYR C 265 62.91 -7.79 -15.23
N THR C 266 64.15 -7.48 -14.91
CA THR C 266 65.07 -7.07 -15.96
C THR C 266 65.37 -8.24 -16.91
N ASN C 267 65.35 -9.46 -16.40
CA ASN C 267 65.56 -10.64 -17.26
C ASN C 267 64.40 -10.90 -18.18
N LEU C 268 63.20 -10.71 -17.67
CA LEU C 268 62.05 -10.91 -18.53
C LEU C 268 62.08 -9.82 -19.61
N ALA C 269 62.40 -8.58 -19.24
CA ALA C 269 62.45 -7.52 -20.22
C ALA C 269 63.41 -7.88 -21.36
N VAL C 270 64.58 -8.41 -21.02
CA VAL C 270 65.56 -8.86 -22.03
C VAL C 270 65.01 -9.97 -22.95
N GLU C 271 64.34 -10.97 -22.37
CA GLU C 271 63.79 -12.09 -23.15
C GLU C 271 62.61 -11.64 -24.04
N LEU C 272 61.85 -10.67 -23.56
CA LEU C 272 60.75 -10.16 -24.37
C LEU C 272 61.28 -9.37 -25.59
N GLU C 273 62.34 -8.58 -25.40
CA GLU C 273 63.05 -7.93 -26.51
C GLU C 273 63.53 -8.95 -27.54
N LYS C 274 64.19 -10.01 -27.08
CA LYS C 274 64.68 -11.07 -27.99
C LYS C 274 63.52 -11.70 -28.77
N ALA C 275 62.35 -11.74 -28.15
CA ALA C 275 61.19 -12.39 -28.74
C ALA C 275 60.41 -11.47 -29.70
N GLY C 276 60.86 -10.22 -29.83
CA GLY C 276 60.34 -9.29 -30.86
C GLY C 276 59.40 -8.21 -30.39
N ALA C 277 59.44 -7.88 -29.11
CA ALA C 277 58.61 -6.81 -28.58
C ALA C 277 59.09 -5.47 -29.11
N HIS C 278 58.15 -4.54 -29.26
CA HIS C 278 58.47 -3.20 -29.70
C HIS C 278 58.50 -2.32 -28.48
N ILE C 279 57.70 -2.67 -27.48
CA ILE C 279 57.57 -1.91 -26.21
C ILE C 279 57.46 -2.91 -25.05
N ILE C 280 58.02 -2.59 -23.90
CA ILE C 280 57.84 -3.42 -22.69
C ILE C 280 56.87 -2.69 -21.78
N ALA C 281 55.87 -3.42 -21.27
CA ALA C 281 54.99 -2.81 -20.29
C ALA C 281 55.23 -3.40 -18.92
N VAL C 282 55.13 -2.58 -17.89
CA VAL C 282 54.96 -3.13 -16.56
C VAL C 282 53.47 -3.06 -16.25
N KCX C 283 52.84 -4.22 -16.09
CA KCX C 283 51.40 -4.28 -15.87
CB KCX C 283 50.77 -5.35 -16.77
CG KCX C 283 49.32 -5.66 -16.40
CD KCX C 283 48.52 -6.29 -17.51
CE KCX C 283 47.07 -6.50 -17.08
NZ KCX C 283 46.21 -5.41 -17.45
C KCX C 283 51.23 -4.58 -14.42
O KCX C 283 51.36 -5.72 -14.00
CX KCX C 283 45.56 -4.63 -16.60
OQ1 KCX C 283 45.63 -4.75 -15.38
OQ2 KCX C 283 44.80 -3.67 -17.13
N ASP C 284 50.95 -3.52 -13.64
CA ASP C 284 50.77 -3.62 -12.20
C ASP C 284 49.28 -3.74 -11.94
N MET C 285 48.75 -4.92 -12.22
CA MET C 285 47.29 -5.15 -12.21
C MET C 285 46.61 -4.95 -10.87
N ALA C 286 47.36 -5.11 -9.78
CA ALA C 286 46.80 -4.94 -8.44
C ALA C 286 47.20 -3.64 -7.78
N GLY C 287 48.01 -2.84 -8.46
CA GLY C 287 48.45 -1.56 -7.90
C GLY C 287 49.37 -1.78 -6.73
N LEU C 288 50.31 -2.72 -6.87
CA LEU C 288 51.20 -3.12 -5.77
C LEU C 288 52.56 -2.43 -5.84
N LEU C 289 52.93 -1.91 -7.00
CA LEU C 289 54.20 -1.21 -7.11
C LEU C 289 54.19 0.06 -6.31
N LYS C 290 55.16 0.16 -5.42
CA LYS C 290 55.32 1.31 -4.55
C LYS C 290 56.30 2.33 -5.14
N PRO C 291 56.21 3.60 -4.69
CA PRO C 291 57.04 4.70 -5.27
C PRO C 291 58.56 4.46 -5.29
N ALA C 292 59.14 4.06 -4.16
CA ALA C 292 60.56 3.76 -4.08
C ALA C 292 60.96 2.60 -5.01
N ALA C 293 60.13 1.57 -5.12
CA ALA C 293 60.41 0.48 -6.06
C ALA C 293 60.35 0.94 -7.52
N ALA C 294 59.44 1.86 -7.83
CA ALA C 294 59.32 2.35 -9.22
C ALA C 294 60.61 3.07 -9.61
N LYS C 295 61.13 3.86 -8.68
CA LYS C 295 62.39 4.57 -8.86
C LYS C 295 63.54 3.63 -9.25
N VAL C 296 63.68 2.53 -8.53
CA VAL C 296 64.66 1.52 -8.87
C VAL C 296 64.27 0.75 -10.15
N LEU C 297 63.01 0.31 -10.27
CA LEU C 297 62.63 -0.58 -11.40
C LEU C 297 62.77 0.03 -12.80
N PHE C 298 62.34 1.28 -12.94
CA PHE C 298 62.32 1.93 -14.25
C PHE C 298 63.70 2.42 -14.67
N LYS C 299 64.53 2.79 -13.70
CA LYS C 299 65.94 3.10 -14.03
C LYS C 299 66.62 1.84 -14.55
N ALA C 300 66.38 0.71 -13.90
CA ALA C 300 66.98 -0.56 -14.31
C ALA C 300 66.46 -1.07 -15.65
N LEU C 301 65.16 -1.01 -15.86
CA LEU C 301 64.59 -1.49 -17.13
C LEU C 301 65.14 -0.72 -18.34
N ARG C 302 65.31 0.58 -18.15
CA ARG C 302 65.86 1.40 -19.21
C ARG C 302 67.32 1.00 -19.52
N GLU C 303 68.05 0.57 -18.49
CA GLU C 303 69.41 0.08 -18.70
C GLU C 303 69.41 -1.34 -19.28
N ALA C 304 68.49 -2.19 -18.85
CA ALA C 304 68.51 -3.59 -19.29
C ALA C 304 68.06 -3.79 -20.74
N THR C 305 67.11 -3.01 -21.23
CA THR C 305 66.64 -3.18 -22.62
C THR C 305 66.73 -1.87 -23.36
N GLY C 306 66.78 -1.95 -24.69
CA GLY C 306 66.70 -0.76 -25.56
C GLY C 306 65.28 -0.32 -25.89
N LEU C 307 64.28 -1.10 -25.46
CA LEU C 307 62.89 -0.79 -25.81
C LEU C 307 62.29 0.30 -24.93
N PRO C 308 61.31 1.04 -25.45
CA PRO C 308 60.56 1.94 -24.55
C PRO C 308 59.77 1.18 -23.50
N ILE C 309 59.57 1.81 -22.34
CA ILE C 309 58.83 1.21 -21.22
C ILE C 309 57.53 1.97 -21.00
N HIS C 310 56.45 1.21 -20.76
CA HIS C 310 55.11 1.75 -20.61
C HIS C 310 54.51 1.16 -19.30
N PHE C 311 54.04 2.03 -18.40
CA PHE C 311 53.65 1.62 -17.05
C PHE C 311 52.15 1.67 -16.80
N HIS C 312 51.56 0.52 -16.46
CA HIS C 312 50.14 0.44 -16.14
C HIS C 312 49.95 0.00 -14.69
N THR C 313 49.14 0.76 -13.95
CA THR C 313 48.79 0.38 -12.58
C THR C 313 47.36 0.77 -12.18
N HIS C 314 46.99 0.42 -10.95
CA HIS C 314 45.69 0.74 -10.35
C HIS C 314 45.88 1.39 -8.99
N ASP C 315 44.85 2.12 -8.56
CA ASP C 315 44.91 3.06 -7.43
C ASP C 315 44.23 2.53 -6.16
N THR C 316 44.04 1.23 -6.09
CA THR C 316 43.40 0.61 -4.93
C THR C 316 44.01 1.02 -3.60
N SER C 317 45.34 1.14 -3.60
CA SER C 317 46.09 1.61 -2.43
C SER C 317 45.82 3.07 -2.07
N GLY C 318 45.41 3.86 -3.04
CA GLY C 318 45.29 5.31 -2.85
C GLY C 318 46.60 6.09 -2.97
N ILE C 319 47.68 5.46 -3.44
CA ILE C 319 48.96 6.13 -3.67
C ILE C 319 49.57 5.85 -5.06
N ALA C 320 48.80 5.31 -5.98
CA ALA C 320 49.35 4.96 -7.29
C ALA C 320 49.82 6.17 -8.09
N ALA C 321 49.20 7.32 -7.88
CA ALA C 321 49.72 8.54 -8.53
C ALA C 321 51.17 8.75 -8.13
N ALA C 322 51.49 8.48 -6.87
CA ALA C 322 52.86 8.68 -6.39
C ALA C 322 53.84 7.76 -7.11
N THR C 323 53.43 6.52 -7.33
CA THR C 323 54.21 5.54 -8.09
C THR C 323 54.34 5.94 -9.56
N VAL C 324 53.26 6.47 -10.14
CA VAL C 324 53.31 6.99 -11.51
C VAL C 324 54.28 8.16 -11.64
N LEU C 325 54.21 9.13 -10.74
CA LEU C 325 55.14 10.27 -10.80
C LEU C 325 56.56 9.84 -10.50
N ALA C 326 56.76 8.82 -9.66
CA ALA C 326 58.13 8.32 -9.46
C ALA C 326 58.68 7.70 -10.76
N ALA C 327 57.87 6.88 -11.41
CA ALA C 327 58.22 6.27 -12.69
C ALA C 327 58.58 7.31 -13.75
N VAL C 328 57.81 8.40 -13.82
CA VAL C 328 58.12 9.49 -14.76
C VAL C 328 59.49 10.11 -14.41
N GLU C 329 59.68 10.40 -13.13
CA GLU C 329 60.96 10.95 -12.66
C GLU C 329 62.12 10.05 -13.02
N ALA C 330 61.91 8.75 -13.02
CA ALA C 330 62.99 7.78 -13.28
C ALA C 330 63.12 7.39 -14.75
N GLY C 331 62.35 8.04 -15.63
CA GLY C 331 62.53 7.90 -17.08
C GLY C 331 61.52 7.05 -17.87
N VAL C 332 60.47 6.54 -17.25
CA VAL C 332 59.52 5.70 -18.00
C VAL C 332 59.02 6.49 -19.23
N ASP C 333 58.69 5.79 -20.31
CA ASP C 333 58.40 6.48 -21.56
C ASP C 333 56.93 6.87 -21.66
N ALA C 334 56.05 6.00 -21.16
CA ALA C 334 54.63 6.28 -21.13
C ALA C 334 53.98 5.73 -19.87
N VAL C 335 52.85 6.35 -19.49
CA VAL C 335 52.05 5.86 -18.37
C VAL C 335 50.56 5.85 -18.73
N ASP C 336 49.79 5.02 -18.03
CA ASP C 336 48.35 4.95 -18.21
C ASP C 336 47.69 5.77 -17.09
N ALA C 337 46.62 6.49 -17.43
CA ALA C 337 45.75 7.09 -16.43
C ALA C 337 44.31 7.15 -16.91
N ALA C 338 43.38 7.43 -16.00
CA ALA C 338 41.96 7.48 -16.34
C ALA C 338 41.44 8.86 -16.08
N MET C 339 40.50 9.30 -16.89
CA MET C 339 39.84 10.53 -16.66
C MET C 339 39.32 10.57 -15.24
N ASP C 340 39.46 11.74 -14.63
CA ASP C 340 39.15 11.95 -13.23
C ASP C 340 37.84 11.26 -12.84
N ALA C 341 36.79 11.51 -13.64
CA ALA C 341 35.44 11.03 -13.31
C ALA C 341 35.32 9.52 -13.16
N LEU C 342 36.30 8.80 -13.71
CA LEU C 342 36.39 7.34 -13.62
C LEU C 342 37.78 6.86 -13.15
N SER C 343 38.38 7.63 -12.25
CA SER C 343 39.71 7.34 -11.74
C SER C 343 39.64 7.00 -10.25
N GLY C 344 40.73 6.56 -9.63
CA GLY C 344 40.72 6.33 -8.21
C GLY C 344 40.29 4.91 -7.87
N ASN C 345 40.51 4.54 -6.61
CA ASN C 345 40.18 3.19 -6.08
C ASN C 345 40.68 2.10 -7.04
N THR C 346 39.81 1.20 -7.47
CA THR C 346 40.21 0.07 -8.30
C THR C 346 40.55 0.42 -9.75
N SER C 347 40.23 1.62 -10.18
CA SER C 347 40.61 2.08 -11.52
C SER C 347 42.08 2.57 -11.54
N GLN C 348 42.44 3.25 -12.62
CA GLN C 348 43.73 3.96 -12.71
C GLN C 348 43.67 5.22 -11.88
N PRO C 349 44.84 5.75 -11.53
CA PRO C 349 44.83 7.03 -10.82
C PRO C 349 44.51 8.17 -11.78
N CYS C 350 44.33 9.36 -11.23
CA CYS C 350 43.70 10.51 -11.91
C CYS C 350 44.52 11.17 -12.99
N LEU C 351 44.06 11.07 -14.22
CA LEU C 351 44.78 11.65 -15.36
C LEU C 351 45.03 13.13 -15.18
N GLY C 352 43.96 13.90 -14.95
CA GLY C 352 44.06 15.36 -14.82
C GLY C 352 45.02 15.82 -13.76
N SER C 353 45.06 15.13 -12.62
CA SER C 353 45.92 15.55 -11.51
C SER C 353 47.35 15.16 -11.73
N ILE C 354 47.56 14.04 -12.40
CA ILE C 354 48.90 13.63 -12.78
C ILE C 354 49.47 14.60 -13.80
N VAL C 355 48.68 14.93 -14.81
CA VAL C 355 49.12 15.88 -15.80
C VAL C 355 49.42 17.19 -15.11
N GLU C 356 48.57 17.57 -14.17
CA GLU C 356 48.78 18.84 -13.47
C GLU C 356 50.07 18.84 -12.68
N ALA C 357 50.43 17.70 -12.10
CA ALA C 357 51.68 17.56 -11.33
C ALA C 357 52.88 17.68 -12.24
N LEU C 358 52.74 17.33 -13.51
CA LEU C 358 53.85 17.41 -14.45
C LEU C 358 53.97 18.74 -15.21
N SER C 359 52.98 19.60 -15.08
CA SER C 359 52.86 20.82 -15.89
C SER C 359 54.04 21.79 -15.57
N GLY C 360 54.75 22.19 -16.62
CA GLY C 360 55.94 23.03 -16.49
C GLY C 360 57.24 22.28 -16.23
N SER C 361 57.16 20.96 -16.01
CA SER C 361 58.35 20.15 -15.69
C SER C 361 59.03 19.74 -16.98
N GLU C 362 60.26 19.24 -16.85
CA GLU C 362 61.06 18.80 -18.00
C GLU C 362 60.30 17.86 -18.93
N ARG C 363 59.49 16.96 -18.36
CA ARG C 363 58.82 15.92 -19.12
C ARG C 363 57.34 16.18 -19.29
N ASP C 364 56.95 17.45 -19.08
CA ASP C 364 55.59 17.91 -19.31
C ASP C 364 54.96 17.22 -20.52
N PRO C 365 53.79 16.57 -20.34
CA PRO C 365 53.16 15.87 -21.45
C PRO C 365 52.49 16.70 -22.55
N GLY C 366 52.29 18.02 -22.34
CA GLY C 366 51.68 18.89 -23.36
C GLY C 366 50.22 18.61 -23.66
N LEU C 367 49.44 18.43 -22.60
CA LEU C 367 48.01 18.16 -22.70
C LEU C 367 47.24 19.26 -22.00
N ASP C 368 46.29 19.86 -22.70
CA ASP C 368 45.54 20.98 -22.17
C ASP C 368 44.69 20.52 -20.94
N PRO C 369 45.00 21.03 -19.74
CA PRO C 369 44.22 20.67 -18.55
C PRO C 369 42.75 21.04 -18.66
N ALA C 370 42.44 22.13 -19.35
CA ALA C 370 41.05 22.59 -19.46
C ALA C 370 40.22 21.58 -20.26
N TRP C 371 40.86 20.98 -21.27
CA TRP C 371 40.17 19.97 -22.07
C TRP C 371 40.06 18.65 -21.31
N ILE C 372 41.09 18.31 -20.52
CA ILE C 372 41.00 17.12 -19.68
C ILE C 372 39.76 17.28 -18.79
N ARG C 373 39.64 18.43 -18.13
CA ARG C 373 38.46 18.68 -17.32
C ARG C 373 37.13 18.65 -18.07
N ARG C 374 37.04 19.30 -19.24
CA ARG C 374 35.75 19.27 -20.00
C ARG C 374 35.37 17.82 -20.36
N ILE C 375 36.35 17.02 -20.75
CA ILE C 375 36.09 15.64 -21.09
C ILE C 375 35.75 14.81 -19.84
N SER C 376 36.39 15.08 -18.71
CA SER C 376 35.98 14.45 -17.46
C SER C 376 34.52 14.77 -17.05
N PHE C 377 34.09 16.02 -17.19
CA PHE C 377 32.69 16.37 -16.92
CA PHE C 377 32.70 16.40 -16.94
C PHE C 377 31.75 15.51 -17.78
N TYR C 378 32.11 15.28 -19.04
CA TYR C 378 31.28 14.47 -19.94
C TYR C 378 31.16 13.03 -19.40
N TRP C 379 32.31 12.45 -19.06
CA TRP C 379 32.35 11.13 -18.39
C TRP C 379 31.61 11.05 -17.06
N GLU C 380 31.66 12.13 -16.28
CA GLU C 380 30.87 12.20 -15.06
C GLU C 380 29.38 12.07 -15.36
N ALA C 381 28.89 12.83 -16.34
CA ALA C 381 27.47 12.77 -16.70
C ALA C 381 27.14 11.42 -17.30
N VAL C 382 28.07 10.85 -18.05
CA VAL C 382 27.92 9.50 -18.58
C VAL C 382 27.75 8.46 -17.46
N ARG C 383 28.69 8.48 -16.52
CA ARG C 383 28.69 7.58 -15.37
C ARG C 383 27.41 7.61 -14.53
N ASN C 384 26.81 8.78 -14.34
CA ASN C 384 25.54 8.88 -13.61
C ASN C 384 24.44 8.01 -14.19
N GLN C 385 24.50 7.72 -15.49
CA GLN C 385 23.52 6.84 -16.11
C GLN C 385 23.68 5.39 -15.66
N TYR C 386 24.84 5.06 -15.11
CA TYR C 386 25.18 3.69 -14.73
C TYR C 386 25.13 3.46 -13.21
N ALA C 387 24.29 4.21 -12.50
CA ALA C 387 24.15 4.01 -11.07
C ALA C 387 23.86 2.52 -10.69
N ALA C 388 23.21 1.77 -11.57
CA ALA C 388 22.90 0.34 -11.32
C ALA C 388 24.11 -0.51 -11.01
N PHE C 389 25.27 -0.10 -11.51
CA PHE C 389 26.45 -0.95 -11.56
C PHE C 389 27.55 -0.39 -10.71
N GLU C 390 27.22 0.58 -9.87
CA GLU C 390 28.17 1.15 -8.93
C GLU C 390 28.44 0.15 -7.79
N SER C 391 29.69 0.00 -7.40
CA SER C 391 29.99 -0.85 -6.26
C SER C 391 29.89 -0.03 -4.99
N ASP C 392 29.98 -0.69 -3.85
CA ASP C 392 29.95 0.01 -2.58
C ASP C 392 31.37 0.33 -2.04
N LEU C 393 32.36 0.41 -2.94
CA LEU C 393 33.74 0.73 -2.51
C LEU C 393 33.87 2.17 -2.02
N LYS C 394 34.46 2.33 -0.83
CA LYS C 394 34.49 3.60 -0.07
C LYS C 394 35.76 4.43 -0.28
N GLY C 395 36.84 3.76 -0.62
CA GLY C 395 38.09 4.45 -0.88
C GLY C 395 39.31 3.56 -0.81
N PRO C 396 40.48 4.15 -0.59
CA PRO C 396 41.75 3.41 -0.61
C PRO C 396 41.83 2.31 0.44
N ALA C 397 42.56 1.25 0.14
CA ALA C 397 42.75 0.15 1.07
C ALA C 397 44.22 -0.35 1.02
N SER C 398 44.98 -0.21 2.10
CA SER C 398 46.32 -0.81 2.15
C SER C 398 46.21 -2.33 2.22
N GLU C 399 45.02 -2.83 2.51
CA GLU C 399 44.77 -4.26 2.47
C GLU C 399 45.24 -4.89 1.16
N VAL C 400 45.24 -4.09 0.09
CA VAL C 400 45.69 -4.58 -1.20
C VAL C 400 47.10 -5.17 -1.16
N TYR C 401 47.97 -4.68 -0.29
CA TYR C 401 49.32 -5.25 -0.19
C TYR C 401 49.30 -6.63 0.47
N LEU C 402 48.20 -6.98 1.13
CA LEU C 402 48.04 -8.31 1.69
C LEU C 402 47.48 -9.27 0.64
N HIS C 403 46.34 -8.94 0.02
CA HIS C 403 45.62 -9.93 -0.81
C HIS C 403 46.05 -9.95 -2.28
N GLU C 404 46.57 -8.83 -2.78
CA GLU C 404 47.09 -8.78 -4.15
C GLU C 404 46.03 -9.06 -5.23
N MET C 405 44.78 -8.78 -4.90
CA MET C 405 43.69 -8.87 -5.86
C MET C 405 43.80 -7.79 -6.91
N PRO C 406 43.77 -8.16 -8.21
CA PRO C 406 43.76 -7.17 -9.28
C PRO C 406 42.63 -6.17 -9.13
N GLY C 407 42.85 -4.94 -9.58
CA GLY C 407 41.84 -3.90 -9.52
C GLY C 407 40.60 -4.20 -10.36
N GLY C 408 40.80 -4.73 -11.56
CA GLY C 408 39.67 -5.03 -12.44
C GLY C 408 38.94 -6.34 -12.10
N GLN C 409 39.35 -7.00 -11.01
CA GLN C 409 38.65 -8.18 -10.49
C GLN C 409 37.99 -7.91 -9.13
N PHE C 410 38.47 -6.88 -8.41
CA PHE C 410 38.15 -6.74 -6.98
C PHE C 410 36.63 -6.74 -6.71
N THR C 411 35.95 -5.92 -7.50
CA THR C 411 34.53 -5.76 -7.40
C THR C 411 33.77 -7.03 -7.84
N ASN C 412 34.17 -7.60 -8.96
CA ASN C 412 33.58 -8.82 -9.49
C ASN C 412 33.63 -9.99 -8.49
N LEU C 413 34.79 -10.18 -7.86
CA LEU C 413 34.96 -11.20 -6.82
C LEU C 413 34.12 -10.89 -5.60
N LYS C 414 33.91 -9.60 -5.34
CA LYS C 414 33.05 -9.20 -4.22
C LYS C 414 31.58 -9.62 -4.40
N GLU C 415 31.09 -9.60 -5.65
CA GLU C 415 29.76 -10.17 -6.00
C GLU C 415 29.70 -11.65 -5.82
N GLN C 416 30.63 -12.38 -6.44
CA GLN C 416 30.72 -13.82 -6.20
C GLN C 416 30.57 -14.12 -4.71
N ALA C 417 31.29 -13.38 -3.86
CA ALA C 417 31.23 -13.59 -2.42
C ALA C 417 29.83 -13.39 -1.89
N ARG C 418 29.24 -12.23 -2.21
CA ARG C 418 27.85 -11.94 -1.84
C ARG C 418 26.91 -13.11 -2.24
N SER C 419 27.01 -13.52 -3.50
CA SER C 419 26.28 -14.68 -4.09
C SER C 419 26.33 -15.95 -3.24
N LEU C 420 27.52 -16.30 -2.78
CA LEU C 420 27.71 -17.48 -1.92
C LEU C 420 27.30 -17.21 -0.48
N GLY C 421 26.76 -16.02 -0.20
CA GLY C 421 26.33 -15.67 1.15
C GLY C 421 27.46 -15.24 2.04
N LEU C 422 28.50 -14.67 1.46
CA LEU C 422 29.72 -14.37 2.23
C LEU C 422 30.05 -12.86 2.36
N GLU C 423 29.07 -11.99 2.14
CA GLU C 423 29.28 -10.53 2.21
C GLU C 423 29.89 -10.10 3.55
N THR C 424 29.46 -10.75 4.62
CA THR C 424 29.80 -10.33 5.97
C THR C 424 31.20 -10.79 6.39
N ARG C 425 31.76 -11.75 5.66
CA ARG C 425 33.09 -12.26 5.95
C ARG C 425 34.03 -11.95 4.78
N TRP C 426 33.92 -10.73 4.23
CA TRP C 426 34.73 -10.36 3.09
C TRP C 426 36.21 -10.37 3.42
N HIS C 427 36.55 -9.91 4.62
CA HIS C 427 37.97 -9.85 5.02
C HIS C 427 38.55 -11.24 5.22
N GLN C 428 37.71 -12.21 5.56
CA GLN C 428 38.15 -13.61 5.62
C GLN C 428 38.52 -14.08 4.21
N VAL C 429 37.65 -13.80 3.24
CA VAL C 429 37.91 -14.18 1.84
C VAL C 429 39.21 -13.57 1.38
N ALA C 430 39.42 -12.30 1.71
CA ALA C 430 40.68 -11.63 1.36
C ALA C 430 41.91 -12.28 2.05
N GLN C 431 41.76 -12.66 3.30
CA GLN C 431 42.84 -13.38 3.97
C GLN C 431 43.09 -14.72 3.26
N ALA C 432 42.01 -15.42 2.90
CA ALA C 432 42.12 -16.71 2.20
C ALA C 432 42.71 -16.60 0.80
N TYR C 433 42.38 -15.52 0.10
CA TYR C 433 42.97 -15.27 -1.22
C TYR C 433 44.50 -15.24 -1.12
N ALA C 434 45.00 -14.58 -0.07
CA ALA C 434 46.45 -14.47 0.15
C ALA C 434 47.03 -15.80 0.61
N ASP C 435 46.26 -16.54 1.39
CA ASP C 435 46.65 -17.88 1.82
C ASP C 435 46.73 -18.83 0.62
N ALA C 436 45.67 -18.83 -0.20
CA ALA C 436 45.64 -19.63 -1.43
C ALA C 436 46.80 -19.31 -2.37
N ASN C 437 47.10 -18.03 -2.53
CA ASN C 437 48.28 -17.65 -3.33
C ASN C 437 49.58 -18.37 -2.89
N GLN C 438 49.90 -18.30 -1.59
CA GLN C 438 51.17 -18.85 -1.09
C GLN C 438 51.19 -20.37 -1.18
N MET C 439 49.99 -20.96 -1.11
CA MET C 439 49.79 -22.39 -1.27
C MET C 439 50.08 -22.83 -2.70
N PHE C 440 49.62 -22.03 -3.67
CA PHE C 440 49.92 -22.29 -5.09
C PHE C 440 51.41 -22.06 -5.49
N GLY C 441 52.25 -21.66 -4.57
CA GLY C 441 53.58 -21.29 -4.97
C GLY C 441 53.90 -19.82 -5.05
N ASP C 442 53.02 -18.96 -4.55
CA ASP C 442 53.19 -17.52 -4.68
C ASP C 442 53.27 -17.02 -6.12
N ILE C 443 52.20 -17.25 -6.87
CA ILE C 443 52.10 -16.89 -8.28
C ILE C 443 51.74 -15.44 -8.66
N VAL C 444 51.83 -15.17 -9.96
CA VAL C 444 51.28 -13.98 -10.61
C VAL C 444 49.79 -14.19 -10.68
N LYS C 445 49.03 -13.20 -10.21
CA LYS C 445 47.58 -13.31 -10.15
C LYS C 445 46.93 -12.26 -11.02
N VAL C 446 46.43 -12.70 -12.16
CA VAL C 446 45.86 -11.81 -13.17
C VAL C 446 45.03 -12.68 -14.09
N THR C 447 44.10 -12.11 -14.84
CA THR C 447 43.18 -12.95 -15.62
C THR C 447 44.02 -13.86 -16.50
N PRO C 448 43.75 -15.18 -16.49
CA PRO C 448 42.75 -15.95 -15.72
C PRO C 448 43.25 -16.65 -14.45
N SER C 449 44.50 -16.43 -14.06
CA SER C 449 45.04 -17.14 -12.88
C SER C 449 44.40 -16.62 -11.59
N SER C 450 44.15 -15.32 -11.54
CA SER C 450 43.48 -14.67 -10.41
C SER C 450 42.05 -15.22 -10.19
N LYS C 451 41.34 -15.44 -11.29
CA LYS C 451 40.02 -16.07 -11.31
C LYS C 451 40.05 -17.41 -10.59
N VAL C 452 41.14 -18.15 -10.73
CA VAL C 452 41.36 -19.47 -10.06
C VAL C 452 41.66 -19.36 -8.57
N VAL C 453 42.40 -18.34 -8.16
CA VAL C 453 42.72 -18.16 -6.74
C VAL C 453 41.47 -17.67 -6.03
N GLY C 454 40.65 -16.93 -6.76
CA GLY C 454 39.37 -16.47 -6.27
C GLY C 454 38.51 -17.66 -5.91
N ASP C 455 38.24 -18.51 -6.89
CA ASP C 455 37.44 -19.73 -6.70
C ASP C 455 37.93 -20.58 -5.53
N MET C 456 39.24 -20.68 -5.34
CA MET C 456 39.83 -21.46 -4.24
CA MET C 456 39.80 -21.48 -4.23
C MET C 456 39.60 -20.78 -2.90
N ALA C 457 39.76 -19.46 -2.90
CA ALA C 457 39.53 -18.69 -1.69
C ALA C 457 38.06 -18.77 -1.32
N LEU C 458 37.19 -18.57 -2.31
CA LEU C 458 35.74 -18.64 -2.09
C LEU C 458 35.33 -20.00 -1.49
N MET C 459 35.93 -21.07 -2.01
CA MET C 459 35.65 -22.40 -1.48
C MET C 459 36.14 -22.52 -0.03
N MET C 460 37.36 -22.06 0.23
CA MET C 460 37.99 -22.13 1.56
C MET C 460 37.19 -21.51 2.70
N VAL C 461 36.58 -20.36 2.44
CA VAL C 461 35.75 -19.67 3.43
C VAL C 461 34.44 -20.43 3.67
N SER C 462 33.66 -20.66 2.60
CA SER C 462 32.41 -21.42 2.66
C SER C 462 32.54 -22.61 3.59
N GLN C 463 33.52 -23.45 3.30
CA GLN C 463 33.68 -24.74 3.95
C GLN C 463 34.69 -24.72 5.11
N ASP C 464 35.11 -23.53 5.53
CA ASP C 464 35.98 -23.36 6.73
C ASP C 464 37.24 -24.25 6.69
N LEU C 465 38.03 -24.08 5.64
CA LEU C 465 39.27 -24.85 5.43
C LEU C 465 40.49 -23.96 5.57
N THR C 466 41.52 -24.46 6.23
CA THR C 466 42.80 -23.77 6.28
C THR C 466 43.68 -24.31 5.16
N VAL C 467 44.87 -23.72 4.96
CA VAL C 467 45.83 -24.28 4.02
C VAL C 467 46.16 -25.73 4.40
N ALA C 468 46.39 -25.97 5.69
CA ALA C 468 46.69 -27.32 6.21
C ALA C 468 45.60 -28.34 5.85
N ASP C 469 44.33 -27.92 5.92
CA ASP C 469 43.21 -28.76 5.46
C ASP C 469 43.27 -29.04 3.94
N VAL C 470 43.51 -28.02 3.12
CA VAL C 470 43.49 -28.21 1.66
C VAL C 470 44.57 -29.20 1.18
N VAL C 471 45.73 -29.20 1.85
CA VAL C 471 46.84 -30.13 1.56
C VAL C 471 46.84 -31.37 2.46
N SER C 472 45.74 -31.63 3.16
CA SER C 472 45.70 -32.73 4.15
C SER C 472 45.50 -34.08 3.46
N PRO C 473 46.15 -35.14 3.97
CA PRO C 473 45.85 -36.48 3.45
C PRO C 473 44.41 -36.92 3.76
N ASP C 474 44.07 -36.99 5.05
CA ASP C 474 42.78 -37.55 5.49
C ASP C 474 41.58 -36.55 5.44
N ARG C 475 41.58 -35.64 4.48
CA ARG C 475 40.46 -34.71 4.25
C ARG C 475 40.15 -34.61 2.76
N GLU C 476 39.06 -35.22 2.31
CA GLU C 476 38.69 -35.25 0.89
C GLU C 476 38.07 -33.93 0.50
N VAL C 477 38.49 -33.41 -0.65
CA VAL C 477 38.08 -32.09 -1.15
C VAL C 477 37.72 -32.14 -2.63
N SER C 478 36.57 -31.58 -3.00
CA SER C 478 36.16 -31.49 -4.40
C SER C 478 36.48 -30.09 -4.98
N PHE C 479 37.72 -29.94 -5.47
CA PHE C 479 38.23 -28.67 -5.94
C PHE C 479 37.41 -28.12 -7.10
N PRO C 480 37.47 -26.81 -7.33
CA PRO C 480 36.84 -26.22 -8.52
C PRO C 480 37.47 -26.71 -9.83
N GLU C 481 36.66 -26.73 -10.88
CA GLU C 481 37.08 -27.16 -12.22
C GLU C 481 38.29 -26.33 -12.66
N SER C 482 38.21 -25.03 -12.42
CA SER C 482 39.28 -24.09 -12.75
C SER C 482 40.63 -24.42 -12.08
N VAL C 483 40.60 -25.01 -10.87
CA VAL C 483 41.81 -25.29 -10.12
C VAL C 483 42.45 -26.62 -10.55
N VAL C 484 41.59 -27.59 -10.87
CA VAL C 484 42.05 -28.84 -11.45
C VAL C 484 42.75 -28.51 -12.77
N SER C 485 42.11 -27.65 -13.55
CA SER C 485 42.65 -27.19 -14.83
C SER C 485 44.04 -26.53 -14.72
N MET C 486 44.21 -25.66 -13.72
CA MET C 486 45.47 -24.91 -13.59
C MET C 486 46.60 -25.82 -13.23
N LEU C 487 46.36 -26.71 -12.28
CA LEU C 487 47.41 -27.60 -11.78
C LEU C 487 47.78 -28.69 -12.79
N LYS C 488 46.88 -28.94 -13.73
CA LYS C 488 47.11 -29.81 -14.87
C LYS C 488 48.07 -29.17 -15.83
N GLY C 489 47.93 -27.85 -16.00
CA GLY C 489 48.79 -27.08 -16.90
C GLY C 489 48.07 -26.44 -18.05
N ASP C 490 46.75 -26.22 -17.92
CA ASP C 490 45.97 -25.55 -18.97
C ASP C 490 46.22 -24.03 -19.07
N LEU C 491 46.88 -23.48 -18.05
CA LEU C 491 47.25 -22.07 -17.99
C LEU C 491 48.76 -21.85 -18.20
N GLY C 492 49.54 -22.93 -18.27
CA GLY C 492 50.98 -22.83 -18.42
C GLY C 492 51.71 -23.17 -17.14
N GLN C 493 52.91 -22.60 -16.97
CA GLN C 493 53.82 -23.00 -15.88
C GLN C 493 54.46 -21.78 -15.23
N PRO C 494 54.50 -21.74 -13.89
CA PRO C 494 55.32 -20.74 -13.17
C PRO C 494 56.77 -21.19 -13.11
N PRO C 495 57.68 -20.26 -12.75
CA PRO C 495 59.13 -20.54 -12.79
C PRO C 495 59.56 -21.81 -12.08
N SER C 496 58.99 -22.11 -10.92
CA SER C 496 59.46 -23.26 -10.11
C SER C 496 58.52 -24.47 -10.20
N GLY C 497 57.56 -24.42 -11.12
CA GLY C 497 56.56 -25.47 -11.25
C GLY C 497 55.49 -25.38 -10.18
N TRP C 498 54.48 -26.22 -10.31
CA TRP C 498 53.41 -26.26 -9.32
C TRP C 498 53.86 -27.09 -8.13
N PRO C 499 53.25 -26.90 -6.95
CA PRO C 499 53.47 -27.78 -5.78
C PRO C 499 53.04 -29.25 -5.97
N GLU C 500 53.98 -30.17 -5.85
CA GLU C 500 53.73 -31.61 -6.10
C GLU C 500 52.52 -32.14 -5.32
N ALA C 501 52.63 -32.15 -3.99
CA ALA C 501 51.60 -32.70 -3.10
C ALA C 501 50.18 -32.21 -3.40
N LEU C 502 50.04 -30.89 -3.62
CA LEU C 502 48.74 -30.26 -3.84
C LEU C 502 48.16 -30.59 -5.20
N GLN C 503 49.05 -30.81 -6.17
CA GLN C 503 48.66 -31.20 -7.52
C GLN C 503 48.18 -32.67 -7.56
N LYS C 504 48.88 -33.55 -6.84
CA LYS C 504 48.45 -34.96 -6.73
C LYS C 504 47.01 -35.01 -6.25
N LYS C 505 46.77 -34.45 -5.06
CA LYS C 505 45.46 -34.49 -4.43
C LYS C 505 44.33 -33.85 -5.27
N ALA C 506 44.66 -32.78 -5.97
CA ALA C 506 43.67 -32.07 -6.77
C ALA C 506 43.26 -32.86 -8.01
N LEU C 507 44.24 -33.45 -8.67
CA LEU C 507 44.01 -34.17 -9.93
C LEU C 507 43.30 -35.52 -9.71
N LYS C 508 43.65 -36.20 -8.62
CA LYS C 508 43.02 -37.47 -8.26
C LYS C 508 43.23 -38.54 -9.33
N GLY C 509 44.50 -38.80 -9.68
CA GLY C 509 44.85 -39.78 -10.72
C GLY C 509 45.15 -39.19 -12.10
N GLU C 510 44.70 -37.97 -12.38
CA GLU C 510 44.91 -37.33 -13.69
C GLU C 510 46.38 -36.93 -13.86
N LYS C 511 47.00 -37.37 -14.96
CA LYS C 511 48.39 -37.01 -15.25
C LYS C 511 48.44 -35.56 -15.74
N PRO C 512 49.41 -34.78 -15.24
CA PRO C 512 49.61 -33.40 -15.67
C PRO C 512 50.57 -33.30 -16.82
N TYR C 513 50.60 -32.13 -17.45
CA TYR C 513 51.56 -31.80 -18.49
C TYR C 513 52.19 -30.45 -18.23
N THR C 514 53.44 -30.31 -18.67
CA THR C 514 54.20 -29.08 -18.49
C THR C 514 54.46 -28.33 -19.79
N VAL C 515 53.95 -28.85 -20.90
CA VAL C 515 54.16 -28.23 -22.20
C VAL C 515 53.18 -27.07 -22.42
N ARG C 516 53.45 -26.31 -23.48
CA ARG C 516 52.61 -25.19 -23.87
C ARG C 516 51.25 -25.70 -24.32
N PRO C 517 50.17 -25.30 -23.61
CA PRO C 517 48.85 -25.86 -23.87
C PRO C 517 48.45 -25.87 -25.34
N GLY C 518 48.77 -24.78 -26.02
CA GLY C 518 48.45 -24.60 -27.45
C GLY C 518 49.15 -25.58 -28.39
N SER C 519 50.28 -26.14 -27.94
CA SER C 519 51.01 -27.18 -28.68
C SER C 519 50.32 -28.55 -28.67
N LEU C 520 49.38 -28.76 -27.75
CA LEU C 520 48.60 -29.99 -27.69
C LEU C 520 47.23 -29.85 -28.32
N LEU C 521 46.87 -28.65 -28.77
CA LEU C 521 45.53 -28.43 -29.33
C LEU C 521 45.48 -28.62 -30.84
N LYS C 522 44.60 -29.53 -31.27
CA LYS C 522 44.27 -29.67 -32.69
C LYS C 522 43.94 -28.31 -33.34
N GLU C 523 44.57 -28.05 -34.48
CA GLU C 523 44.34 -26.87 -35.32
C GLU C 523 42.86 -26.81 -35.68
N ALA C 524 42.20 -25.72 -35.32
CA ALA C 524 40.77 -25.63 -35.59
C ALA C 524 40.56 -25.71 -37.09
N ASP C 525 39.46 -26.34 -37.50
CA ASP C 525 39.10 -26.36 -38.92
C ASP C 525 38.21 -25.15 -39.24
N LEU C 526 38.83 -24.12 -39.81
CA LEU C 526 38.23 -22.79 -39.97
C LEU C 526 37.15 -22.72 -41.06
N ASP C 527 37.36 -23.46 -42.15
CA ASP C 527 36.34 -23.57 -43.20
C ASP C 527 35.08 -24.26 -42.67
N ALA C 528 35.27 -25.32 -41.89
CA ALA C 528 34.16 -26.16 -41.42
C ALA C 528 33.36 -25.48 -40.30
N GLU C 529 34.06 -24.86 -39.36
CA GLU C 529 33.40 -24.15 -38.27
C GLU C 529 32.64 -22.89 -38.72
N ARG C 530 33.15 -22.24 -39.77
CA ARG C 530 32.43 -21.16 -40.47
C ARG C 530 31.10 -21.68 -41.02
N LYS C 531 31.14 -22.84 -41.65
CA LYS C 531 29.91 -23.49 -42.13
C LYS C 531 28.94 -23.79 -40.98
N VAL C 532 29.46 -24.11 -39.78
CA VAL C 532 28.61 -24.42 -38.62
C VAL C 532 27.83 -23.20 -38.17
N ILE C 533 28.54 -22.12 -37.85
CA ILE C 533 27.86 -20.91 -37.41
C ILE C 533 26.93 -20.35 -38.50
N GLU C 534 27.42 -20.31 -39.74
CA GLU C 534 26.62 -19.88 -40.88
C GLU C 534 25.37 -20.77 -41.10
N LYS C 535 25.49 -22.06 -40.79
CA LYS C 535 24.32 -22.97 -40.82
C LYS C 535 23.35 -22.64 -39.69
N LYS C 536 23.87 -22.40 -38.48
CA LYS C 536 23.01 -22.16 -37.33
C LYS C 536 22.27 -20.83 -37.47
N LEU C 537 22.93 -19.81 -38.01
CA LEU C 537 22.29 -18.50 -38.23
C LEU C 537 21.50 -18.40 -39.55
N GLU C 538 21.66 -19.37 -40.43
CA GLU C 538 21.05 -19.34 -41.76
C GLU C 538 21.42 -18.08 -42.57
N ARG C 539 22.65 -17.61 -42.37
CA ARG C 539 23.20 -16.51 -43.14
C ARG C 539 24.71 -16.62 -43.14
N GLU C 540 25.33 -16.04 -44.17
CA GLU C 540 26.75 -15.85 -44.17
C GLU C 540 27.15 -14.88 -43.05
N VAL C 541 28.38 -14.98 -42.56
CA VAL C 541 28.87 -14.01 -41.57
C VAL C 541 30.13 -13.33 -42.07
N SER C 542 30.53 -12.29 -41.36
CA SER C 542 31.76 -11.59 -41.66
C SER C 542 32.94 -12.27 -40.98
N ASP C 543 34.14 -12.00 -41.47
CA ASP C 543 35.36 -12.46 -40.81
C ASP C 543 35.40 -12.07 -39.33
N PHE C 544 34.92 -10.88 -38.99
CA PHE C 544 34.93 -10.42 -37.60
C PHE C 544 33.95 -11.20 -36.74
N GLU C 545 32.76 -11.41 -37.26
CA GLU C 545 31.77 -12.17 -36.51
C GLU C 545 32.28 -13.58 -36.27
N PHE C 546 32.93 -14.15 -37.28
CA PHE C 546 33.52 -15.47 -37.17
C PHE C 546 34.57 -15.51 -36.07
N ALA C 547 35.43 -14.50 -36.03
CA ALA C 547 36.42 -14.38 -34.99
C ALA C 547 35.76 -14.33 -33.63
N SER C 548 34.58 -13.70 -33.54
CA SER C 548 33.84 -13.64 -32.28
C SER C 548 33.31 -15.02 -31.88
N TYR C 549 32.83 -15.78 -32.86
CA TYR C 549 32.30 -17.13 -32.64
C TYR C 549 33.41 -18.03 -32.10
N LEU C 550 34.55 -17.99 -32.76
CA LEU C 550 35.75 -18.70 -32.30
C LEU C 550 36.08 -18.37 -30.85
N MET C 551 36.01 -17.10 -30.46
CA MET C 551 36.38 -16.75 -29.08
C MET C 551 35.28 -17.14 -28.09
N TYR C 552 34.03 -16.91 -28.50
CA TYR C 552 32.85 -17.09 -27.64
C TYR C 552 31.66 -17.59 -28.49
N PRO C 553 31.67 -18.88 -28.87
CA PRO C 553 30.63 -19.43 -29.77
C PRO C 553 29.21 -19.26 -29.23
N LYS C 554 29.05 -19.54 -27.95
CA LYS C 554 27.75 -19.52 -27.32
C LYS C 554 27.25 -18.07 -27.19
N VAL C 555 28.08 -17.21 -26.58
CA VAL C 555 27.70 -15.82 -26.37
C VAL C 555 27.41 -15.13 -27.70
N PHE C 556 28.26 -15.38 -28.70
CA PHE C 556 28.08 -14.71 -29.99
C PHE C 556 26.82 -15.18 -30.66
N THR C 557 26.56 -16.47 -30.59
CA THR C 557 25.37 -17.06 -31.19
C THR C 557 24.14 -16.38 -30.58
N ASP C 558 24.07 -16.36 -29.25
CA ASP C 558 22.98 -15.71 -28.52
C ASP C 558 22.83 -14.25 -28.90
N PHE C 559 23.94 -13.52 -29.03
CA PHE C 559 23.86 -12.11 -29.41
C PHE C 559 23.41 -11.98 -30.87
N ALA C 560 23.89 -12.86 -31.74
CA ALA C 560 23.48 -12.76 -33.14
C ALA C 560 21.99 -13.03 -33.35
N LEU C 561 21.38 -13.88 -32.53
CA LEU C 561 19.93 -14.16 -32.66
C LEU C 561 19.15 -13.00 -32.07
N ALA C 562 19.67 -12.46 -30.96
CA ALA C 562 19.09 -11.30 -30.33
C ALA C 562 19.04 -10.11 -31.28
N SER C 563 20.11 -9.92 -32.06
CA SER C 563 20.16 -8.81 -33.03
C SER C 563 19.16 -8.98 -34.17
N ASP C 564 18.94 -10.22 -34.58
CA ASP C 564 17.95 -10.48 -35.62
C ASP C 564 16.56 -10.13 -35.09
N THR C 565 16.30 -10.38 -33.81
CA THR C 565 15.03 -10.01 -33.20
C THR C 565 14.91 -8.48 -32.97
N TYR C 566 15.95 -7.89 -32.36
CA TYR C 566 15.86 -6.52 -31.83
C TYR C 566 16.51 -5.40 -32.67
N GLY C 567 17.28 -5.74 -33.68
CA GLY C 567 17.90 -4.72 -34.52
C GLY C 567 19.05 -4.02 -33.83
N PRO C 568 19.43 -2.85 -34.32
CA PRO C 568 20.64 -2.16 -33.86
C PRO C 568 20.43 -1.36 -32.58
N VAL C 569 20.24 -2.05 -31.46
CA VAL C 569 19.94 -1.36 -30.21
C VAL C 569 21.11 -0.55 -29.66
N SER C 570 22.31 -0.82 -30.17
CA SER C 570 23.47 -0.03 -29.79
C SER C 570 23.28 1.48 -30.06
N VAL C 571 22.44 1.85 -31.02
CA VAL C 571 22.27 3.27 -31.34
C VAL C 571 21.32 4.01 -30.40
N LEU C 572 20.68 3.30 -29.48
CA LEU C 572 19.83 3.95 -28.47
C LEU C 572 20.68 4.63 -27.43
N PRO C 573 20.25 5.80 -26.94
CA PRO C 573 20.91 6.36 -25.77
C PRO C 573 20.73 5.45 -24.57
N THR C 574 21.62 5.57 -23.60
CA THR C 574 21.70 4.64 -22.48
C THR C 574 20.45 4.49 -21.58
N PRO C 575 19.82 5.62 -21.17
CA PRO C 575 18.58 5.52 -20.39
C PRO C 575 17.55 4.71 -21.12
N ALA C 576 17.38 4.94 -22.42
CA ALA C 576 16.38 4.18 -23.16
C ALA C 576 16.77 2.71 -23.27
N TYR C 577 18.07 2.42 -23.42
CA TYR C 577 18.51 1.03 -23.45
C TYR C 577 18.18 0.29 -22.15
N PHE C 578 18.45 0.90 -21.00
CA PHE C 578 18.23 0.20 -19.74
C PHE C 578 16.82 0.31 -19.22
N TYR C 579 16.12 1.42 -19.50
CA TYR C 579 14.79 1.67 -18.89
C TYR C 579 13.64 1.93 -19.86
N GLY C 580 13.89 1.91 -21.15
CA GLY C 580 12.85 2.19 -22.13
C GLY C 580 12.33 3.60 -22.04
N LEU C 581 11.03 3.76 -22.31
CA LEU C 581 10.40 5.08 -22.42
C LEU C 581 9.30 5.23 -21.41
N ALA C 582 9.27 6.36 -20.76
CA ALA C 582 8.19 6.70 -19.84
C ALA C 582 6.90 7.00 -20.61
N ASP C 583 5.80 7.01 -19.89
CA ASP C 583 4.52 7.33 -20.45
C ASP C 583 4.59 8.71 -21.10
N GLY C 584 4.17 8.80 -22.36
CA GLY C 584 4.23 10.06 -23.10
C GLY C 584 5.59 10.56 -23.53
N GLU C 585 6.69 9.85 -23.20
CA GLU C 585 8.04 10.26 -23.56
C GLU C 585 8.31 10.20 -25.07
N GLU C 586 8.95 11.26 -25.57
CA GLU C 586 9.40 11.32 -26.97
C GLU C 586 10.89 11.03 -27.01
N LEU C 587 11.29 10.13 -27.89
CA LEU C 587 12.70 9.82 -28.11
C LEU C 587 13.15 10.02 -29.57
N PHE C 588 14.37 10.53 -29.73
CA PHE C 588 15.00 10.72 -31.02
C PHE C 588 16.07 9.65 -31.14
N ALA C 589 15.85 8.69 -32.05
CA ALA C 589 16.78 7.59 -32.23
C ALA C 589 17.46 7.65 -33.62
N ASP C 590 18.79 7.71 -33.63
CA ASP C 590 19.55 7.78 -34.87
C ASP C 590 19.78 6.36 -35.33
N ILE C 591 18.85 5.88 -36.15
CA ILE C 591 18.85 4.49 -36.58
C ILE C 591 20.00 4.24 -37.56
N GLU C 592 20.44 5.28 -38.26
CA GLU C 592 21.74 5.26 -38.94
C GLU C 592 22.28 6.69 -39.08
N LYS C 593 23.47 6.80 -39.65
CA LYS C 593 24.11 8.11 -39.93
C LYS C 593 23.14 9.13 -40.56
N GLY C 594 22.44 8.77 -41.62
CA GLY C 594 21.54 9.73 -42.25
C GLY C 594 20.25 10.11 -41.50
N LYS C 595 19.70 9.19 -40.70
CA LYS C 595 18.26 9.11 -40.51
C LYS C 595 17.79 9.04 -39.04
N THR C 596 16.94 9.99 -38.65
CA THR C 596 16.45 10.08 -37.29
C THR C 596 14.96 9.71 -37.18
N LEU C 597 14.72 8.74 -36.30
CA LEU C 597 13.37 8.29 -35.93
C LEU C 597 12.87 9.08 -34.72
N VAL C 598 11.62 9.53 -34.82
CA VAL C 598 10.93 10.16 -33.71
C VAL C 598 9.92 9.15 -33.13
N ILE C 599 10.10 8.80 -31.86
CA ILE C 599 9.31 7.75 -31.20
C ILE C 599 8.67 8.25 -29.90
N VAL C 600 7.35 8.17 -29.82
CA VAL C 600 6.60 8.57 -28.64
C VAL C 600 5.84 7.34 -28.11
N ASN C 601 6.00 7.10 -26.81
CA ASN C 601 5.22 6.11 -26.07
C ASN C 601 3.87 6.69 -25.68
N GLN C 602 2.84 6.30 -26.39
CA GLN C 602 1.52 6.93 -26.15
C GLN C 602 0.69 6.22 -25.08
N ALA C 603 0.81 4.89 -25.00
CA ALA C 603 0.06 4.08 -24.04
C ALA C 603 0.60 2.65 -23.96
N VAL C 604 0.28 2.00 -22.85
CA VAL C 604 0.64 0.63 -22.63
C VAL C 604 -0.60 -0.10 -22.17
N SER C 605 -0.97 -1.17 -22.88
CA SER C 605 -2.19 -1.93 -22.45
C SER C 605 -1.92 -2.74 -21.19
N ALA C 606 -2.98 -3.15 -20.53
CA ALA C 606 -2.92 -4.24 -19.57
C ALA C 606 -2.42 -5.52 -20.29
N THR C 607 -1.97 -6.47 -19.50
CA THR C 607 -1.64 -7.82 -20.03
C THR C 607 -2.91 -8.52 -20.50
N ASP C 608 -2.91 -8.97 -21.76
CA ASP C 608 -4.07 -9.69 -22.35
C ASP C 608 -4.07 -11.20 -21.97
N SER C 609 -5.06 -11.94 -22.47
CA SER C 609 -5.28 -13.32 -22.04
C SER C 609 -4.24 -14.30 -22.59
N GLN C 610 -3.46 -13.88 -23.57
CA GLN C 610 -2.31 -14.66 -24.01
C GLN C 610 -1.00 -14.20 -23.37
N GLY C 611 -1.03 -13.49 -22.24
CA GLY C 611 0.22 -13.01 -21.60
C GLY C 611 1.02 -11.95 -22.37
N MET C 612 0.40 -11.29 -23.35
CA MET C 612 1.05 -10.23 -24.14
C MET C 612 0.61 -8.81 -23.67
N VAL C 613 1.49 -7.85 -23.90
CA VAL C 613 1.27 -6.43 -23.65
C VAL C 613 1.52 -5.66 -24.95
N THR C 614 0.62 -4.72 -25.26
CA THR C 614 0.70 -3.93 -26.47
C THR C 614 1.16 -2.55 -26.06
N VAL C 615 2.20 -2.06 -26.69
CA VAL C 615 2.66 -0.70 -26.53
C VAL C 615 2.29 0.10 -27.77
N PHE C 616 1.64 1.23 -27.56
CA PHE C 616 1.18 2.11 -28.62
C PHE C 616 2.18 3.23 -28.81
N PHE C 617 2.90 3.20 -29.94
CA PHE C 617 3.93 4.16 -30.22
C PHE C 617 3.40 5.09 -31.31
N GLU C 618 3.91 6.31 -31.35
CA GLU C 618 3.89 7.10 -32.58
C GLU C 618 5.31 7.01 -33.14
N LEU C 619 5.43 6.61 -34.40
CA LEU C 619 6.73 6.60 -35.11
C LEU C 619 6.68 7.61 -36.22
N ASN C 620 7.55 8.62 -36.16
CA ASN C 620 7.53 9.74 -37.11
C ASN C 620 6.12 10.17 -37.45
N GLY C 621 5.26 10.32 -36.45
CA GLY C 621 3.89 10.82 -36.66
C GLY C 621 2.84 9.76 -37.01
N GLN C 622 3.25 8.52 -37.29
CA GLN C 622 2.31 7.44 -37.60
C GLN C 622 2.11 6.43 -36.42
N PRO C 623 0.87 5.96 -36.24
CA PRO C 623 0.60 5.03 -35.14
C PRO C 623 1.18 3.64 -35.40
N ARG C 624 1.78 3.06 -34.38
CA ARG C 624 2.35 1.73 -34.46
C ARG C 624 2.05 1.00 -33.14
N ARG C 625 1.75 -0.29 -33.22
CA ARG C 625 1.40 -1.12 -32.07
C ARG C 625 2.35 -2.31 -32.05
N ILE C 626 3.04 -2.47 -30.92
CA ILE C 626 3.96 -3.58 -30.76
C ILE C 626 3.55 -4.45 -29.58
N LYS C 627 3.35 -5.75 -29.82
CA LYS C 627 3.04 -6.69 -28.77
C LYS C 627 4.35 -7.32 -28.28
N VAL C 628 4.54 -7.40 -26.96
CA VAL C 628 5.66 -8.12 -26.36
C VAL C 628 5.13 -8.92 -25.19
N PRO C 629 5.87 -9.98 -24.79
CA PRO C 629 5.37 -10.74 -23.64
C PRO C 629 5.49 -9.99 -22.32
N ASP C 630 4.56 -10.25 -21.42
CA ASP C 630 4.67 -9.93 -20.00
C ASP C 630 5.58 -10.94 -19.29
N ARG C 631 6.85 -10.60 -19.13
CA ARG C 631 7.87 -11.51 -18.53
C ARG C 631 7.82 -11.65 -16.99
N ALA C 632 6.90 -10.97 -16.33
CA ALA C 632 6.67 -11.15 -14.88
C ALA C 632 6.26 -12.58 -14.50
N ASP D 36 17.07 7.45 37.62
CA ASP D 36 16.51 8.67 36.97
C ASP D 36 17.20 9.03 35.64
N ARG D 37 18.53 8.89 35.57
CA ARG D 37 19.25 8.99 34.30
C ARG D 37 18.73 7.90 33.34
N ALA D 38 18.30 6.78 33.93
CA ALA D 38 17.72 5.67 33.19
C ALA D 38 16.38 6.02 32.56
N THR D 39 15.48 6.58 33.37
CA THR D 39 14.18 7.04 32.89
C THR D 39 14.34 8.00 31.70
N LYS D 40 15.28 8.92 31.80
CA LYS D 40 15.53 9.89 30.74
C LYS D 40 16.07 9.20 29.49
N LEU D 41 16.96 8.23 29.66
CA LEU D 41 17.43 7.42 28.52
C LEU D 41 16.30 6.68 27.83
N LEU D 42 15.39 6.12 28.63
CA LEU D 42 14.22 5.44 28.07
C LEU D 42 13.34 6.44 27.34
N THR D 43 13.28 7.66 27.87
CA THR D 43 12.51 8.72 27.22
C THR D 43 13.12 9.01 25.87
N TYR D 44 14.44 9.15 25.79
CA TYR D 44 15.07 9.38 24.51
C TYR D 44 14.80 8.21 23.56
N LEU D 45 15.10 7.00 24.00
CA LEU D 45 14.97 5.83 23.14
C LEU D 45 13.56 5.70 22.64
N ALA D 46 12.58 5.93 23.51
CA ALA D 46 11.20 5.96 23.08
C ALA D 46 10.97 7.06 22.04
N ASP D 47 11.48 8.26 22.32
CA ASP D 47 11.22 9.43 21.45
C ASP D 47 11.77 9.20 20.03
N VAL D 48 12.95 8.60 19.94
CA VAL D 48 13.57 8.34 18.65
C VAL D 48 13.01 7.09 17.96
N THR D 49 12.62 6.07 18.73
CA THR D 49 11.99 4.87 18.17
C THR D 49 10.71 5.24 17.49
N VAL D 50 9.95 6.14 18.12
CA VAL D 50 8.62 6.56 17.64
C VAL D 50 8.70 7.56 16.51
N ASN D 51 9.64 8.51 16.59
CA ASN D 51 9.69 9.66 15.66
C ASN D 51 10.92 9.70 14.73
N GLY D 52 11.85 8.76 14.89
CA GLY D 52 13.15 8.85 14.19
C GLY D 52 14.00 10.02 14.68
N HIS D 53 15.23 10.09 14.20
CA HIS D 53 16.09 11.22 14.48
C HIS D 53 15.96 12.20 13.31
N PRO D 54 15.81 13.51 13.59
CA PRO D 54 15.57 14.46 12.49
C PRO D 54 16.70 14.49 11.41
N GLU D 55 17.93 14.31 11.87
CA GLU D 55 19.09 14.25 10.98
C GLU D 55 19.19 12.98 10.15
N ALA D 56 18.55 11.90 10.58
CA ALA D 56 18.63 10.64 9.86
C ALA D 56 17.34 10.16 9.20
N LYS D 57 16.19 10.62 9.72
CA LYS D 57 14.86 10.14 9.33
C LYS D 57 14.68 10.01 7.79
N ASP D 58 14.97 11.09 7.05
CA ASP D 58 14.67 11.14 5.61
C ASP D 58 15.85 10.82 4.69
N ARG D 59 16.92 10.24 5.26
CA ARG D 59 18.16 9.98 4.53
C ARG D 59 18.41 8.48 4.34
N PRO D 60 19.41 8.09 3.52
CA PRO D 60 19.73 6.65 3.39
C PRO D 60 20.04 5.93 4.73
N LYS D 61 19.70 4.64 4.77
CA LYS D 61 19.76 3.81 5.97
C LYS D 61 20.90 2.82 5.82
N PRO D 62 21.57 2.44 6.93
CA PRO D 62 22.56 1.38 6.83
C PRO D 62 21.93 0.08 6.38
N LEU D 63 22.73 -0.77 5.75
CA LEU D 63 22.32 -2.15 5.41
C LEU D 63 21.82 -2.88 6.66
N GLU D 64 20.72 -3.60 6.53
CA GLU D 64 20.10 -4.25 7.66
C GLU D 64 21.00 -5.30 8.31
N ASN D 65 21.72 -6.07 7.51
CA ASN D 65 22.49 -7.14 8.09
C ASN D 65 23.53 -6.58 9.05
N ALA D 66 24.34 -5.63 8.60
CA ALA D 66 25.19 -4.81 9.47
C ALA D 66 25.94 -5.52 10.59
N ALA D 67 27.26 -5.72 10.48
CA ALA D 67 28.02 -6.20 11.65
C ALA D 67 28.36 -5.06 12.63
N ARG D 68 27.89 -5.14 13.87
CA ARG D 68 28.37 -4.25 14.94
C ARG D 68 29.90 -4.06 14.84
N PRO D 69 30.39 -2.80 14.94
CA PRO D 69 31.85 -2.65 15.01
C PRO D 69 32.41 -3.40 16.21
N VAL D 70 33.52 -4.11 16.00
CA VAL D 70 34.18 -4.87 17.05
C VAL D 70 35.55 -4.31 17.38
N VAL D 71 35.70 -3.88 18.63
CA VAL D 71 36.98 -3.42 19.16
C VAL D 71 37.94 -4.62 19.14
N PRO D 72 39.12 -4.47 18.51
CA PRO D 72 40.06 -5.60 18.61
C PRO D 72 40.50 -5.96 20.06
N TYR D 73 40.88 -7.23 20.30
CA TYR D 73 41.52 -7.58 21.58
C TYR D 73 43.03 -7.26 21.48
N ALA D 74 43.60 -6.80 22.60
CA ALA D 74 45.04 -6.46 22.69
C ALA D 74 45.95 -7.68 22.65
N GLY D 78 49.68 -3.19 30.58
CA GLY D 78 49.92 -1.76 30.48
C GLY D 78 50.23 -1.32 29.06
N VAL D 79 50.60 -0.05 28.88
CA VAL D 79 50.98 0.51 27.56
C VAL D 79 52.35 1.17 27.61
N LYS D 80 53.04 1.17 26.47
CA LYS D 80 54.38 1.76 26.36
C LYS D 80 54.25 3.29 26.51
N ASP D 81 55.19 3.90 27.23
CA ASP D 81 55.27 5.35 27.30
C ASP D 81 55.36 5.84 25.86
N GLY D 82 54.79 7.01 25.58
CA GLY D 82 54.97 7.64 24.28
C GLY D 82 55.05 9.15 24.37
N THR D 83 54.61 9.83 23.30
CA THR D 83 54.81 11.27 23.12
C THR D 83 54.16 12.13 24.23
N LYS D 84 53.04 11.67 24.78
CA LYS D 84 52.48 12.33 25.96
C LYS D 84 53.49 12.40 27.10
N GLN D 85 54.07 11.26 27.49
CA GLN D 85 55.06 11.24 28.59
C GLN D 85 56.31 12.06 28.25
N LEU D 86 56.73 12.00 26.99
CA LEU D 86 57.84 12.79 26.50
C LEU D 86 57.56 14.30 26.64
N LEU D 87 56.36 14.73 26.28
CA LEU D 87 56.05 16.15 26.38
C LEU D 87 56.00 16.52 27.85
N ASP D 88 55.38 15.66 28.65
CA ASP D 88 55.37 15.87 30.11
C ASP D 88 56.76 15.97 30.74
N THR D 89 57.72 15.21 30.24
CA THR D 89 59.13 15.28 30.69
C THR D 89 59.84 16.55 30.18
N LEU D 90 59.81 16.75 28.87
CA LEU D 90 60.66 17.72 28.18
C LEU D 90 60.15 19.16 28.12
N GLY D 91 58.83 19.33 28.15
CA GLY D 91 58.25 20.63 27.85
C GLY D 91 58.11 20.87 26.35
N PRO D 92 57.37 21.93 25.97
CA PRO D 92 57.07 22.17 24.57
C PRO D 92 58.26 22.54 23.67
N LYS D 93 59.16 23.41 24.13
CA LYS D 93 60.28 23.81 23.28
C LYS D 93 61.16 22.58 23.04
N LYS D 94 61.56 21.93 24.13
CA LYS D 94 62.38 20.72 24.07
C LYS D 94 61.69 19.60 23.27
N PHE D 95 60.36 19.47 23.40
CA PHE D 95 59.64 18.48 22.61
C PHE D 95 59.72 18.78 21.10
N GLY D 96 59.65 20.06 20.75
CA GLY D 96 59.79 20.48 19.35
C GLY D 96 61.18 20.15 18.84
N GLU D 97 62.20 20.43 19.63
CA GLU D 97 63.56 20.01 19.28
C GLU D 97 63.61 18.49 19.07
N TRP D 98 63.06 17.71 20.00
CA TRP D 98 63.07 16.26 19.85
C TRP D 98 62.47 15.81 18.53
N MET D 99 61.31 16.39 18.17
CA MET D 99 60.65 16.06 16.90
C MET D 99 61.57 16.33 15.73
N ARG D 100 62.15 17.53 15.73
CA ARG D 100 63.07 17.97 14.71
C ARG D 100 64.23 16.98 14.54
N ASN D 101 64.83 16.56 15.65
CA ASN D 101 65.99 15.68 15.59
C ASN D 101 65.68 14.23 15.21
N GLU D 102 64.44 13.82 15.40
CA GLU D 102 64.04 12.47 15.07
C GLU D 102 64.15 12.22 13.56
N LYS D 103 64.77 11.10 13.20
CA LYS D 103 64.96 10.73 11.80
C LYS D 103 63.68 10.14 11.22
N ARG D 104 63.07 9.22 11.95
CA ARG D 104 61.78 8.68 11.56
C ARG D 104 60.78 9.82 11.37
N VAL D 105 59.91 9.69 10.37
CA VAL D 105 58.80 10.62 10.18
C VAL D 105 57.70 10.24 11.18
N LEU D 106 57.12 11.25 11.81
CA LEU D 106 56.13 11.04 12.86
C LEU D 106 54.76 11.19 12.23
N LEU D 107 53.77 10.50 12.77
CA LEU D 107 52.42 10.43 12.16
C LEU D 107 51.34 10.93 13.11
N THR D 108 50.49 11.81 12.58
CA THR D 108 49.26 12.23 13.23
C THR D 108 48.07 11.57 12.51
N ASP D 109 47.28 10.81 13.27
CA ASP D 109 46.02 10.19 12.78
C ASP D 109 44.86 11.17 12.96
N THR D 110 44.12 11.42 11.88
CA THR D 110 43.07 12.47 11.82
C THR D 110 41.68 11.88 11.70
N THR D 111 41.63 10.57 11.75
CA THR D 111 40.40 9.87 11.59
C THR D 111 39.34 10.38 12.53
N MET D 112 39.74 10.64 13.77
CA MET D 112 38.80 11.02 14.82
C MET D 112 38.22 12.40 14.63
N ARG D 113 38.81 13.20 13.73
CA ARG D 113 38.37 14.56 13.53
C ARG D 113 38.13 14.86 12.05
N ASP D 114 39.21 15.14 11.31
CA ASP D 114 39.10 15.70 9.97
C ASP D 114 38.57 14.70 8.99
N GLY D 115 38.98 13.44 9.19
CA GLY D 115 38.44 12.29 8.46
C GLY D 115 36.93 12.28 8.32
N HIS D 116 36.19 12.41 9.42
CA HIS D 116 34.72 12.33 9.35
C HIS D 116 34.08 13.71 9.15
N GLN D 117 34.78 14.77 9.54
CA GLN D 117 34.37 16.12 9.13
C GLN D 117 34.26 16.15 7.62
N SER D 118 35.29 15.63 6.96
CA SER D 118 35.39 15.71 5.51
C SER D 118 34.54 14.69 4.75
N LEU D 119 34.18 13.56 5.33
CA LEU D 119 33.43 12.58 4.56
C LEU D 119 32.02 12.33 5.06
N LEU D 120 31.76 12.66 6.33
CA LEU D 120 30.51 12.31 6.96
C LEU D 120 29.92 13.52 7.70
N ALA D 121 30.16 14.72 7.17
CA ALA D 121 29.59 15.94 7.73
C ALA D 121 29.77 16.03 9.27
N THR D 122 30.88 15.51 9.77
CA THR D 122 31.25 15.60 11.18
C THR D 122 30.32 14.87 12.16
N ARG D 123 29.57 13.88 11.67
CA ARG D 123 28.52 13.26 12.45
C ARG D 123 28.94 12.11 13.33
N MET D 124 30.23 11.74 13.27
CA MET D 124 30.78 10.68 14.10
C MET D 124 30.56 10.91 15.60
N ARG D 125 30.13 9.86 16.30
CA ARG D 125 29.76 9.97 17.72
C ARG D 125 30.88 9.59 18.70
N THR D 126 30.85 10.21 19.87
CA THR D 126 31.75 9.88 20.98
C THR D 126 31.81 8.37 21.23
N TYR D 127 30.67 7.69 21.23
CA TYR D 127 30.65 6.23 21.44
C TYR D 127 31.62 5.47 20.54
N ASP D 128 31.64 5.78 19.25
CA ASP D 128 32.51 5.04 18.32
C ASP D 128 33.95 5.49 18.39
N ILE D 129 34.12 6.76 18.71
CA ILE D 129 35.42 7.37 18.82
C ILE D 129 36.14 6.87 20.07
N ALA D 130 35.53 7.07 21.22
CA ALA D 130 36.17 6.73 22.47
C ALA D 130 36.56 5.25 22.57
N ARG D 131 35.70 4.36 22.09
CA ARG D 131 35.87 2.89 22.21
C ARG D 131 37.13 2.31 21.55
N ILE D 132 37.69 3.00 20.57
CA ILE D 132 38.93 2.56 19.88
C ILE D 132 40.19 3.24 20.41
N ALA D 133 40.03 4.26 21.24
CA ALA D 133 41.19 4.98 21.81
C ALA D 133 42.24 4.09 22.45
N GLY D 134 41.76 3.14 23.27
CA GLY D 134 42.60 2.21 24.02
C GLY D 134 43.39 1.32 23.07
N THR D 135 42.76 0.94 21.95
CA THR D 135 43.41 0.11 20.94
C THR D 135 44.55 0.85 20.27
N TYR D 136 44.33 2.13 19.95
CA TYR D 136 45.42 2.98 19.43
C TYR D 136 46.54 3.01 20.45
N SER D 137 46.17 3.21 21.71
CA SER D 137 47.13 3.29 22.82
C SER D 137 48.04 2.05 22.90
N HIS D 138 47.47 0.85 22.82
CA HIS D 138 48.25 -0.40 22.91
CA HIS D 138 48.30 -0.36 22.90
C HIS D 138 48.95 -0.75 21.58
N ALA D 139 48.26 -0.55 20.46
CA ALA D 139 48.73 -1.04 19.14
C ALA D 139 49.66 -0.11 18.38
N LEU D 140 49.48 1.21 18.53
CA LEU D 140 50.29 2.20 17.80
C LEU D 140 50.90 3.24 18.74
N PRO D 141 51.66 2.79 19.73
CA PRO D 141 52.22 3.72 20.73
C PRO D 141 53.24 4.75 20.21
N ASN D 142 53.81 4.52 19.01
CA ASN D 142 54.76 5.46 18.37
C ASN D 142 54.12 6.68 17.67
N LEU D 143 52.78 6.71 17.57
CA LEU D 143 52.09 7.82 16.88
C LEU D 143 52.43 9.17 17.52
N LEU D 144 52.60 10.21 16.72
CA LEU D 144 52.82 11.54 17.29
C LEU D 144 51.60 11.96 18.09
N SER D 145 50.43 11.89 17.44
CA SER D 145 49.22 12.42 18.03
C SER D 145 47.97 11.85 17.37
N LEU D 146 46.84 12.06 18.05
CA LEU D 146 45.54 11.78 17.52
C LEU D 146 44.84 13.12 17.35
N GLU D 147 44.57 13.51 16.12
CA GLU D 147 43.72 14.68 15.88
C GLU D 147 42.29 14.22 16.11
N CYS D 148 41.70 14.73 17.19
CA CYS D 148 40.46 14.21 17.73
C CYS D 148 39.53 15.29 18.24
N TRP D 149 39.83 16.56 17.98
CA TRP D 149 39.06 17.64 18.60
C TRP D 149 39.20 18.94 17.84
N GLY D 150 38.39 19.93 18.20
CA GLY D 150 38.36 21.20 17.46
C GLY D 150 37.68 21.04 16.12
N GLY D 151 37.92 22.02 15.25
CA GLY D 151 37.24 22.06 13.96
C GLY D 151 35.75 22.08 14.20
N ALA D 152 34.98 21.42 13.32
CA ALA D 152 33.52 21.43 13.40
C ALA D 152 32.98 20.54 14.51
N THR D 153 33.82 19.70 15.13
CA THR D 153 33.31 18.73 16.11
C THR D 153 32.65 19.43 17.30
N PHE D 154 33.14 20.62 17.65
CA PHE D 154 32.77 21.22 18.93
C PHE D 154 31.29 21.53 18.92
N ASP D 155 30.86 22.25 17.90
CA ASP D 155 29.45 22.61 17.83
C ASP D 155 28.58 21.47 17.29
N VAL D 156 29.11 20.67 16.39
CA VAL D 156 28.29 19.63 15.75
C VAL D 156 27.90 18.57 16.77
N SER D 157 28.79 18.29 17.72
CA SER D 157 28.48 17.32 18.75
C SER D 157 27.24 17.72 19.53
N MET D 158 27.17 18.97 19.97
CA MET D 158 26.04 19.43 20.77
C MET D 158 24.76 19.58 19.95
N ARG D 159 24.87 20.30 18.83
CA ARG D 159 23.70 20.71 18.05
C ARG D 159 23.03 19.54 17.34
N PHE D 160 23.83 18.65 16.78
CA PHE D 160 23.32 17.58 15.96
C PHE D 160 23.41 16.19 16.58
N LEU D 161 24.36 15.94 17.49
CA LEU D 161 24.48 14.61 18.17
C LEU D 161 24.08 14.57 19.67
N THR D 162 23.55 15.66 20.22
CA THR D 162 23.15 15.67 21.62
C THR D 162 24.26 15.15 22.57
N GLU D 163 25.52 15.50 22.30
CA GLU D 163 26.58 15.12 23.22
C GLU D 163 27.61 16.23 23.48
N ASP D 164 28.25 16.14 24.64
CA ASP D 164 29.17 17.15 25.16
C ASP D 164 30.57 16.83 24.60
N PRO D 165 31.21 17.82 23.97
CA PRO D 165 32.50 17.53 23.38
C PRO D 165 33.64 17.39 24.40
N TRP D 166 33.44 17.92 25.62
CA TRP D 166 34.44 17.81 26.67
C TRP D 166 34.48 16.38 27.20
N GLU D 167 33.30 15.79 27.34
CA GLU D 167 33.15 14.40 27.73
C GLU D 167 33.88 13.53 26.71
N ARG D 168 33.68 13.82 25.42
CA ARG D 168 34.36 13.09 24.37
C ARG D 168 35.86 13.17 24.57
N LEU D 169 36.38 14.37 24.79
CA LEU D 169 37.80 14.56 24.97
C LEU D 169 38.31 13.75 26.18
N ALA D 170 37.64 13.89 27.32
CA ALA D 170 38.10 13.17 28.52
C ALA D 170 38.10 11.63 28.31
N LEU D 171 37.16 11.10 27.54
CA LEU D 171 37.14 9.66 27.29
C LEU D 171 38.34 9.24 26.43
N ILE D 172 38.73 10.09 25.48
CA ILE D 172 39.91 9.79 24.67
C ILE D 172 41.16 9.88 25.53
N ARG D 173 41.21 10.86 26.42
CA ARG D 173 42.31 11.05 27.35
C ARG D 173 42.52 9.82 28.23
N GLU D 174 41.41 9.32 28.76
CA GLU D 174 41.39 8.17 29.67
C GLU D 174 41.75 6.87 28.89
N GLY D 175 41.41 6.83 27.60
CA GLY D 175 41.73 5.69 26.72
C GLY D 175 43.14 5.74 26.15
N ALA D 176 43.68 6.94 25.93
CA ALA D 176 44.98 7.07 25.31
C ALA D 176 45.92 7.98 26.12
N PRO D 177 46.32 7.51 27.33
CA PRO D 177 47.16 8.28 28.27
C PRO D 177 48.59 8.44 27.84
N ASN D 178 48.95 7.83 26.71
CA ASN D 178 50.34 7.82 26.22
C ASN D 178 50.55 8.54 24.90
N LEU D 179 49.49 9.07 24.31
CA LEU D 179 49.57 9.81 23.04
C LEU D 179 49.19 11.27 23.21
N LEU D 180 49.78 12.12 22.38
CA LEU D 180 49.38 13.51 22.36
C LEU D 180 48.00 13.56 21.74
N LEU D 181 47.13 14.34 22.37
CA LEU D 181 45.83 14.65 21.79
C LEU D 181 45.89 16.06 21.19
N GLN D 182 45.48 16.14 19.92
CA GLN D 182 45.68 17.32 19.09
C GLN D 182 44.34 17.89 18.68
N MET D 183 44.22 19.22 18.76
CA MET D 183 43.03 19.91 18.28
C MET D 183 43.39 20.86 17.16
N LEU D 184 42.37 21.32 16.43
CA LEU D 184 42.48 22.37 15.47
C LEU D 184 41.80 23.57 16.09
N LEU D 185 42.54 24.67 16.17
CA LEU D 185 42.09 25.89 16.80
C LEU D 185 42.11 26.98 15.73
N ARG D 186 41.00 27.68 15.57
CA ARG D 186 40.86 28.67 14.50
C ARG D 186 41.36 30.04 14.91
N GLY D 187 42.44 30.09 15.70
CA GLY D 187 43.09 31.35 16.05
C GLY D 187 42.20 32.31 16.82
N ALA D 188 41.83 33.42 16.18
CA ALA D 188 40.91 34.40 16.77
C ALA D 188 39.46 33.88 16.84
N ASN D 189 39.13 32.96 15.95
CA ASN D 189 37.79 32.40 15.90
C ASN D 189 37.56 31.30 16.95
N GLY D 190 38.60 30.88 17.66
CA GLY D 190 38.51 29.78 18.63
C GLY D 190 38.00 28.51 17.96
N VAL D 191 36.77 28.11 18.29
CA VAL D 191 36.07 27.03 17.58
C VAL D 191 34.77 27.52 16.93
N GLY D 192 34.61 28.85 16.85
CA GLY D 192 33.44 29.46 16.24
C GLY D 192 33.72 29.86 14.81
N TYR D 193 32.80 30.64 14.23
CA TYR D 193 33.00 31.18 12.88
C TYR D 193 33.18 32.68 12.92
N THR D 194 33.21 33.23 14.13
CA THR D 194 33.29 34.69 14.37
C THR D 194 34.47 35.05 15.28
N ASN D 195 34.78 36.33 15.37
CA ASN D 195 35.80 36.82 16.32
C ASN D 195 35.22 37.09 17.72
N TYR D 196 35.95 36.62 18.75
CA TYR D 196 35.56 36.77 20.15
C TYR D 196 36.60 37.64 20.88
N PRO D 197 36.20 38.29 21.98
CA PRO D 197 37.15 39.09 22.75
C PRO D 197 38.39 38.29 23.16
N ASP D 198 39.48 38.98 23.46
CA ASP D 198 40.76 38.34 23.77
C ASP D 198 40.69 37.47 25.01
N ASN D 199 40.05 38.00 26.05
CA ASN D 199 39.89 37.25 27.30
C ASN D 199 39.05 35.99 27.12
N VAL D 200 38.17 35.97 26.11
CA VAL D 200 37.39 34.77 25.79
C VAL D 200 38.24 33.74 25.06
N VAL D 201 39.06 34.20 24.13
CA VAL D 201 39.99 33.32 23.44
C VAL D 201 40.98 32.71 24.45
N LYS D 202 41.46 33.55 25.38
CA LYS D 202 42.37 33.11 26.44
C LYS D 202 41.68 32.11 27.34
N TYR D 203 40.40 32.34 27.63
CA TYR D 203 39.66 31.48 28.57
C TYR D 203 39.46 30.12 27.97
N PHE D 204 39.09 30.07 26.69
CA PHE D 204 38.85 28.81 26.02
C PHE D 204 40.13 27.97 25.89
N VAL D 205 41.25 28.59 25.55
CA VAL D 205 42.51 27.85 25.47
C VAL D 205 42.87 27.23 26.84
N ARG D 206 42.71 27.99 27.93
CA ARG D 206 42.96 27.44 29.27
C ARG D 206 42.13 26.17 29.51
N GLN D 207 40.82 26.24 29.24
CA GLN D 207 39.95 25.09 29.52
C GLN D 207 40.34 23.88 28.70
N ALA D 208 40.53 24.10 27.39
CA ALA D 208 41.01 23.08 26.46
C ALA D 208 42.28 22.37 26.94
N ALA D 209 43.14 23.10 27.65
CA ALA D 209 44.33 22.49 28.23
C ALA D 209 43.95 21.61 29.43
N LYS D 210 43.12 22.13 30.32
CA LYS D 210 42.59 21.34 31.43
C LYS D 210 41.86 20.08 30.95
N GLY D 211 41.13 20.20 29.85
CA GLY D 211 40.34 19.09 29.32
C GLY D 211 41.10 17.90 28.76
N GLY D 212 42.39 18.09 28.44
CA GLY D 212 43.24 17.02 27.91
C GLY D 212 43.98 17.27 26.59
N ILE D 213 43.86 18.47 26.02
CA ILE D 213 44.53 18.78 24.76
C ILE D 213 46.01 19.06 25.02
N ASP D 214 46.86 18.38 24.25
CA ASP D 214 48.30 18.52 24.39
C ASP D 214 48.86 19.39 23.27
N LEU D 215 48.30 19.27 22.06
CA LEU D 215 48.90 19.87 20.88
C LEU D 215 47.86 20.74 20.18
N PHE D 216 48.14 22.03 20.10
CA PHE D 216 47.23 22.98 19.44
C PHE D 216 47.78 23.37 18.08
N ARG D 217 47.19 22.84 17.00
CA ARG D 217 47.40 23.41 15.68
C ARG D 217 46.56 24.68 15.59
N VAL D 218 47.22 25.81 15.40
CA VAL D 218 46.54 27.12 15.34
C VAL D 218 46.77 27.80 14.00
N PHE D 219 45.70 28.38 13.44
CA PHE D 219 45.74 28.95 12.11
C PHE D 219 44.85 30.20 12.01
N ASP D 220 45.24 31.12 11.14
CA ASP D 220 44.42 32.27 10.81
C ASP D 220 43.98 32.15 9.37
N CYS D 221 42.73 32.49 9.10
CA CYS D 221 42.16 32.27 7.76
C CYS D 221 42.76 33.15 6.66
N LEU D 222 43.48 34.21 7.01
CA LEU D 222 44.18 35.05 6.02
C LEU D 222 45.70 34.95 6.16
N ASN D 223 46.16 34.00 6.98
CA ASN D 223 47.58 33.83 7.31
C ASN D 223 48.17 35.10 7.92
N TRP D 224 47.38 35.80 8.73
CA TRP D 224 47.82 37.04 9.35
C TRP D 224 48.33 36.77 10.76
N VAL D 225 49.63 36.95 10.93
CA VAL D 225 50.29 36.61 12.19
C VAL D 225 49.85 37.51 13.35
N GLU D 226 49.64 38.80 13.08
CA GLU D 226 49.18 39.74 14.13
C GLU D 226 47.93 39.19 14.83
N ASN D 227 47.01 38.65 14.04
CA ASN D 227 45.78 38.08 14.60
C ASN D 227 46.05 36.77 15.34
N MET D 228 47.16 36.11 15.01
CA MET D 228 47.55 34.85 15.65
C MET D 228 48.23 35.04 17.00
N ARG D 229 48.67 36.24 17.32
CA ARG D 229 49.56 36.47 18.45
C ARG D 229 48.95 36.12 19.82
N VAL D 230 47.64 36.24 19.96
CA VAL D 230 47.02 36.02 21.29
C VAL D 230 46.86 34.54 21.62
N SER D 231 46.35 33.77 20.65
CA SER D 231 46.17 32.33 20.83
C SER D 231 47.51 31.66 21.13
N MET D 232 48.54 32.11 20.42
CA MET D 232 49.89 31.58 20.61
C MET D 232 50.41 31.86 22.03
N ASP D 233 50.22 33.09 22.50
CA ASP D 233 50.58 33.45 23.88
C ASP D 233 49.81 32.64 24.93
N ALA D 234 48.56 32.29 24.61
CA ALA D 234 47.71 31.59 25.58
C ALA D 234 48.11 30.13 25.72
N ILE D 235 48.51 29.53 24.61
CA ILE D 235 48.96 28.13 24.59
C ILE D 235 50.33 28.00 25.26
N ALA D 236 51.19 29.00 25.06
CA ALA D 236 52.50 29.02 25.72
C ALA D 236 52.32 29.21 27.21
N GLU D 237 51.38 30.06 27.60
CA GLU D 237 51.09 30.36 29.01
C GLU D 237 50.59 29.12 29.75
N GLU D 238 49.97 28.19 29.02
CA GLU D 238 49.50 26.92 29.59
C GLU D 238 50.46 25.75 29.34
N ASN D 239 51.68 26.05 28.87
CA ASN D 239 52.75 25.04 28.70
C ASN D 239 52.34 23.83 27.83
N LYS D 240 51.64 24.13 26.73
CA LYS D 240 51.31 23.13 25.71
C LYS D 240 51.93 23.50 24.38
N LEU D 241 51.93 22.54 23.47
CA LEU D 241 52.48 22.72 22.12
C LEU D 241 51.66 23.70 21.27
N CYS D 242 52.21 24.88 21.03
CA CYS D 242 51.73 25.75 19.99
C CYS D 242 52.34 25.32 18.66
N GLU D 243 51.54 24.67 17.81
CA GLU D 243 51.92 24.40 16.43
C GLU D 243 51.25 25.41 15.51
N ALA D 244 52.00 26.42 15.10
CA ALA D 244 51.46 27.54 14.33
C ALA D 244 51.43 27.20 12.85
N ALA D 245 50.24 27.21 12.27
CA ALA D 245 50.07 26.80 10.87
C ALA D 245 50.11 27.94 9.86
N ILE D 246 50.68 27.64 8.70
CA ILE D 246 50.60 28.50 7.53
C ILE D 246 49.71 27.80 6.50
N CYS D 247 48.59 28.43 6.14
CA CYS D 247 47.69 27.89 5.12
C CYS D 247 48.28 28.03 3.71
N TYR D 248 48.35 26.93 2.98
CA TYR D 248 48.91 26.90 1.61
C TYR D 248 47.85 27.17 0.58
N THR D 249 48.16 28.06 -0.35
CA THR D 249 47.28 28.29 -1.48
C THR D 249 48.09 28.70 -2.68
N GLY D 250 47.45 28.70 -3.82
CA GLY D 250 48.14 28.93 -5.08
C GLY D 250 49.11 27.81 -5.44
N ASP D 251 50.27 28.21 -5.93
CA ASP D 251 51.21 27.28 -6.53
C ASP D 251 52.55 27.99 -6.63
N ILE D 252 53.51 27.57 -5.80
CA ILE D 252 54.79 28.27 -5.72
C ILE D 252 55.62 28.11 -6.99
N LEU D 253 55.44 27.01 -7.72
CA LEU D 253 56.25 26.73 -8.92
C LEU D 253 55.71 27.33 -10.23
N ASN D 254 54.58 28.06 -10.15
CA ASN D 254 54.04 28.78 -11.30
C ASN D 254 54.38 30.27 -11.19
N SER D 255 55.23 30.74 -12.09
CA SER D 255 55.74 32.11 -12.03
C SER D 255 54.69 33.17 -12.36
N ALA D 256 53.63 32.79 -13.07
CA ALA D 256 52.55 33.74 -13.36
C ALA D 256 51.60 33.91 -12.17
N ARG D 257 51.98 33.41 -11.01
CA ARG D 257 51.23 33.63 -9.77
C ARG D 257 52.18 33.94 -8.60
N PRO D 258 52.70 35.19 -8.55
CA PRO D 258 53.81 35.51 -7.63
C PRO D 258 53.39 35.76 -6.18
N LYS D 259 52.14 36.14 -5.97
CA LYS D 259 51.66 36.55 -4.66
C LYS D 259 51.93 35.49 -3.58
N TYR D 260 51.81 34.22 -3.95
CA TYR D 260 52.07 33.13 -3.01
C TYR D 260 53.25 32.31 -3.49
N ASP D 261 54.40 32.98 -3.52
CA ASP D 261 55.69 32.39 -3.91
C ASP D 261 56.36 31.74 -2.69
N LEU D 262 57.56 31.19 -2.86
CA LEU D 262 58.27 30.56 -1.75
C LEU D 262 58.57 31.52 -0.56
N LYS D 263 58.96 32.76 -0.87
CA LYS D 263 59.39 33.73 0.15
C LYS D 263 58.26 34.06 1.13
N TYR D 264 57.05 34.20 0.59
CA TYR D 264 55.84 34.39 1.39
C TYR D 264 55.83 33.39 2.54
N TYR D 265 56.02 32.12 2.20
CA TYR D 265 55.95 31.02 3.17
C TYR D 265 57.19 30.90 4.05
N THR D 266 58.38 31.23 3.53
CA THR D 266 59.59 31.16 4.34
C THR D 266 59.58 32.30 5.36
N ASN D 267 59.07 33.46 4.97
CA ASN D 267 58.99 34.62 5.89
C ASN D 267 58.01 34.37 7.00
N LEU D 268 56.85 33.83 6.62
CA LEU D 268 55.81 33.53 7.59
C LEU D 268 56.30 32.49 8.59
N ALA D 269 57.19 31.59 8.16
CA ALA D 269 57.78 30.62 9.06
C ALA D 269 58.66 31.30 10.11
N VAL D 270 59.58 32.14 9.64
CA VAL D 270 60.42 32.92 10.53
C VAL D 270 59.58 33.84 11.43
N GLU D 271 58.55 34.47 10.86
CA GLU D 271 57.69 35.36 11.64
C GLU D 271 57.02 34.57 12.79
N LEU D 272 56.45 33.41 12.48
CA LEU D 272 55.79 32.58 13.49
C LEU D 272 56.77 32.00 14.52
N GLU D 273 58.02 31.79 14.13
CA GLU D 273 59.07 31.41 15.09
C GLU D 273 59.35 32.56 16.06
N LYS D 274 59.47 33.79 15.55
CA LYS D 274 59.64 34.97 16.42
C LYS D 274 58.41 35.20 17.32
N ALA D 275 57.25 34.68 16.90
CA ALA D 275 56.01 34.78 17.67
C ALA D 275 55.87 33.67 18.73
N GLY D 276 56.79 32.71 18.70
CA GLY D 276 56.92 31.72 19.77
C GLY D 276 56.30 30.37 19.50
N ALA D 277 56.26 29.96 18.23
CA ALA D 277 55.81 28.63 17.89
C ALA D 277 56.84 27.56 18.31
N HIS D 278 56.32 26.41 18.74
CA HIS D 278 57.13 25.23 19.03
C HIS D 278 57.25 24.39 17.77
N ILE D 279 56.20 24.41 16.95
CA ILE D 279 56.17 23.68 15.69
C ILE D 279 55.54 24.59 14.63
N ILE D 280 55.96 24.42 13.38
CA ILE D 280 55.32 25.09 12.25
C ILE D 280 54.53 24.07 11.49
N ALA D 281 53.30 24.41 11.13
CA ALA D 281 52.53 23.53 10.27
C ALA D 281 52.36 24.13 8.90
N VAL D 282 52.21 23.25 7.92
CA VAL D 282 51.74 23.66 6.61
C VAL D 282 50.38 23.01 6.47
N KCX D 283 49.34 23.84 6.52
CA KCX D 283 47.96 23.37 6.45
CB KCX D 283 47.12 24.08 7.53
CG KCX D 283 45.62 23.73 7.52
CD KCX D 283 44.83 24.42 8.65
CE KCX D 283 43.55 23.66 9.05
NZ KCX D 283 42.98 23.01 7.91
C KCX D 283 47.51 23.63 5.04
O KCX D 283 47.20 24.76 4.66
CX KCX D 283 42.50 21.78 7.83
OQ1 KCX D 283 42.10 21.41 6.73
OQ2 KCX D 283 42.41 20.95 8.89
N ASP D 284 47.52 22.55 4.25
CA ASP D 284 47.07 22.54 2.85
C ASP D 284 45.60 22.12 2.84
N MET D 285 44.74 23.05 3.26
CA MET D 285 43.32 22.76 3.51
C MET D 285 42.57 22.20 2.31
N ALA D 286 42.94 22.69 1.13
CA ALA D 286 42.31 22.32 -0.14
C ALA D 286 43.10 21.28 -0.96
N GLY D 287 44.23 20.79 -0.44
CA GLY D 287 45.04 19.79 -1.14
C GLY D 287 45.63 20.25 -2.46
N LEU D 288 46.18 21.47 -2.45
CA LEU D 288 46.74 22.11 -3.63
C LEU D 288 48.24 21.88 -3.78
N LEU D 289 48.92 21.34 -2.76
CA LEU D 289 50.36 21.18 -2.88
C LEU D 289 50.70 19.94 -3.70
N LYS D 290 51.52 20.17 -4.71
CA LYS D 290 51.97 19.15 -5.65
C LYS D 290 53.29 18.60 -5.21
N PRO D 291 53.61 17.38 -5.64
CA PRO D 291 54.84 16.76 -5.21
C PRO D 291 56.06 17.66 -5.41
N ALA D 292 56.28 18.15 -6.63
CA ALA D 292 57.47 18.97 -6.92
C ALA D 292 57.51 20.19 -6.02
N ALA D 293 56.36 20.82 -5.77
CA ALA D 293 56.31 21.99 -4.87
C ALA D 293 56.70 21.62 -3.44
N ALA D 294 56.31 20.41 -3.04
CA ALA D 294 56.71 19.88 -1.74
C ALA D 294 58.23 19.67 -1.60
N LYS D 295 58.90 19.20 -2.65
CA LYS D 295 60.37 19.02 -2.61
C LYS D 295 61.04 20.33 -2.26
N VAL D 296 60.57 21.40 -2.88
CA VAL D 296 61.16 22.73 -2.69
C VAL D 296 60.72 23.33 -1.35
N LEU D 297 59.41 23.31 -1.09
CA LEU D 297 58.89 24.02 0.07
C LEU D 297 59.52 23.53 1.36
N PHE D 298 59.61 22.21 1.53
CA PHE D 298 60.03 21.65 2.81
C PHE D 298 61.54 21.69 3.04
N LYS D 299 62.30 21.63 1.96
CA LYS D 299 63.75 21.89 2.02
C LYS D 299 64.01 23.35 2.45
N ALA D 300 63.33 24.28 1.79
CA ALA D 300 63.42 25.71 2.10
C ALA D 300 62.95 26.04 3.52
N LEU D 301 61.87 25.41 3.94
CA LEU D 301 61.32 25.67 5.26
C LEU D 301 62.30 25.27 6.36
N ARG D 302 62.83 24.05 6.27
CA ARG D 302 63.73 23.57 7.31
C ARG D 302 65.04 24.37 7.33
N GLU D 303 65.37 25.04 6.22
CA GLU D 303 66.49 25.98 6.15
C GLU D 303 66.17 27.32 6.81
N ALA D 304 64.93 27.80 6.62
CA ALA D 304 64.51 29.09 7.18
C ALA D 304 64.35 29.06 8.70
N THR D 305 63.91 27.92 9.24
CA THR D 305 63.68 27.79 10.69
C THR D 305 64.26 26.49 11.22
N GLY D 306 64.71 26.52 12.47
CA GLY D 306 65.14 25.31 13.17
C GLY D 306 63.96 24.51 13.73
N LEU D 307 62.76 25.07 13.67
CA LEU D 307 61.58 24.41 14.21
C LEU D 307 61.20 23.21 13.40
N PRO D 308 60.68 22.16 14.03
CA PRO D 308 60.12 21.06 13.25
C PRO D 308 58.94 21.52 12.41
N ILE D 309 58.67 20.78 11.32
CA ILE D 309 57.57 21.08 10.40
C ILE D 309 56.59 19.90 10.38
N HIS D 310 55.30 20.21 10.33
CA HIS D 310 54.21 19.24 10.35
C HIS D 310 53.34 19.51 9.12
N PHE D 311 53.12 18.52 8.27
CA PHE D 311 52.37 18.73 7.01
C PHE D 311 50.98 18.09 6.99
N HIS D 312 49.97 18.92 6.76
CA HIS D 312 48.58 18.47 6.70
C HIS D 312 48.00 18.78 5.33
N THR D 313 47.41 17.77 4.69
CA THR D 313 46.81 17.96 3.38
C THR D 313 45.53 17.15 3.24
N HIS D 314 44.91 17.27 2.07
CA HIS D 314 43.66 16.60 1.72
C HIS D 314 43.84 15.96 0.37
N ASP D 315 43.13 14.87 0.09
CA ASP D 315 43.39 14.02 -1.07
C ASP D 315 42.41 14.23 -2.22
N THR D 316 41.86 15.44 -2.31
CA THR D 316 40.82 15.73 -3.29
C THR D 316 41.25 15.49 -4.74
N SER D 317 42.54 15.77 -5.02
CA SER D 317 43.12 15.58 -6.34
C SER D 317 43.37 14.11 -6.68
N GLY D 318 43.34 13.23 -5.69
CA GLY D 318 43.76 11.85 -5.86
C GLY D 318 45.28 11.65 -5.95
N ILE D 319 46.08 12.67 -5.66
CA ILE D 319 47.54 12.48 -5.60
C ILE D 319 48.23 12.95 -4.31
N ALA D 320 47.46 13.29 -3.27
CA ALA D 320 48.06 13.94 -2.08
C ALA D 320 49.07 13.05 -1.35
N ALA D 321 48.93 11.74 -1.50
CA ALA D 321 49.90 10.81 -0.97
C ALA D 321 51.27 11.01 -1.61
N ALA D 322 51.30 11.35 -2.89
CA ALA D 322 52.59 11.68 -3.54
C ALA D 322 53.21 12.90 -2.87
N THR D 323 52.39 13.91 -2.58
CA THR D 323 52.90 15.14 -1.99
C THR D 323 53.42 14.85 -0.58
N VAL D 324 52.70 14.00 0.14
CA VAL D 324 53.16 13.56 1.47
C VAL D 324 54.50 12.82 1.37
N LEU D 325 54.60 11.83 0.48
CA LEU D 325 55.87 11.12 0.30
C LEU D 325 57.00 12.01 -0.15
N ALA D 326 56.71 12.99 -1.00
CA ALA D 326 57.74 13.96 -1.40
C ALA D 326 58.19 14.78 -0.19
N ALA D 327 57.25 15.17 0.66
CA ALA D 327 57.58 15.97 1.84
C ALA D 327 58.47 15.21 2.83
N VAL D 328 58.17 13.92 2.99
CA VAL D 328 58.96 12.98 3.80
C VAL D 328 60.39 12.87 3.29
N GLU D 329 60.52 12.61 1.99
CA GLU D 329 61.81 12.51 1.31
C GLU D 329 62.60 13.81 1.44
N ALA D 330 61.90 14.92 1.66
CA ALA D 330 62.54 16.25 1.82
C ALA D 330 62.75 16.70 3.29
N GLY D 331 62.50 15.82 4.26
CA GLY D 331 62.87 16.06 5.66
C GLY D 331 61.78 16.47 6.63
N VAL D 332 60.55 16.61 6.14
CA VAL D 332 59.45 17.04 6.98
C VAL D 332 59.38 16.10 8.19
N ASP D 333 59.09 16.67 9.36
CA ASP D 333 59.20 15.94 10.60
C ASP D 333 57.95 15.14 10.93
N ALA D 334 56.79 15.68 10.61
CA ALA D 334 55.53 15.01 10.89
C ALA D 334 54.54 15.23 9.76
N VAL D 335 53.75 14.19 9.45
CA VAL D 335 52.64 14.28 8.50
C VAL D 335 51.34 13.73 9.08
N ASP D 336 50.21 14.26 8.59
CA ASP D 336 48.87 13.79 8.90
C ASP D 336 48.37 12.78 7.86
N ALA D 337 47.79 11.68 8.30
CA ALA D 337 47.01 10.78 7.43
C ALA D 337 45.78 10.31 8.17
N ALA D 338 44.80 9.82 7.40
CA ALA D 338 43.60 9.20 7.97
C ALA D 338 43.54 7.69 7.70
N MET D 339 42.96 6.95 8.64
CA MET D 339 42.84 5.51 8.49
C MET D 339 42.16 5.17 7.13
N ASP D 340 42.70 4.16 6.45
CA ASP D 340 42.23 3.72 5.14
C ASP D 340 40.72 3.91 4.93
N ALA D 341 39.93 3.28 5.81
CA ALA D 341 38.46 3.29 5.71
C ALA D 341 37.79 4.66 5.72
N LEU D 342 38.53 5.70 6.12
CA LEU D 342 38.04 7.12 6.15
C LEU D 342 39.05 8.09 5.50
N SER D 343 39.67 7.64 4.42
CA SER D 343 40.72 8.36 3.77
C SER D 343 40.39 8.57 2.31
N GLY D 344 41.15 9.41 1.63
CA GLY D 344 40.87 9.59 0.20
C GLY D 344 39.82 10.65 -0.03
N ASN D 345 39.65 11.01 -1.30
CA ASN D 345 38.75 12.06 -1.69
C ASN D 345 39.02 13.30 -0.86
N THR D 346 38.00 13.87 -0.23
CA THR D 346 38.14 15.14 0.47
C THR D 346 38.78 14.98 1.86
N SER D 347 39.08 13.74 2.24
CA SER D 347 39.74 13.46 3.53
C SER D 347 41.25 13.47 3.31
N GLN D 348 42.01 13.09 4.34
CA GLN D 348 43.43 12.88 4.20
C GLN D 348 43.75 11.65 3.33
N PRO D 349 44.99 11.56 2.84
CA PRO D 349 45.43 10.38 2.12
C PRO D 349 45.59 9.18 3.03
N CYS D 350 45.63 8.00 2.42
CA CYS D 350 45.60 6.73 3.14
C CYS D 350 46.82 6.47 4.03
N LEU D 351 46.60 6.47 5.34
CA LEU D 351 47.64 6.22 6.35
C LEU D 351 48.34 4.89 6.11
N GLY D 352 47.57 3.82 5.99
CA GLY D 352 48.12 2.47 5.78
C GLY D 352 49.00 2.38 4.54
N SER D 353 48.59 3.00 3.46
CA SER D 353 49.40 2.87 2.25
C SER D 353 50.64 3.76 2.31
N ILE D 354 50.57 4.90 2.98
CA ILE D 354 51.76 5.74 3.17
C ILE D 354 52.83 5.00 4.00
N VAL D 355 52.41 4.53 5.16
CA VAL D 355 53.30 3.79 6.06
C VAL D 355 53.95 2.63 5.32
N GLU D 356 53.14 1.93 4.53
CA GLU D 356 53.60 0.80 3.77
C GLU D 356 54.63 1.21 2.71
N ALA D 357 54.48 2.41 2.15
CA ALA D 357 55.44 2.92 1.18
C ALA D 357 56.76 3.32 1.84
N LEU D 358 56.72 3.60 3.13
CA LEU D 358 57.91 4.03 3.85
C LEU D 358 58.58 2.87 4.54
N SER D 359 57.88 1.75 4.62
CA SER D 359 58.29 0.60 5.37
C SER D 359 59.63 0.13 4.82
N GLY D 360 60.62 0.03 5.71
CA GLY D 360 61.97 -0.35 5.32
C GLY D 360 62.92 0.78 4.95
N SER D 361 62.39 1.99 4.73
CA SER D 361 63.26 3.11 4.31
C SER D 361 63.90 3.74 5.52
N GLU D 362 64.87 4.62 5.30
CA GLU D 362 65.57 5.31 6.40
C GLU D 362 64.57 6.02 7.33
N ARG D 363 63.45 6.49 6.80
CA ARG D 363 62.52 7.28 7.60
C ARG D 363 61.27 6.48 8.06
N ASP D 364 61.32 5.17 8.04
CA ASP D 364 60.20 4.33 8.36
C ASP D 364 59.64 4.76 9.68
N PRO D 365 58.32 4.88 9.79
CA PRO D 365 57.72 5.38 11.03
C PRO D 365 57.56 4.33 12.14
N GLY D 366 57.82 3.06 11.86
CA GLY D 366 57.74 2.02 12.90
C GLY D 366 56.33 1.80 13.43
N LEU D 367 55.39 1.65 12.49
CA LEU D 367 54.01 1.36 12.80
C LEU D 367 53.63 -0.01 12.23
N ASP D 368 53.05 -0.85 13.06
CA ASP D 368 52.69 -2.19 12.64
C ASP D 368 51.51 -2.13 11.61
N PRO D 369 51.75 -2.61 10.38
CA PRO D 369 50.72 -2.50 9.35
C PRO D 369 49.49 -3.37 9.65
N ALA D 370 49.71 -4.52 10.31
CA ALA D 370 48.61 -5.41 10.65
C ALA D 370 47.64 -4.72 11.61
N TRP D 371 48.18 -3.87 12.49
CA TRP D 371 47.36 -3.18 13.47
C TRP D 371 46.63 -2.01 12.83
N ILE D 372 47.29 -1.30 11.92
CA ILE D 372 46.61 -0.27 11.09
C ILE D 372 45.43 -0.87 10.34
N ARG D 373 45.68 -1.98 9.68
CA ARG D 373 44.60 -2.76 9.09
C ARG D 373 43.47 -3.09 10.05
N ARG D 374 43.78 -3.65 11.21
CA ARG D 374 42.73 -3.98 12.19
C ARG D 374 41.94 -2.76 12.64
N ILE D 375 42.63 -1.65 12.89
CA ILE D 375 41.92 -0.44 13.31
C ILE D 375 41.09 0.07 12.14
N SER D 376 41.67 0.05 10.94
CA SER D 376 40.92 0.42 9.76
C SER D 376 39.68 -0.46 9.55
N PHE D 377 39.74 -1.77 9.82
CA PHE D 377 38.53 -2.63 9.71
C PHE D 377 37.49 -2.22 10.73
N TYR D 378 37.94 -1.75 11.88
CA TYR D 378 37.01 -1.23 12.86
C TYR D 378 36.30 0.01 12.28
N TRP D 379 37.08 0.96 11.80
CA TRP D 379 36.49 2.21 11.26
C TRP D 379 35.56 1.96 10.05
N GLU D 380 35.89 0.95 9.25
CA GLU D 380 35.04 0.61 8.11
C GLU D 380 33.66 0.23 8.63
N ALA D 381 33.63 -0.65 9.63
CA ALA D 381 32.35 -1.08 10.21
C ALA D 381 31.63 0.07 10.89
N VAL D 382 32.37 0.96 11.52
CA VAL D 382 31.77 2.15 12.14
C VAL D 382 31.16 3.05 11.06
N ARG D 383 31.92 3.26 10.00
CA ARG D 383 31.50 4.12 8.94
C ARG D 383 30.15 3.66 8.37
N ASN D 384 29.98 2.36 8.16
CA ASN D 384 28.72 1.81 7.62
C ASN D 384 27.45 2.24 8.36
N GLN D 385 27.60 2.59 9.64
CA GLN D 385 26.51 3.02 10.50
C GLN D 385 26.06 4.42 10.13
N TYR D 386 26.90 5.16 9.41
CA TYR D 386 26.62 6.57 9.10
C TYR D 386 26.28 6.79 7.64
N ALA D 387 25.69 5.77 7.01
CA ALA D 387 25.24 5.85 5.61
C ALA D 387 24.38 7.08 5.29
N ALA D 388 23.73 7.62 6.30
CA ALA D 388 22.85 8.76 6.14
C ALA D 388 23.58 10.01 5.73
N PHE D 389 24.85 10.02 6.06
CA PHE D 389 25.64 11.22 5.92
C PHE D 389 26.67 11.06 4.83
N GLU D 390 26.58 10.01 4.00
CA GLU D 390 27.52 9.83 2.87
C GLU D 390 27.19 10.78 1.73
N SER D 391 28.20 11.48 1.23
CA SER D 391 28.01 12.37 0.07
C SER D 391 28.03 11.53 -1.20
N ASP D 392 27.82 12.17 -2.33
CA ASP D 392 27.89 11.46 -3.60
C ASP D 392 29.27 11.57 -4.28
N LEU D 393 30.34 11.80 -3.53
CA LEU D 393 31.64 12.05 -4.18
C LEU D 393 32.18 10.73 -4.73
N LYS D 394 32.45 10.74 -6.04
CA LYS D 394 32.82 9.55 -6.81
C LYS D 394 34.31 9.21 -6.78
N GLY D 395 35.15 10.23 -6.77
CA GLY D 395 36.58 10.01 -6.78
C GLY D 395 37.38 11.29 -6.92
N PRO D 396 38.63 11.16 -7.38
CA PRO D 396 39.56 12.28 -7.58
C PRO D 396 39.01 13.30 -8.52
N ALA D 397 39.42 14.55 -8.35
CA ALA D 397 39.09 15.61 -9.31
C ALA D 397 40.23 16.63 -9.41
N SER D 398 40.82 16.77 -10.60
CA SER D 398 41.76 17.86 -10.86
C SER D 398 41.11 19.26 -10.84
N GLU D 399 39.78 19.30 -10.88
CA GLU D 399 39.01 20.54 -10.73
C GLU D 399 39.39 21.32 -9.46
N VAL D 400 39.91 20.59 -8.45
CA VAL D 400 40.36 21.24 -7.23
C VAL D 400 41.40 22.34 -7.47
N TYR D 401 42.25 22.18 -8.48
CA TYR D 401 43.26 23.23 -8.81
C TYR D 401 42.64 24.51 -9.35
N LEU D 402 41.42 24.42 -9.85
CA LEU D 402 40.71 25.61 -10.29
C LEU D 402 40.01 26.31 -9.11
N HIS D 403 39.16 25.60 -8.38
CA HIS D 403 38.31 26.26 -7.37
C HIS D 403 38.93 26.49 -5.98
N GLU D 404 39.81 25.59 -5.53
CA GLU D 404 40.50 25.72 -4.23
C GLU D 404 39.59 25.62 -2.97
N MET D 405 38.48 24.89 -3.09
CA MET D 405 37.59 24.69 -1.98
C MET D 405 38.29 23.76 -1.03
N PRO D 406 38.29 24.10 0.27
CA PRO D 406 38.87 23.21 1.28
C PRO D 406 38.15 21.89 1.28
N GLY D 407 38.89 20.81 1.57
CA GLY D 407 38.33 19.47 1.64
C GLY D 407 37.21 19.41 2.65
N GLY D 408 37.47 19.95 3.85
CA GLY D 408 36.48 20.00 4.90
C GLY D 408 35.28 20.93 4.70
N GLN D 409 35.23 21.65 3.58
CA GLN D 409 34.06 22.46 3.21
C GLN D 409 33.28 21.85 2.03
N PHE D 410 33.95 21.04 1.23
CA PHE D 410 33.48 20.78 -0.14
C PHE D 410 32.04 20.27 -0.18
N THR D 411 31.76 19.35 0.73
CA THR D 411 30.55 18.58 0.75
C THR D 411 29.43 19.41 1.42
N ASN D 412 29.82 20.18 2.44
CA ASN D 412 28.92 21.16 3.08
C ASN D 412 28.33 22.14 2.06
N LEU D 413 29.20 22.63 1.18
CA LEU D 413 28.83 23.60 0.14
C LEU D 413 28.05 22.99 -1.01
N LYS D 414 28.34 21.74 -1.35
CA LYS D 414 27.57 21.03 -2.41
C LYS D 414 26.09 20.92 -1.99
N GLU D 415 25.87 20.66 -0.70
CA GLU D 415 24.52 20.54 -0.15
C GLU D 415 23.86 21.90 0.02
N GLN D 416 24.64 22.86 0.52
CA GLN D 416 24.18 24.23 0.57
C GLN D 416 23.69 24.74 -0.81
N ALA D 417 24.36 24.33 -1.87
CA ALA D 417 23.94 24.64 -3.25
C ALA D 417 22.73 23.83 -3.66
N ARG D 418 22.65 22.58 -3.19
CA ARG D 418 21.47 21.72 -3.37
C ARG D 418 20.26 22.41 -2.70
N SER D 419 20.48 22.92 -1.49
CA SER D 419 19.48 23.70 -0.74
C SER D 419 18.84 24.82 -1.56
N LEU D 420 19.66 25.51 -2.36
CA LEU D 420 19.19 26.61 -3.19
C LEU D 420 18.82 26.17 -4.61
N GLY D 421 18.61 24.86 -4.81
CA GLY D 421 18.16 24.33 -6.10
C GLY D 421 19.21 24.33 -7.20
N LEU D 422 20.49 24.26 -6.84
CA LEU D 422 21.52 24.39 -7.85
C LEU D 422 22.28 23.09 -8.15
N GLU D 423 21.84 21.96 -7.60
CA GLU D 423 22.52 20.67 -7.81
C GLU D 423 23.01 20.50 -9.27
N THR D 424 22.19 20.96 -10.23
CA THR D 424 22.46 20.77 -11.66
C THR D 424 23.56 21.69 -12.24
N ARG D 425 23.85 22.83 -11.61
CA ARG D 425 24.89 23.75 -12.12
C ARG D 425 26.13 23.77 -11.21
N TRP D 426 26.44 22.65 -10.56
CA TRP D 426 27.54 22.59 -9.59
C TRP D 426 28.89 23.01 -10.18
N HIS D 427 29.11 22.75 -11.46
CA HIS D 427 30.39 23.13 -12.08
C HIS D 427 30.45 24.63 -12.37
N GLN D 428 29.30 25.30 -12.46
CA GLN D 428 29.24 26.76 -12.59
C GLN D 428 29.54 27.40 -11.22
N VAL D 429 28.93 26.84 -10.17
CA VAL D 429 29.22 27.25 -8.79
C VAL D 429 30.71 27.16 -8.47
N ALA D 430 31.37 26.15 -9.05
CA ALA D 430 32.80 25.96 -8.83
C ALA D 430 33.62 26.99 -9.59
N GLN D 431 33.14 27.38 -10.77
CA GLN D 431 33.77 28.43 -11.54
C GLN D 431 33.54 29.80 -10.84
N ALA D 432 32.36 29.97 -10.23
CA ALA D 432 32.03 31.19 -9.50
C ALA D 432 32.85 31.37 -8.22
N TYR D 433 33.20 30.27 -7.57
CA TYR D 433 34.01 30.30 -6.37
C TYR D 433 35.40 30.81 -6.70
N ALA D 434 35.93 30.41 -7.86
CA ALA D 434 37.24 30.83 -8.30
C ALA D 434 37.23 32.28 -8.76
N ASP D 435 36.10 32.73 -9.30
CA ASP D 435 35.94 34.12 -9.78
C ASP D 435 35.89 35.05 -8.58
N ALA D 436 34.99 34.74 -7.66
CA ALA D 436 34.92 35.44 -6.37
C ALA D 436 36.31 35.56 -5.75
N ASN D 437 37.03 34.44 -5.68
CA ASN D 437 38.34 34.46 -5.05
C ASN D 437 39.21 35.54 -5.62
N GLN D 438 39.25 35.64 -6.95
CA GLN D 438 40.05 36.66 -7.62
C GLN D 438 39.51 38.06 -7.39
N MET D 439 38.18 38.17 -7.34
CA MET D 439 37.51 39.44 -7.08
C MET D 439 37.88 39.97 -5.71
N PHE D 440 37.93 39.08 -4.72
CA PHE D 440 38.42 39.41 -3.38
C PHE D 440 39.94 39.62 -3.30
N GLY D 441 40.60 39.54 -4.45
CA GLY D 441 42.04 39.62 -4.47
C GLY D 441 42.91 38.39 -4.34
N ASP D 442 42.43 37.21 -4.69
CA ASP D 442 43.25 36.00 -4.59
C ASP D 442 43.74 35.68 -3.21
N ILE D 443 42.80 35.29 -2.37
CA ILE D 443 42.90 35.24 -0.94
C ILE D 443 42.96 33.82 -0.38
N VAL D 444 43.38 33.69 0.87
CA VAL D 444 43.47 32.38 1.48
C VAL D 444 42.07 31.95 1.83
N LYS D 445 41.69 30.78 1.36
CA LYS D 445 40.37 30.28 1.62
C LYS D 445 40.41 29.14 2.63
N VAL D 446 39.78 29.37 3.76
CA VAL D 446 39.67 28.38 4.82
C VAL D 446 38.74 28.95 5.88
N THR D 447 38.14 28.09 6.70
CA THR D 447 37.20 28.51 7.72
C THR D 447 37.73 29.71 8.55
N PRO D 448 37.04 30.86 8.52
CA PRO D 448 35.75 31.17 7.90
C PRO D 448 35.79 31.94 6.56
N SER D 449 36.98 32.22 6.02
CA SER D 449 37.07 33.02 4.78
C SER D 449 36.50 32.24 3.60
N SER D 450 36.70 30.93 3.64
CA SER D 450 36.13 30.00 2.67
C SER D 450 34.60 30.08 2.58
N LYS D 451 33.97 30.14 3.74
CA LYS D 451 32.51 30.23 3.83
C LYS D 451 32.02 31.56 3.24
N VAL D 452 32.78 32.63 3.48
CA VAL D 452 32.46 33.92 2.88
C VAL D 452 32.47 33.85 1.35
N VAL D 453 33.50 33.23 0.79
CA VAL D 453 33.62 33.10 -0.67
C VAL D 453 32.50 32.20 -1.20
N GLY D 454 32.18 31.17 -0.41
CA GLY D 454 31.09 30.25 -0.70
C GLY D 454 29.76 30.96 -0.84
N ASP D 455 29.40 31.77 0.16
CA ASP D 455 28.21 32.62 0.11
C ASP D 455 28.19 33.50 -1.12
N MET D 456 29.33 34.09 -1.48
CA MET D 456 29.35 35.01 -2.63
CA MET D 456 29.39 35.01 -2.64
C MET D 456 29.15 34.24 -3.93
N ALA D 457 29.78 33.08 -4.06
CA ALA D 457 29.66 32.25 -5.26
C ALA D 457 28.23 31.76 -5.43
N LEU D 458 27.65 31.26 -4.33
CA LEU D 458 26.26 30.79 -4.34
C LEU D 458 25.29 31.87 -4.80
N MET D 459 25.45 33.09 -4.28
CA MET D 459 24.61 34.21 -4.70
C MET D 459 24.81 34.55 -6.16
N MET D 460 26.07 34.70 -6.58
CA MET D 460 26.39 35.03 -7.99
C MET D 460 25.70 34.12 -9.00
N VAL D 461 25.67 32.82 -8.70
CA VAL D 461 24.98 31.84 -9.54
C VAL D 461 23.46 31.96 -9.45
N SER D 462 22.92 32.01 -8.23
CA SER D 462 21.46 32.14 -8.04
C SER D 462 20.91 33.20 -8.96
N GLN D 463 21.55 34.38 -8.96
CA GLN D 463 21.03 35.56 -9.67
C GLN D 463 21.70 35.79 -11.02
N ASP D 464 22.43 34.79 -11.53
CA ASP D 464 23.11 34.90 -12.82
C ASP D 464 23.96 36.17 -12.89
N LEU D 465 24.96 36.25 -12.00
CA LEU D 465 25.79 37.45 -11.85
C LEU D 465 27.28 37.15 -12.10
N THR D 466 27.94 38.06 -12.81
CA THR D 466 29.38 37.96 -13.12
C THR D 466 30.19 38.87 -12.19
N VAL D 467 31.50 38.64 -12.14
CA VAL D 467 32.43 39.57 -11.51
C VAL D 467 32.21 40.99 -12.09
N ALA D 468 31.93 41.10 -13.38
CA ALA D 468 31.62 42.41 -13.99
C ALA D 468 30.34 43.04 -13.42
N ASP D 469 29.31 42.23 -13.20
CA ASP D 469 28.02 42.73 -12.66
C ASP D 469 28.13 43.08 -11.18
N VAL D 470 28.77 42.22 -10.41
CA VAL D 470 28.88 42.37 -8.96
C VAL D 470 29.54 43.68 -8.53
N VAL D 471 30.46 44.18 -9.35
CA VAL D 471 31.25 45.40 -9.05
C VAL D 471 30.91 46.57 -9.97
N SER D 472 29.76 46.50 -10.65
CA SER D 472 29.37 47.52 -11.62
C SER D 472 28.81 48.75 -10.90
N PRO D 473 29.05 49.96 -11.47
CA PRO D 473 28.43 51.17 -10.90
C PRO D 473 26.89 51.10 -10.76
N ASP D 474 26.18 50.87 -11.86
CA ASP D 474 24.71 50.89 -11.88
C ASP D 474 24.07 49.47 -11.80
N ARG D 475 24.31 48.75 -10.71
CA ARG D 475 23.73 47.40 -10.50
C ARG D 475 23.50 47.07 -9.02
N GLU D 476 22.31 47.41 -8.49
CA GLU D 476 22.06 47.40 -7.04
C GLU D 476 21.90 46.00 -6.45
N VAL D 477 22.94 45.55 -5.73
CA VAL D 477 23.00 44.22 -5.11
C VAL D 477 22.60 44.28 -3.63
N SER D 478 22.41 43.13 -3.00
CA SER D 478 22.30 43.05 -1.55
C SER D 478 23.13 41.87 -1.06
N PHE D 479 24.33 42.16 -0.55
CA PHE D 479 25.34 41.15 -0.28
C PHE D 479 24.97 40.29 0.93
N PRO D 480 25.67 39.15 1.11
CA PRO D 480 25.46 38.35 2.31
C PRO D 480 26.02 39.01 3.57
N GLU D 481 25.36 38.77 4.71
CA GLU D 481 25.75 39.35 5.99
C GLU D 481 27.17 38.90 6.43
N SER D 482 27.76 37.97 5.69
CA SER D 482 29.13 37.50 5.91
C SER D 482 30.16 38.17 5.00
N VAL D 483 29.75 38.58 3.79
CA VAL D 483 30.64 39.26 2.86
C VAL D 483 30.90 40.68 3.32
N VAL D 484 29.84 41.36 3.75
CA VAL D 484 29.99 42.70 4.30
C VAL D 484 30.95 42.62 5.47
N SER D 485 30.62 41.75 6.43
CA SER D 485 31.42 41.56 7.62
C SER D 485 32.91 41.41 7.31
N MET D 486 33.26 40.57 6.32
CA MET D 486 34.67 40.34 5.97
C MET D 486 35.34 41.60 5.43
N LEU D 487 34.66 42.29 4.52
CA LEU D 487 35.20 43.48 3.89
C LEU D 487 35.31 44.65 4.87
N LYS D 488 34.53 44.59 5.95
CA LYS D 488 34.66 45.54 7.05
C LYS D 488 36.04 45.44 7.72
N GLY D 489 36.47 44.21 7.97
CA GLY D 489 37.70 43.92 8.69
C GLY D 489 37.54 42.90 9.82
N ASP D 490 36.39 42.21 9.85
CA ASP D 490 36.08 41.26 10.92
C ASP D 490 36.88 39.95 10.93
N LEU D 491 37.44 39.57 9.79
CA LEU D 491 38.33 38.39 9.72
C LEU D 491 39.80 38.84 9.66
N GLY D 492 40.01 40.15 9.60
CA GLY D 492 41.34 40.72 9.55
C GLY D 492 41.71 41.20 8.16
N GLN D 493 43.01 41.25 7.91
CA GLN D 493 43.58 41.87 6.72
C GLN D 493 44.40 40.87 5.91
N PRO D 494 44.20 40.85 4.57
CA PRO D 494 45.09 40.15 3.66
C PRO D 494 46.30 41.02 3.36
N PRO D 495 47.36 40.45 2.74
CA PRO D 495 48.62 41.17 2.52
C PRO D 495 48.45 42.57 1.90
N SER D 496 47.71 42.65 0.80
CA SER D 496 47.57 43.91 0.05
C SER D 496 46.36 44.73 0.50
N GLY D 497 45.62 44.23 1.50
CA GLY D 497 44.35 44.83 1.91
C GLY D 497 43.22 44.32 1.03
N TRP D 498 42.03 44.87 1.21
CA TRP D 498 40.87 44.52 0.39
C TRP D 498 40.80 45.43 -0.84
N PRO D 499 40.16 44.96 -1.92
CA PRO D 499 39.97 45.82 -3.11
C PRO D 499 39.06 47.01 -2.84
N GLU D 500 39.53 48.21 -3.15
CA GLU D 500 38.84 49.47 -2.84
C GLU D 500 37.41 49.46 -3.34
N ALA D 501 37.25 49.32 -4.66
CA ALA D 501 35.95 49.48 -5.33
C ALA D 501 34.89 48.48 -4.85
N LEU D 502 35.26 47.20 -4.80
CA LEU D 502 34.36 46.14 -4.32
C LEU D 502 33.94 46.33 -2.85
N GLN D 503 34.72 47.09 -2.09
CA GLN D 503 34.44 47.32 -0.67
C GLN D 503 33.39 48.42 -0.48
N LYS D 504 33.52 49.52 -1.23
CA LYS D 504 32.59 50.65 -1.13
C LYS D 504 31.16 50.23 -1.44
N LYS D 505 30.97 49.55 -2.57
CA LYS D 505 29.63 49.13 -3.01
C LYS D 505 28.99 48.16 -2.00
N ALA D 506 29.82 47.39 -1.31
CA ALA D 506 29.33 46.37 -0.37
C ALA D 506 28.90 46.97 0.97
N LEU D 507 29.65 47.93 1.46
CA LEU D 507 29.35 48.52 2.77
C LEU D 507 28.25 49.61 2.65
N LYS D 508 28.29 50.40 1.57
CA LYS D 508 27.26 51.38 1.24
C LYS D 508 27.77 52.82 1.38
N GLU D 510 29.29 53.22 5.66
CA GLU D 510 29.88 52.49 6.76
C GLU D 510 31.39 52.35 6.55
N LYS D 511 32.17 52.93 7.47
CA LYS D 511 33.63 52.97 7.33
C LYS D 511 34.28 51.66 7.79
N PRO D 512 35.27 51.17 7.02
CA PRO D 512 35.99 49.95 7.36
C PRO D 512 37.16 50.21 8.29
N TYR D 513 37.57 49.18 9.02
CA TYR D 513 38.75 49.29 9.88
C TYR D 513 39.79 48.27 9.45
N THR D 514 41.05 48.66 9.55
CA THR D 514 42.18 47.81 9.16
C THR D 514 42.87 47.16 10.36
N VAL D 515 42.41 47.48 11.57
CA VAL D 515 43.09 47.02 12.78
C VAL D 515 42.70 45.58 13.11
N ARG D 516 43.35 45.06 14.15
CA ARG D 516 43.04 43.72 14.64
C ARG D 516 41.64 43.71 15.28
N PRO D 517 40.76 42.80 14.86
CA PRO D 517 39.37 42.80 15.35
C PRO D 517 39.22 42.73 16.87
N GLY D 518 40.07 41.91 17.50
CA GLY D 518 40.05 41.73 18.96
C GLY D 518 40.49 42.96 19.75
N SER D 519 41.21 43.88 19.11
CA SER D 519 41.54 45.15 19.76
C SER D 519 40.30 46.02 19.94
N LEU D 520 39.25 45.77 19.16
CA LEU D 520 38.02 46.56 19.22
C LEU D 520 36.92 45.94 20.10
N LEU D 521 36.79 44.62 20.07
CA LEU D 521 35.78 43.93 20.87
C LEU D 521 36.06 44.12 22.38
N LYS D 522 35.14 44.76 23.09
CA LYS D 522 35.26 44.99 24.53
C LYS D 522 35.47 43.69 25.32
N GLU D 523 36.22 43.78 26.42
CA GLU D 523 36.49 42.62 27.28
C GLU D 523 35.21 42.18 27.99
N ALA D 524 34.70 41.01 27.62
CA ALA D 524 33.47 40.47 28.20
C ALA D 524 33.59 40.27 29.71
N ASP D 525 32.58 40.71 30.44
CA ASP D 525 32.52 40.49 31.89
C ASP D 525 32.20 39.01 32.13
N LEU D 526 33.21 38.25 32.54
CA LEU D 526 33.07 36.81 32.69
C LEU D 526 32.19 36.44 33.89
N ASP D 527 32.31 37.17 34.98
CA ASP D 527 31.52 36.89 36.19
C ASP D 527 30.04 37.21 35.99
N ALA D 528 29.73 38.12 35.08
CA ALA D 528 28.34 38.48 34.78
C ALA D 528 27.71 37.48 33.82
N GLU D 529 28.41 37.21 32.71
CA GLU D 529 27.90 36.30 31.67
C GLU D 529 27.70 34.89 32.23
N ARG D 530 28.44 34.56 33.30
CA ARG D 530 28.30 33.28 33.98
C ARG D 530 27.07 33.19 34.91
N LYS D 531 26.66 34.32 35.48
CA LYS D 531 25.43 34.38 36.27
C LYS D 531 24.20 34.29 35.35
N VAL D 532 24.34 34.71 34.09
CA VAL D 532 23.24 34.66 33.13
C VAL D 532 22.88 33.22 32.76
N ILE D 533 23.86 32.43 32.36
CA ILE D 533 23.61 31.05 31.93
C ILE D 533 23.22 30.16 33.11
N GLU D 534 23.76 30.45 34.30
CA GLU D 534 23.45 29.68 35.49
C GLU D 534 22.03 29.99 36.00
N LYS D 535 21.50 31.16 35.63
CA LYS D 535 20.10 31.52 35.93
C LYS D 535 19.17 30.87 34.90
N LYS D 536 19.50 30.98 33.62
CA LYS D 536 18.67 30.40 32.56
C LYS D 536 18.57 28.87 32.66
N LEU D 537 19.55 28.21 33.28
CA LEU D 537 19.52 26.76 33.51
C LEU D 537 19.10 26.38 34.94
N GLU D 538 18.94 27.39 35.80
CA GLU D 538 18.64 27.17 37.23
C GLU D 538 19.55 26.11 37.84
N ARG D 539 20.84 26.18 37.49
CA ARG D 539 21.86 25.34 38.10
C ARG D 539 23.24 25.92 37.79
N GLU D 540 24.22 25.59 38.64
CA GLU D 540 25.62 25.99 38.42
C GLU D 540 26.19 25.18 37.26
N VAL D 541 27.21 25.75 36.61
CA VAL D 541 27.89 25.06 35.50
C VAL D 541 29.37 24.91 35.79
N SER D 542 30.02 24.02 35.05
CA SER D 542 31.46 23.83 35.16
C SER D 542 32.16 24.88 34.33
N ASP D 543 33.46 25.06 34.55
CA ASP D 543 34.27 25.98 33.73
C ASP D 543 34.24 25.60 32.24
N PHE D 544 34.22 24.30 31.94
CA PHE D 544 34.14 23.79 30.58
C PHE D 544 32.82 24.23 29.93
N GLU D 545 31.73 23.95 30.63
CA GLU D 545 30.39 24.33 30.18
C GLU D 545 30.29 25.83 29.88
N PHE D 546 30.90 26.66 30.74
CA PHE D 546 30.92 28.12 30.51
C PHE D 546 31.73 28.48 29.26
N ALA D 547 32.77 27.72 28.95
CA ALA D 547 33.55 27.93 27.74
C ALA D 547 32.75 27.56 26.50
N SER D 548 31.97 26.48 26.59
CA SER D 548 31.02 26.12 25.54
C SER D 548 30.02 27.25 25.33
N TYR D 549 29.55 27.86 26.41
CA TYR D 549 28.56 28.94 26.35
C TYR D 549 29.16 30.16 25.65
N LEU D 550 30.37 30.54 26.05
CA LEU D 550 31.09 31.64 25.43
C LEU D 550 31.30 31.48 23.92
N MET D 551 31.59 30.25 23.49
CA MET D 551 31.76 29.95 22.06
C MET D 551 30.44 29.89 21.30
N TYR D 552 29.45 29.20 21.90
CA TYR D 552 28.18 28.95 21.26
C TYR D 552 27.02 29.08 22.27
N PRO D 553 26.64 30.33 22.61
CA PRO D 553 25.64 30.52 23.68
C PRO D 553 24.32 29.81 23.40
N LYS D 554 23.82 29.94 22.17
CA LYS D 554 22.57 29.34 21.76
C LYS D 554 22.66 27.80 21.73
N VAL D 555 23.69 27.28 21.09
CA VAL D 555 23.82 25.83 20.92
C VAL D 555 24.03 25.17 22.28
N PHE D 556 24.88 25.79 23.10
CA PHE D 556 25.08 25.30 24.44
C PHE D 556 23.77 25.33 25.24
N THR D 557 23.09 26.46 25.25
CA THR D 557 21.88 26.55 26.01
C THR D 557 20.87 25.46 25.60
N ASP D 558 20.66 25.29 24.31
CA ASP D 558 19.74 24.26 23.82
C ASP D 558 20.22 22.85 24.19
N PHE D 559 21.51 22.59 24.02
CA PHE D 559 22.07 21.27 24.38
C PHE D 559 21.87 20.97 25.87
N ALA D 560 22.17 21.95 26.73
CA ALA D 560 22.05 21.75 28.17
C ALA D 560 20.64 21.32 28.51
N LEU D 561 19.67 22.01 27.92
CA LEU D 561 18.25 21.73 28.16
C LEU D 561 17.87 20.34 27.67
N ALA D 562 18.35 19.98 26.48
CA ALA D 562 18.07 18.67 25.91
C ALA D 562 18.73 17.58 26.73
N SER D 563 19.90 17.89 27.29
CA SER D 563 20.63 16.95 28.16
C SER D 563 19.86 16.69 29.46
N ASP D 564 19.33 17.78 30.05
CA ASP D 564 18.45 17.68 31.23
C ASP D 564 17.20 16.83 30.95
N THR D 565 16.72 16.84 29.70
CA THR D 565 15.52 16.11 29.35
C THR D 565 15.81 14.65 29.02
N TYR D 566 16.83 14.42 28.20
CA TYR D 566 17.08 13.10 27.67
C TYR D 566 18.22 12.32 28.34
N GLY D 567 19.02 12.97 29.18
CA GLY D 567 20.09 12.29 29.90
C GLY D 567 21.36 12.07 29.09
N PRO D 568 22.21 11.14 29.52
CA PRO D 568 23.51 10.95 28.87
C PRO D 568 23.34 10.06 27.63
N VAL D 569 22.69 10.59 26.60
CA VAL D 569 22.43 9.81 25.38
C VAL D 569 23.69 9.37 24.64
N SER D 570 24.82 10.00 24.95
CA SER D 570 26.07 9.64 24.31
C SER D 570 26.55 8.23 24.62
N VAL D 571 26.08 7.61 25.69
CA VAL D 571 26.43 6.21 25.95
C VAL D 571 25.73 5.22 25.03
N LEU D 572 24.69 5.64 24.35
CA LEU D 572 23.96 4.74 23.46
C LEU D 572 24.81 4.40 22.25
N PRO D 573 24.73 3.15 21.75
CA PRO D 573 25.37 2.86 20.47
C PRO D 573 24.66 3.56 19.34
N THR D 574 25.38 3.71 18.24
CA THR D 574 24.98 4.63 17.20
C THR D 574 23.66 4.23 16.52
N PRO D 575 23.46 2.93 16.21
CA PRO D 575 22.15 2.54 15.64
C PRO D 575 21.00 2.91 16.56
N ALA D 576 21.17 2.68 17.86
CA ALA D 576 20.16 3.05 18.83
C ALA D 576 19.92 4.56 18.87
N TYR D 577 21.01 5.32 18.79
CA TYR D 577 20.90 6.77 18.87
C TYR D 577 20.18 7.34 17.64
N PHE D 578 20.48 6.83 16.45
CA PHE D 578 19.84 7.36 15.23
C PHE D 578 18.49 6.75 14.89
N TYR D 579 18.25 5.50 15.29
CA TYR D 579 17.04 4.74 14.89
C TYR D 579 16.24 4.05 16.02
N GLY D 580 16.67 4.22 17.28
CA GLY D 580 15.99 3.56 18.39
C GLY D 580 16.06 2.05 18.32
N LEU D 581 15.01 1.38 18.83
CA LEU D 581 15.00 -0.07 18.94
C LEU D 581 13.92 -0.73 18.11
N ALA D 582 14.30 -1.77 17.39
CA ALA D 582 13.34 -2.59 16.66
C ALA D 582 12.41 -3.34 17.65
N ASP D 583 11.24 -3.73 17.15
CA ASP D 583 10.26 -4.42 17.97
C ASP D 583 10.89 -5.67 18.59
N GLY D 584 10.81 -5.78 19.91
CA GLY D 584 11.41 -6.91 20.64
C GLY D 584 12.93 -6.89 20.70
N GLU D 585 13.56 -5.77 20.37
CA GLU D 585 15.03 -5.71 20.32
C GLU D 585 15.60 -5.47 21.71
N GLU D 586 16.72 -6.16 21.99
CA GLU D 586 17.38 -6.12 23.30
C GLU D 586 18.63 -5.28 23.16
N LEU D 587 18.69 -4.19 23.94
CA LEU D 587 19.87 -3.32 23.99
C LEU D 587 20.58 -3.50 25.32
N PHE D 588 21.91 -3.46 25.26
CA PHE D 588 22.77 -3.36 26.42
C PHE D 588 23.41 -1.99 26.40
N ALA D 589 23.11 -1.17 27.40
CA ALA D 589 23.74 0.14 27.53
C ALA D 589 24.38 0.34 28.88
N ASP D 590 25.58 0.88 28.83
CA ASP D 590 26.37 1.16 29.99
C ASP D 590 26.14 2.61 30.42
N ILE D 591 25.03 2.83 31.12
CA ILE D 591 24.70 4.17 31.65
C ILE D 591 25.87 4.82 32.39
N GLU D 592 26.82 3.98 32.82
CA GLU D 592 27.94 4.36 33.65
C GLU D 592 28.90 3.15 33.65
N LYS D 593 30.17 3.35 34.01
CA LYS D 593 31.17 2.27 33.92
C LYS D 593 30.91 1.07 34.85
N GLY D 594 30.36 1.31 36.04
CA GLY D 594 29.99 0.21 36.95
C GLY D 594 28.61 -0.42 36.74
N LYS D 595 27.90 -0.07 35.65
CA LYS D 595 26.50 -0.48 35.49
C LYS D 595 26.01 -0.63 34.04
N THR D 596 25.86 -1.87 33.59
CA THR D 596 25.06 -2.18 32.40
C THR D 596 23.55 -2.22 32.70
N LEU D 597 22.79 -1.57 31.81
CA LEU D 597 21.33 -1.67 31.76
C LEU D 597 20.90 -2.57 30.59
N VAL D 598 19.84 -3.32 30.81
CA VAL D 598 19.28 -4.20 29.80
C VAL D 598 17.88 -3.69 29.48
N ILE D 599 17.73 -3.26 28.23
CA ILE D 599 16.53 -2.58 27.75
C ILE D 599 15.99 -3.32 26.54
N VAL D 600 14.76 -3.77 26.62
CA VAL D 600 14.11 -4.47 25.52
C VAL D 600 12.87 -3.67 25.18
N ASN D 601 12.72 -3.34 23.91
CA ASN D 601 11.48 -2.76 23.44
C ASN D 601 10.49 -3.89 23.20
N GLN D 602 9.43 -3.95 24.01
CA GLN D 602 8.48 -5.07 23.93
C GLN D 602 7.28 -4.75 23.04
N ALA D 603 6.97 -3.46 22.88
CA ALA D 603 5.77 -3.06 22.15
C ALA D 603 5.61 -1.55 22.15
N VAL D 604 4.88 -1.06 21.13
CA VAL D 604 4.59 0.36 20.99
C VAL D 604 3.09 0.51 20.78
N SER D 605 2.44 1.36 21.58
CA SER D 605 1.01 1.60 21.40
C SER D 605 0.72 2.47 20.18
N ALA D 606 -0.51 2.43 19.72
CA ALA D 606 -1.04 3.42 18.77
C ALA D 606 -0.96 4.81 19.40
N THR D 607 -1.12 5.84 18.57
CA THR D 607 -1.26 7.21 19.06
C THR D 607 -2.63 7.40 19.68
N ASP D 608 -2.65 7.95 20.88
CA ASP D 608 -3.88 8.13 21.62
C ASP D 608 -4.52 9.49 21.29
N SER D 609 -5.64 9.80 21.95
CA SER D 609 -6.39 11.04 21.70
C SER D 609 -5.69 12.32 22.20
N GLN D 610 -4.67 12.17 23.05
CA GLN D 610 -3.78 13.28 23.44
C GLN D 610 -2.62 13.47 22.46
N GLY D 611 -2.55 12.63 21.44
CA GLY D 611 -1.42 12.66 20.51
C GLY D 611 -0.14 12.10 21.10
N MET D 612 -0.25 11.35 22.19
CA MET D 612 0.90 10.72 22.84
C MET D 612 1.04 9.25 22.47
N VAL D 613 2.26 8.75 22.53
CA VAL D 613 2.54 7.35 22.23
C VAL D 613 3.25 6.71 23.41
N THR D 614 2.81 5.50 23.75
CA THR D 614 3.36 4.79 24.87
C THR D 614 4.26 3.63 24.41
N VAL D 615 5.53 3.68 24.81
CA VAL D 615 6.48 2.60 24.50
C VAL D 615 6.65 1.75 25.74
N PHE D 616 6.50 0.44 25.54
CA PHE D 616 6.57 -0.51 26.65
C PHE D 616 7.94 -1.19 26.70
N PHE D 617 8.74 -0.79 27.69
CA PHE D 617 10.07 -1.32 27.88
C PHE D 617 10.07 -2.41 28.95
N GLU D 618 11.01 -3.33 28.80
CA GLU D 618 11.50 -4.10 29.95
C GLU D 618 12.91 -3.56 30.26
N LEU D 619 13.05 -2.97 31.44
CA LEU D 619 14.35 -2.49 31.93
C LEU D 619 14.78 -3.40 33.08
N ASN D 620 15.92 -4.08 32.91
CA ASN D 620 16.42 -5.03 33.91
C ASN D 620 15.30 -5.89 34.50
N GLY D 621 14.57 -6.58 33.63
CA GLY D 621 13.47 -7.45 34.03
C GLY D 621 12.17 -6.79 34.48
N GLN D 622 12.15 -5.46 34.61
CA GLN D 622 10.95 -4.78 35.14
C GLN D 622 10.16 -4.00 34.06
N PRO D 623 8.83 -4.12 34.09
CA PRO D 623 8.02 -3.39 33.11
C PRO D 623 8.12 -1.87 33.29
N ARG D 624 8.30 -1.14 32.19
CA ARG D 624 8.34 0.33 32.23
C ARG D 624 7.53 0.90 31.08
N ARG D 625 6.86 2.02 31.35
CA ARG D 625 5.91 2.62 30.41
C ARG D 625 6.32 4.08 30.18
N ILE D 626 6.76 4.39 28.97
CA ILE D 626 7.23 5.75 28.68
C ILE D 626 6.36 6.38 27.62
N LYS D 627 5.82 7.56 27.95
CA LYS D 627 5.00 8.34 27.01
C LYS D 627 5.86 9.43 26.35
N VAL D 628 5.73 9.55 25.04
CA VAL D 628 6.36 10.61 24.26
C VAL D 628 5.38 11.10 23.18
N PRO D 629 5.52 12.35 22.74
CA PRO D 629 4.62 12.87 21.72
C PRO D 629 4.83 12.19 20.38
N ASP D 630 3.76 12.07 19.61
CA ASP D 630 3.80 11.70 18.19
C ASP D 630 4.04 12.99 17.43
N ARG D 631 5.29 13.19 17.03
CA ARG D 631 5.73 14.41 16.37
C ARG D 631 5.31 14.51 14.90
N ALA D 632 4.75 13.43 14.34
CA ALA D 632 4.35 13.41 12.94
C ALA D 632 3.26 14.44 12.67
ZN ZN E . -46.50 5.16 -3.50
MG MG F . -64.99 -4.27 -10.12
CL CL G . -34.86 22.71 -12.43
C PYR H . -44.21 11.09 -5.28
O PYR H . -43.14 10.93 -5.94
OXT PYR H . -44.80 12.20 -5.32
CA PYR H . -44.75 9.97 -4.49
O3 PYR H . -44.41 8.83 -4.75
CB PYR H . -45.75 10.24 -3.40
N01 BYT I . -23.79 15.47 -9.04
C02 BYT I . -24.85 15.88 -9.91
C03 BYT I . -25.36 14.61 -10.64
C04 BYT I . -24.49 14.10 -11.79
C05 BYT I . -25.09 12.85 -12.45
C06 BYT I . -24.18 12.32 -13.56
N07 BYT I . -23.74 13.41 -14.43
C08 BYT I . -24.52 13.78 -15.58
O09 BYT I . -25.56 13.23 -15.90
C10 BYT I . -23.99 14.92 -16.45
C11 BYT I . -23.60 14.41 -17.84
C12 BYT I . -22.70 13.15 -17.79
C13 BYT I . -21.33 13.40 -17.12
C14 BYT I . -20.47 12.11 -17.17
S15 BYT I . -20.85 10.97 -15.99
C16 BYT I . -19.45 10.06 -16.16
C17 BYT I . -18.30 11.02 -16.66
N18 BYT I . -17.77 11.06 -15.28
C19 BYT I . -18.07 12.33 -14.80
O20 BYT I . -17.72 12.66 -13.69
N21 BYT I . -18.79 13.19 -15.63
C22 BYT I . -19.01 12.49 -16.87
C23 BYT I . -25.95 16.47 -9.01
O24 BYT I . -26.77 17.32 -9.49
O25 BYT I . -26.02 16.06 -7.82
C05 BYT J . -22.03 12.69 -4.63
C06 BYT J . -23.37 11.93 -4.75
N07 BYT J . -23.32 10.78 -3.88
C08 BYT J . -24.24 9.65 -3.97
O09 BYT J . -24.09 8.74 -3.19
C10 BYT J . -25.38 9.56 -5.00
C11 BYT J . -26.59 8.69 -4.56
C12 BYT J . -27.43 9.30 -3.43
C13 BYT J . -28.67 8.42 -3.12
C14 BYT J . -28.35 7.27 -2.14
S15 BYT J . -28.75 5.80 -2.85
C16 BYT J . -29.03 4.82 -1.53
C17 BYT J . -29.35 5.77 -0.31
N18 BYT J . -30.80 5.57 -0.55
C19 BYT J . -31.31 6.89 -0.90
O20 BYT J . -32.47 7.17 -1.13
N21 BYT J . -30.40 7.96 -0.99
C22 BYT J . -29.09 7.37 -0.76
C1 GOL K . -41.94 -6.82 3.54
O1 GOL K . -43.32 -6.59 3.75
C2 GOL K . -41.42 -7.81 4.52
O2 GOL K . -40.11 -8.16 4.01
C3 GOL K . -42.43 -8.93 4.56
O3 GOL K . -41.72 -10.14 4.81
ZN ZN L . -39.82 -21.68 12.43
MG MG M . -58.51 -18.71 23.17
CL CL N . -21.21 -33.81 18.09
C PYR O . -35.39 -26.31 13.67
O PYR O . -34.29 -25.90 14.14
OXT PYR O . -35.74 -27.52 13.72
CA PYR O . -36.31 -25.34 13.04
O3 PYR O . -36.23 -24.16 13.29
CB PYR O . -37.35 -25.84 12.08
N01 BYT P . -14.56 -23.47 12.54
C02 BYT P . -15.10 -24.24 13.65
C03 BYT P . -15.82 -23.24 14.58
C04 BYT P . -14.81 -22.53 15.55
C05 BYT P . -15.10 -21.04 15.71
C06 BYT P . -15.02 -20.52 17.14
N07 BYT P . -13.99 -21.21 17.87
C08 BYT P . -14.23 -21.64 19.22
O09 BYT P . -15.27 -21.40 19.77
C10 BYT P . -13.13 -22.37 19.97
C11 BYT P . -12.64 -21.42 21.08
C12 BYT P . -11.26 -20.81 20.82
C13 BYT P . -11.09 -20.05 19.50
C14 BYT P . -10.70 -18.55 19.75
S15 BYT P . -11.70 -17.50 18.86
C16 BYT P . -10.67 -16.26 18.40
C17 BYT P . -9.22 -16.62 18.93
N18 BYT P . -8.93 -16.57 17.50
C19 BYT P . -8.77 -17.92 17.09
O20 BYT P . -8.50 -18.26 15.96
N21 BYT P . -8.92 -18.93 18.08
C22 BYT P . -9.23 -18.24 19.31
C23 BYT P . -16.05 -25.37 13.17
O24 BYT P . -16.49 -26.26 14.01
O25 BYT P . -16.40 -25.38 11.96
C08 BYT Q . -16.87 -17.62 7.27
C10 BYT Q . -17.92 -18.68 7.60
C11 BYT Q . -19.29 -18.12 8.07
C12 BYT Q . -20.48 -19.05 7.76
C13 BYT Q . -21.86 -18.53 8.23
C14 BYT Q . -22.49 -17.52 7.21
S15 BYT Q . -23.51 -16.43 8.00
C16 BYT Q . -24.42 -15.83 6.75
C17 BYT Q . -24.30 -16.84 5.54
N18 BYT Q . -25.69 -17.15 5.92
C19 BYT Q . -25.64 -18.44 6.54
O20 BYT Q . -26.63 -18.99 7.00
N21 BYT Q . -24.36 -19.07 6.66
C22 BYT Q . -23.41 -18.14 6.09
ZN ZN R . 44.43 -2.79 -15.37
C1 GOL S . 42.88 8.05 -4.56
O1 GOL S . 42.52 6.75 -5.00
C2 GOL S . 42.02 8.51 -3.40
O2 GOL S . 42.07 9.94 -3.30
C3 GOL S . 40.56 8.04 -3.54
O3 GOL S . 40.39 7.57 -4.87
MG MG T . 60.81 8.36 -24.25
CL CL U . 30.77 -18.54 -25.14
C PYR V . 41.73 -8.29 -18.02
O PYR V . 42.45 -9.21 -18.44
OXT PYR V . 40.56 -8.17 -18.44
CA PYR V . 42.25 -7.35 -17.04
O3 PYR V . 41.94 -6.20 -17.11
CB PYR V . 43.21 -7.80 -15.98
N01 BYT W . 20.91 -12.57 -17.75
C02 BYT W . 21.73 -12.78 -18.92
C03 BYT W . 22.11 -11.42 -19.50
C04 BYT W . 21.10 -10.83 -20.50
C05 BYT W . 21.06 -9.33 -20.32
C06 BYT W . 20.67 -8.60 -21.59
N07 BYT W . 19.74 -9.37 -22.36
C08 BYT W . 20.02 -9.54 -23.75
O09 BYT W . 20.98 -9.06 -24.24
C10 BYT W . 19.08 -10.33 -24.62
C11 BYT W . 18.59 -9.46 -25.76
C12 BYT W . 17.24 -8.80 -25.51
C13 BYT W . 16.68 -8.88 -24.07
C14 BYT W . 15.71 -7.73 -23.80
S15 BYT W . 16.31 -6.73 -22.65
C16 BYT W . 15.00 -6.01 -22.00
C17 BYT W . 13.79 -6.81 -22.59
N18 BYT W . 13.67 -7.17 -21.20
C19 BYT W . 13.99 -8.53 -21.12
O20 BYT W . 13.95 -9.11 -20.10
N21 BYT W . 14.37 -9.16 -22.30
C22 BYT W . 14.31 -8.18 -23.33
C23 BYT W . 22.98 -13.53 -18.49
O24 BYT W . 23.36 -13.52 -17.30
O25 BYT W . 23.62 -14.16 -19.34
N07 BYT X . 21.22 -9.16 -11.51
C08 BYT X . 22.18 -8.09 -11.40
O09 BYT X . 22.10 -7.30 -10.49
C10 BYT X . 23.30 -7.95 -12.43
C11 BYT X . 24.47 -7.06 -11.95
C12 BYT X . 25.86 -7.66 -12.18
C13 BYT X . 27.00 -6.63 -11.96
C14 BYT X . 26.99 -5.96 -10.53
S15 BYT X . 27.23 -4.29 -10.69
C16 BYT X . 28.16 -3.83 -9.38
C17 BYT X . 28.54 -5.18 -8.62
N18 BYT X . 29.89 -4.85 -9.10
C19 BYT X . 30.25 -5.86 -10.07
O20 BYT X . 31.34 -5.91 -10.66
N21 BYT X . 29.27 -6.85 -10.35
C22 BYT X . 28.11 -6.48 -9.56
ZN ZN Y . 42.02 19.46 7.03
MG MG Z . 62.79 14.94 12.31
CL CL AA . 25.30 29.73 19.58
C PYR BA . 38.07 23.73 10.09
O PYR BA . 38.37 24.86 10.58
OXT PYR BA . 37.05 23.14 10.47
CA PYR BA . 38.97 23.10 9.08
O3 PYR BA . 39.09 21.89 9.08
CB PYR BA . 39.73 23.93 8.09
N01 BYT CA . 17.18 20.31 13.56
C02 BYT CA . 18.18 20.78 14.49
C03 BYT CA . 19.12 19.62 14.91
C04 BYT CA . 18.62 18.81 16.14
C05 BYT CA . 18.78 17.29 15.92
C06 BYT CA . 19.07 16.51 17.19
N07 BYT CA . 18.30 17.06 18.28
C08 BYT CA . 18.89 17.40 19.54
O09 BYT CA . 20.07 17.21 19.81
C10 BYT CA . 17.91 17.98 20.57
C11 BYT CA . 17.41 16.90 21.55
C12 BYT CA . 17.00 15.55 20.92
C13 BYT CA . 15.60 15.58 20.23
C14 BYT CA . 15.13 14.11 20.07
S15 BYT CA . 16.03 13.31 18.87
C16 BYT CA . 14.97 12.13 18.34
C17 BYT CA . 13.57 12.42 19.05
N18 BYT CA . 13.08 12.58 17.68
C19 BYT CA . 12.83 13.96 17.50
O20 BYT CA . 12.39 14.40 16.43
N21 BYT CA . 13.17 14.82 18.61
C22 BYT CA . 13.63 13.95 19.67
C23 BYT CA . 19.00 21.95 13.91
O24 BYT CA . 18.96 22.20 12.66
O25 BYT CA . 19.71 22.64 14.71
C13 BYT DA . 23.81 16.97 6.53
C14 BYT DA . 23.98 16.22 5.18
S15 BYT DA . 24.94 14.83 5.34
C16 BYT DA . 25.69 14.62 3.86
C17 BYT DA . 25.43 15.98 3.07
N18 BYT DA . 26.88 16.19 3.23
C19 BYT DA . 27.01 17.31 4.12
O20 BYT DA . 28.10 17.74 4.44
N21 BYT DA . 25.80 17.87 4.66
C22 BYT DA . 24.72 17.09 4.09
#